data_3FRV
# 
_entry.id   3FRV 
# 
_audit_conform.dict_name       mmcif_pdbx.dic 
_audit_conform.dict_version    5.378 
_audit_conform.dict_location   http://mmcif.pdb.org/dictionaries/ascii/mmcif_pdbx.dic 
# 
loop_
_database_2.database_id 
_database_2.database_code 
_database_2.pdbx_database_accession 
_database_2.pdbx_DOI 
PDB   3FRV         pdb_00003frv 10.2210/pdb3frv/pdb 
RCSB  RCSB050964   ?            ?                   
WWPDB D_1000050964 ?            ?                   
# 
loop_
_pdbx_database_related.db_name 
_pdbx_database_related.db_id 
_pdbx_database_related.details 
_pdbx_database_related.content_type 
PDB 3FRR . unspecified 
PDB 3FRS . unspecified 
PDB 3FRT . unspecified 
# 
_pdbx_database_status.status_code                     REL 
_pdbx_database_status.entry_id                        3FRV 
_pdbx_database_status.recvd_initial_deposition_date   2009-01-08 
_pdbx_database_status.deposit_site                    RCSB 
_pdbx_database_status.process_site                    RCSB 
_pdbx_database_status.status_code_sf                  REL 
_pdbx_database_status.status_code_mr                  ? 
_pdbx_database_status.SG_entry                        ? 
_pdbx_database_status.pdb_format_compatible           Y 
_pdbx_database_status.status_code_cs                  ? 
_pdbx_database_status.methods_development_category    ? 
_pdbx_database_status.status_code_nmr_data            ? 
# 
loop_
_audit_author.name 
_audit_author.pdbx_ordinal 
'Hill, C.P.'      1 
'Schubert, H.L.'  2 
'McCullough, J.'  3 
'Sundquist, W.I.' 4 
# 
_citation.id                        primary 
_citation.title                     'Structural basis for ESCRT-III protein autoinhibition.' 
_citation.journal_abbrev            Nat.Struct.Mol.Biol. 
_citation.journal_volume            16 
_citation.page_first                754 
_citation.page_last                 762 
_citation.year                      2009 
_citation.journal_id_ASTM           ? 
_citation.country                   US 
_citation.journal_id_ISSN           1545-9993 
_citation.journal_id_CSD            ? 
_citation.book_publisher            ? 
_citation.pdbx_database_id_PubMed   19525971 
_citation.pdbx_database_id_DOI      10.1038/nsmb.1621 
# 
loop_
_citation_author.citation_id 
_citation_author.name 
_citation_author.ordinal 
_citation_author.identifier_ORCID 
primary 'Bajorek, M.'        1  ? 
primary 'Schubert, H.L.'     2  ? 
primary 'McCullough, J.'     3  ? 
primary 'Langelier, C.'      4  ? 
primary 'Eckert, D.M.'       5  ? 
primary 'Stubblefield, W.M.' 6  ? 
primary 'Uter, N.T.'         7  ? 
primary 'Myszka, D.G.'       8  ? 
primary 'Hill, C.P.'         9  ? 
primary 'Sundquist, W.I.'    10 ? 
# 
_cell.entry_id           3FRV 
_cell.length_a           111.484 
_cell.length_b           111.484 
_cell.length_c           30.567 
_cell.angle_alpha        90.00 
_cell.angle_beta         90.00 
_cell.angle_gamma        120.00 
_cell.Z_PDB              6 
_cell.pdbx_unique_axis   ? 
_cell.length_a_esd       ? 
_cell.length_b_esd       ? 
_cell.length_c_esd       ? 
_cell.angle_alpha_esd    ? 
_cell.angle_beta_esd     ? 
_cell.angle_gamma_esd    ? 
# 
_symmetry.entry_id                         3FRV 
_symmetry.space_group_name_H-M             'P 61' 
_symmetry.pdbx_full_space_group_name_H-M   ? 
_symmetry.cell_setting                     ? 
_symmetry.Int_Tables_number                169 
_symmetry.space_group_name_Hall            ? 
# 
_entity.id                         1 
_entity.type                       polymer 
_entity.src_method                 man 
_entity.pdbx_description           'Charged multivesicular body protein 3' 
_entity.formula_weight             17408.699 
_entity.pdbx_number_of_molecules   1 
_entity.pdbx_ec                    ? 
_entity.pdbx_mutation              ? 
_entity.pdbx_fragment              'UNP residues 1 - 150' 
_entity.details                    ? 
# 
_entity_name_com.entity_id   1 
_entity_name_com.name        
'Chromatin-modifying protein 3, Vacuolar protein-sorting-associated protein 24, hVps24, Neuroendocrine differentiation factor' 
# 
_entity_poly.entity_id                      1 
_entity_poly.type                           'polypeptide(L)' 
_entity_poly.nstd_linkage                   no 
_entity_poly.nstd_monomer                   no 
_entity_poly.pdbx_seq_one_letter_code       
;GHMGLFGKTQEKPPKELVNEWSLKIRKEMRVVDRQIRDIQREEEKVKRSVKDAAKKGQKDVCIVLAKEMIRSRKAVSKLY
ASKAHMNSVLMGMKNQLAVLRVAGSLQKSTEVMKAMQSLVKIPEIQATMRELSKEMMKAGIIEEMLEDTFES
;
_entity_poly.pdbx_seq_one_letter_code_can   
;GHMGLFGKTQEKPPKELVNEWSLKIRKEMRVVDRQIRDIQREEEKVKRSVKDAAKKGQKDVCIVLAKEMIRSRKAVSKLY
ASKAHMNSVLMGMKNQLAVLRVAGSLQKSTEVMKAMQSLVKIPEIQATMRELSKEMMKAGIIEEMLEDTFES
;
_entity_poly.pdbx_strand_id                 A 
_entity_poly.pdbx_target_identifier         ? 
# 
loop_
_entity_poly_seq.entity_id 
_entity_poly_seq.num 
_entity_poly_seq.mon_id 
_entity_poly_seq.hetero 
1 1   GLY n 
1 2   HIS n 
1 3   MET n 
1 4   GLY n 
1 5   LEU n 
1 6   PHE n 
1 7   GLY n 
1 8   LYS n 
1 9   THR n 
1 10  GLN n 
1 11  GLU n 
1 12  LYS n 
1 13  PRO n 
1 14  PRO n 
1 15  LYS n 
1 16  GLU n 
1 17  LEU n 
1 18  VAL n 
1 19  ASN n 
1 20  GLU n 
1 21  TRP n 
1 22  SER n 
1 23  LEU n 
1 24  LYS n 
1 25  ILE n 
1 26  ARG n 
1 27  LYS n 
1 28  GLU n 
1 29  MET n 
1 30  ARG n 
1 31  VAL n 
1 32  VAL n 
1 33  ASP n 
1 34  ARG n 
1 35  GLN n 
1 36  ILE n 
1 37  ARG n 
1 38  ASP n 
1 39  ILE n 
1 40  GLN n 
1 41  ARG n 
1 42  GLU n 
1 43  GLU n 
1 44  GLU n 
1 45  LYS n 
1 46  VAL n 
1 47  LYS n 
1 48  ARG n 
1 49  SER n 
1 50  VAL n 
1 51  LYS n 
1 52  ASP n 
1 53  ALA n 
1 54  ALA n 
1 55  LYS n 
1 56  LYS n 
1 57  GLY n 
1 58  GLN n 
1 59  LYS n 
1 60  ASP n 
1 61  VAL n 
1 62  CYS n 
1 63  ILE n 
1 64  VAL n 
1 65  LEU n 
1 66  ALA n 
1 67  LYS n 
1 68  GLU n 
1 69  MET n 
1 70  ILE n 
1 71  ARG n 
1 72  SER n 
1 73  ARG n 
1 74  LYS n 
1 75  ALA n 
1 76  VAL n 
1 77  SER n 
1 78  LYS n 
1 79  LEU n 
1 80  TYR n 
1 81  ALA n 
1 82  SER n 
1 83  LYS n 
1 84  ALA n 
1 85  HIS n 
1 86  MET n 
1 87  ASN n 
1 88  SER n 
1 89  VAL n 
1 90  LEU n 
1 91  MET n 
1 92  GLY n 
1 93  MET n 
1 94  LYS n 
1 95  ASN n 
1 96  GLN n 
1 97  LEU n 
1 98  ALA n 
1 99  VAL n 
1 100 LEU n 
1 101 ARG n 
1 102 VAL n 
1 103 ALA n 
1 104 GLY n 
1 105 SER n 
1 106 LEU n 
1 107 GLN n 
1 108 LYS n 
1 109 SER n 
1 110 THR n 
1 111 GLU n 
1 112 VAL n 
1 113 MET n 
1 114 LYS n 
1 115 ALA n 
1 116 MET n 
1 117 GLN n 
1 118 SER n 
1 119 LEU n 
1 120 VAL n 
1 121 LYS n 
1 122 ILE n 
1 123 PRO n 
1 124 GLU n 
1 125 ILE n 
1 126 GLN n 
1 127 ALA n 
1 128 THR n 
1 129 MET n 
1 130 ARG n 
1 131 GLU n 
1 132 LEU n 
1 133 SER n 
1 134 LYS n 
1 135 GLU n 
1 136 MET n 
1 137 MET n 
1 138 LYS n 
1 139 ALA n 
1 140 GLY n 
1 141 ILE n 
1 142 ILE n 
1 143 GLU n 
1 144 GLU n 
1 145 MET n 
1 146 LEU n 
1 147 GLU n 
1 148 ASP n 
1 149 THR n 
1 150 PHE n 
1 151 GLU n 
1 152 SER n 
# 
_entity_src_gen.entity_id                          1 
_entity_src_gen.pdbx_src_id                        1 
_entity_src_gen.pdbx_alt_source_flag               sample 
_entity_src_gen.pdbx_seq_type                      ? 
_entity_src_gen.pdbx_beg_seq_num                   ? 
_entity_src_gen.pdbx_end_seq_num                   ? 
_entity_src_gen.gene_src_common_name               Human 
_entity_src_gen.gene_src_genus                     ? 
_entity_src_gen.pdbx_gene_src_gene                 'CGI-149, CHMP3, NEDF, VPS24' 
_entity_src_gen.gene_src_species                   ? 
_entity_src_gen.gene_src_strain                    ? 
_entity_src_gen.gene_src_tissue                    ? 
_entity_src_gen.gene_src_tissue_fraction           ? 
_entity_src_gen.gene_src_details                   ? 
_entity_src_gen.pdbx_gene_src_fragment             ? 
_entity_src_gen.pdbx_gene_src_scientific_name      'Homo sapiens' 
_entity_src_gen.pdbx_gene_src_ncbi_taxonomy_id     9606 
_entity_src_gen.pdbx_gene_src_variant              ? 
_entity_src_gen.pdbx_gene_src_cell_line            ? 
_entity_src_gen.pdbx_gene_src_atcc                 ? 
_entity_src_gen.pdbx_gene_src_organ                ? 
_entity_src_gen.pdbx_gene_src_organelle            ? 
_entity_src_gen.pdbx_gene_src_cell                 ? 
_entity_src_gen.pdbx_gene_src_cellular_location    ? 
_entity_src_gen.host_org_common_name               ? 
_entity_src_gen.pdbx_host_org_scientific_name      'Escherichia coli' 
_entity_src_gen.pdbx_host_org_ncbi_taxonomy_id     562 
_entity_src_gen.host_org_genus                     ? 
_entity_src_gen.pdbx_host_org_gene                 ? 
_entity_src_gen.pdbx_host_org_organ                ? 
_entity_src_gen.host_org_species                   ? 
_entity_src_gen.pdbx_host_org_tissue               ? 
_entity_src_gen.pdbx_host_org_tissue_fraction      ? 
_entity_src_gen.pdbx_host_org_strain               'BL21(DE3)codon+RIL' 
_entity_src_gen.pdbx_host_org_variant              ? 
_entity_src_gen.pdbx_host_org_cell_line            ? 
_entity_src_gen.pdbx_host_org_atcc                 ? 
_entity_src_gen.pdbx_host_org_culture_collection   ? 
_entity_src_gen.pdbx_host_org_cell                 ? 
_entity_src_gen.pdbx_host_org_organelle            ? 
_entity_src_gen.pdbx_host_org_cellular_location    ? 
_entity_src_gen.pdbx_host_org_vector_type          plasmid 
_entity_src_gen.pdbx_host_org_vector               ? 
_entity_src_gen.host_org_details                   ? 
_entity_src_gen.expression_system_id               ? 
_entity_src_gen.plasmid_name                       pGST 
_entity_src_gen.plasmid_details                    ? 
_entity_src_gen.pdbx_description                   ? 
# 
_struct_ref.id                         1 
_struct_ref.db_name                    UNP 
_struct_ref.db_code                    CHMP3_HUMAN 
_struct_ref.pdbx_db_accession          Q9Y3E7 
_struct_ref.entity_id                  1 
_struct_ref.pdbx_seq_one_letter_code   
;MGLFGKTQEKPPKELVNEWSLKIRKEMRVVDRQIRDIQREEEKVKRSVKDAAKKGQKDVCIVLAKEMIRSRKAVSKLYAS
KAHMNSVLMGMKNQLAVLRVAGSLQKSTEVMKAMQSLVKIPEIQATMRELSKEMMKAGIIEEMLEDTFES
;
_struct_ref.pdbx_align_begin           1 
_struct_ref.pdbx_db_isoform            ? 
# 
_struct_ref_seq.align_id                      1 
_struct_ref_seq.ref_id                        1 
_struct_ref_seq.pdbx_PDB_id_code              3FRV 
_struct_ref_seq.pdbx_strand_id                A 
_struct_ref_seq.seq_align_beg                 3 
_struct_ref_seq.pdbx_seq_align_beg_ins_code   ? 
_struct_ref_seq.seq_align_end                 152 
_struct_ref_seq.pdbx_seq_align_end_ins_code   ? 
_struct_ref_seq.pdbx_db_accession             Q9Y3E7 
_struct_ref_seq.db_align_beg                  1 
_struct_ref_seq.pdbx_db_align_beg_ins_code    ? 
_struct_ref_seq.db_align_end                  150 
_struct_ref_seq.pdbx_db_align_end_ins_code    ? 
_struct_ref_seq.pdbx_auth_seq_align_beg       1 
_struct_ref_seq.pdbx_auth_seq_align_end       150 
# 
loop_
_struct_ref_seq_dif.align_id 
_struct_ref_seq_dif.pdbx_pdb_id_code 
_struct_ref_seq_dif.mon_id 
_struct_ref_seq_dif.pdbx_pdb_strand_id 
_struct_ref_seq_dif.seq_num 
_struct_ref_seq_dif.pdbx_pdb_ins_code 
_struct_ref_seq_dif.pdbx_seq_db_name 
_struct_ref_seq_dif.pdbx_seq_db_accession_code 
_struct_ref_seq_dif.db_mon_id 
_struct_ref_seq_dif.pdbx_seq_db_seq_num 
_struct_ref_seq_dif.details 
_struct_ref_seq_dif.pdbx_auth_seq_num 
_struct_ref_seq_dif.pdbx_ordinal 
1 3FRV GLY A 1 ? UNP Q9Y3E7 ? ? 'expression tag' -1 1 
1 3FRV HIS A 2 ? UNP Q9Y3E7 ? ? 'expression tag' 0  2 
# 
loop_
_chem_comp.id 
_chem_comp.type 
_chem_comp.mon_nstd_flag 
_chem_comp.name 
_chem_comp.pdbx_synonyms 
_chem_comp.formula 
_chem_comp.formula_weight 
ALA 'L-peptide linking' y ALANINE         ? 'C3 H7 N O2'     89.093  
ARG 'L-peptide linking' y ARGININE        ? 'C6 H15 N4 O2 1' 175.209 
ASN 'L-peptide linking' y ASPARAGINE      ? 'C4 H8 N2 O3'    132.118 
ASP 'L-peptide linking' y 'ASPARTIC ACID' ? 'C4 H7 N O4'     133.103 
CYS 'L-peptide linking' y CYSTEINE        ? 'C3 H7 N O2 S'   121.158 
GLN 'L-peptide linking' y GLUTAMINE       ? 'C5 H10 N2 O3'   146.144 
GLU 'L-peptide linking' y 'GLUTAMIC ACID' ? 'C5 H9 N O4'     147.129 
GLY 'peptide linking'   y GLYCINE         ? 'C2 H5 N O2'     75.067  
HIS 'L-peptide linking' y HISTIDINE       ? 'C6 H10 N3 O2 1' 156.162 
ILE 'L-peptide linking' y ISOLEUCINE      ? 'C6 H13 N O2'    131.173 
LEU 'L-peptide linking' y LEUCINE         ? 'C6 H13 N O2'    131.173 
LYS 'L-peptide linking' y LYSINE          ? 'C6 H15 N2 O2 1' 147.195 
MET 'L-peptide linking' y METHIONINE      ? 'C5 H11 N O2 S'  149.211 
PHE 'L-peptide linking' y PHENYLALANINE   ? 'C9 H11 N O2'    165.189 
PRO 'L-peptide linking' y PROLINE         ? 'C5 H9 N O2'     115.130 
SER 'L-peptide linking' y SERINE          ? 'C3 H7 N O3'     105.093 
THR 'L-peptide linking' y THREONINE       ? 'C4 H9 N O3'     119.119 
TRP 'L-peptide linking' y TRYPTOPHAN      ? 'C11 H12 N2 O2'  204.225 
TYR 'L-peptide linking' y TYROSINE        ? 'C9 H11 N O3'    181.189 
VAL 'L-peptide linking' y VALINE          ? 'C5 H11 N O2'    117.146 
# 
_exptl.entry_id          3FRV 
_exptl.method            'X-RAY DIFFRACTION' 
_exptl.crystals_number   1 
# 
_exptl_crystal.id                    1 
_exptl_crystal.density_meas          ? 
_exptl_crystal.density_Matthews      3.15 
_exptl_crystal.density_percent_sol   60.95 
_exptl_crystal.description           ? 
_exptl_crystal.F_000                 ? 
_exptl_crystal.preparation           ? 
# 
_exptl_crystal_grow.crystal_id      1 
_exptl_crystal_grow.method          'VAPOR DIFFUSION, SITTING DROP' 
_exptl_crystal_grow.temp            286 
_exptl_crystal_grow.temp_details    ? 
_exptl_crystal_grow.pH              7.5 
_exptl_crystal_grow.pdbx_details    
'16% PEG 3350, 100 mM HEPES, 200mM Proline, pH 7.5, VAPOR DIFFUSION, SITTING DROP, temperature 286K' 
_exptl_crystal_grow.pdbx_pH_range   ? 
# 
_diffrn.id                     1 
_diffrn.ambient_temp           100 
_diffrn.ambient_temp_details   ? 
_diffrn.crystal_id             1 
# 
_diffrn_detector.diffrn_id              1 
_diffrn_detector.detector               'IMAGE PLATE' 
_diffrn_detector.type                   'RIGAKU RAXIS IV' 
_diffrn_detector.pdbx_collection_date   2008-11-25 
_diffrn_detector.details                'Verimax HR' 
# 
_diffrn_radiation.diffrn_id                        1 
_diffrn_radiation.wavelength_id                    1 
_diffrn_radiation.pdbx_monochromatic_or_laue_m_l   M 
_diffrn_radiation.monochromator                    'verimax HR' 
_diffrn_radiation.pdbx_diffrn_protocol             'SINGLE WAVELENGTH' 
_diffrn_radiation.pdbx_scattering_type             x-ray 
# 
_diffrn_radiation_wavelength.id           1 
_diffrn_radiation_wavelength.wavelength   1.54 
_diffrn_radiation_wavelength.wt           1.0 
# 
_diffrn_source.diffrn_id                   1 
_diffrn_source.source                      'ROTATING ANODE' 
_diffrn_source.type                        'RIGAKU MICROMAX-007 HF' 
_diffrn_source.pdbx_synchrotron_site       ? 
_diffrn_source.pdbx_synchrotron_beamline   ? 
_diffrn_source.pdbx_wavelength             ? 
_diffrn_source.pdbx_wavelength_list        1.54 
# 
_reflns.entry_id                     3FRV 
_reflns.observed_criterion_sigma_I   0 
_reflns.observed_criterion_sigma_F   0 
_reflns.d_resolution_low             25 
_reflns.d_resolution_high            3.7 
_reflns.number_obs                   2451 
_reflns.number_all                   2586 
_reflns.percent_possible_obs         99.2 
_reflns.pdbx_Rmerge_I_obs            0.63 
_reflns.pdbx_Rsym_value              ? 
_reflns.pdbx_netI_over_sigmaI        18.3 
_reflns.B_iso_Wilson_estimate        101 
_reflns.pdbx_redundancy              3.2 
_reflns.R_free_details               ? 
_reflns.limit_h_max                  ? 
_reflns.limit_h_min                  ? 
_reflns.limit_k_max                  ? 
_reflns.limit_k_min                  ? 
_reflns.limit_l_max                  ? 
_reflns.limit_l_min                  ? 
_reflns.observed_criterion_F_max     ? 
_reflns.observed_criterion_F_min     ? 
_reflns.pdbx_chi_squared             ? 
_reflns.pdbx_scaling_rejects         ? 
_reflns.pdbx_diffrn_id               1 
_reflns.pdbx_ordinal                 1 
# 
_reflns_shell.d_res_high             3.7 
_reflns_shell.d_res_low              3.83 
_reflns_shell.percent_possible_all   99.2 
_reflns_shell.Rmerge_I_obs           0.553 
_reflns_shell.pdbx_Rsym_value        ? 
_reflns_shell.meanI_over_sigI_obs    2.2 
_reflns_shell.pdbx_redundancy        3.1 
_reflns_shell.percent_possible_obs   ? 
_reflns_shell.number_unique_all      ? 
_reflns_shell.number_measured_all    ? 
_reflns_shell.number_measured_obs    ? 
_reflns_shell.number_unique_obs      ? 
_reflns_shell.pdbx_chi_squared       ? 
_reflns_shell.pdbx_diffrn_id         ? 
_reflns_shell.pdbx_ordinal           1 
# 
_refine.entry_id                                 3FRV 
_refine.ls_number_reflns_obs                     2448 
_refine.ls_number_reflns_all                     2448 
_refine.pdbx_ls_sigma_I                          ? 
_refine.pdbx_ls_sigma_F                          0 
_refine.pdbx_data_cutoff_high_absF               ? 
_refine.pdbx_data_cutoff_low_absF                ? 
_refine.pdbx_data_cutoff_high_rms_absF           ? 
_refine.ls_d_res_low                             25 
_refine.ls_d_res_high                            3.7 
_refine.ls_percent_reflns_obs                    ? 
_refine.ls_R_factor_obs                          0.410 
_refine.ls_R_factor_all                          ? 
_refine.ls_R_factor_R_work                       0.435 
_refine.ls_R_factor_R_free                       0.375 
_refine.ls_R_factor_R_free_error                 ? 
_refine.ls_R_factor_R_free_error_details         ? 
_refine.ls_percent_reflns_R_free                 ? 
_refine.ls_number_reflns_R_free                  109 
_refine.ls_number_parameters                     ? 
_refine.ls_number_restraints                     ? 
_refine.occupancy_min                            ? 
_refine.occupancy_max                            ? 
_refine.correlation_coeff_Fo_to_Fc               ? 
_refine.correlation_coeff_Fo_to_Fc_free          ? 
_refine.B_iso_mean                               ? 
_refine.aniso_B[1][1]                            ? 
_refine.aniso_B[2][2]                            ? 
_refine.aniso_B[3][3]                            ? 
_refine.aniso_B[1][2]                            ? 
_refine.aniso_B[1][3]                            ? 
_refine.aniso_B[2][3]                            ? 
_refine.solvent_model_details                    ? 
_refine.solvent_model_param_ksol                 ? 
_refine.solvent_model_param_bsol                 ? 
_refine.pdbx_solvent_vdw_probe_radii             ? 
_refine.pdbx_solvent_ion_probe_radii             ? 
_refine.pdbx_solvent_shrinkage_radii             ? 
_refine.pdbx_ls_cross_valid_method               ? 
_refine.details                                  'rigid body only - against anisotropically adjusted Fs by PHASER.' 
_refine.pdbx_starting_model                      'PDB ENTRY 2GD5' 
_refine.pdbx_method_to_determine_struct          'MOLECULAR REPLACEMENT' 
_refine.pdbx_isotropic_thermal_model             ? 
_refine.pdbx_stereochemistry_target_values       'Engh & Huber' 
_refine.pdbx_stereochem_target_val_spec_case     ? 
_refine.pdbx_R_Free_selection_details            5% 
_refine.pdbx_overall_ESU_R                       ? 
_refine.pdbx_overall_ESU_R_Free                  ? 
_refine.overall_SU_ML                            ? 
_refine.overall_SU_B                             ? 
_refine.ls_redundancy_reflns_obs                 ? 
_refine.B_iso_min                                ? 
_refine.B_iso_max                                ? 
_refine.overall_SU_R_Cruickshank_DPI             ? 
_refine.overall_SU_R_free                        ? 
_refine.ls_wR_factor_R_free                      ? 
_refine.ls_wR_factor_R_work                      ? 
_refine.overall_FOM_free_R_set                   ? 
_refine.overall_FOM_work_R_set                   ? 
_refine.pdbx_overall_phase_error                 ? 
_refine.pdbx_refine_id                           'X-RAY DIFFRACTION' 
_refine.pdbx_diffrn_id                           1 
_refine.pdbx_TLS_residual_ADP_flag               ? 
_refine.pdbx_overall_SU_R_free_Cruickshank_DPI   ? 
_refine.pdbx_overall_SU_R_Blow_DPI               ? 
_refine.pdbx_overall_SU_R_free_Blow_DPI          ? 
# 
_refine_hist.pdbx_refine_id                   'X-RAY DIFFRACTION' 
_refine_hist.cycle_id                         LAST 
_refine_hist.pdbx_number_atoms_protein        1053 
_refine_hist.pdbx_number_atoms_nucleic_acid   0 
_refine_hist.pdbx_number_atoms_ligand         0 
_refine_hist.number_atoms_solvent             0 
_refine_hist.number_atoms_total               1053 
_refine_hist.d_res_high                       3.7 
_refine_hist.d_res_low                        25 
# 
_struct.entry_id                  3FRV 
_struct.title                     'Structure of Human CHMP3 (residues 1-150)' 
_struct.pdbx_model_details        ? 
_struct.pdbx_CASP_flag            ? 
_struct.pdbx_model_type_details   ? 
# 
_struct_keywords.entry_id        3FRV 
_struct_keywords.pdbx_keywords   'PROTEIN TRANSPORT' 
_struct_keywords.text            
;ESCRT, ESCRT-III, CHMP, IST1, Coiled coil, Cytoplasm, Lipoprotein, Membrane, Myristate, Phosphoprotein, Protein transport, Transport
;
# 
_struct_asym.id                            A 
_struct_asym.pdbx_blank_PDB_chainid_flag   N 
_struct_asym.pdbx_modified                 N 
_struct_asym.entity_id                     1 
_struct_asym.details                       ? 
# 
_struct_biol.id        1 
_struct_biol.details   ? 
# 
loop_
_struct_conf.conf_type_id 
_struct_conf.id 
_struct_conf.pdbx_PDB_helix_id 
_struct_conf.beg_label_comp_id 
_struct_conf.beg_label_asym_id 
_struct_conf.beg_label_seq_id 
_struct_conf.pdbx_beg_PDB_ins_code 
_struct_conf.end_label_comp_id 
_struct_conf.end_label_asym_id 
_struct_conf.end_label_seq_id 
_struct_conf.pdbx_end_PDB_ins_code 
_struct_conf.beg_auth_comp_id 
_struct_conf.beg_auth_asym_id 
_struct_conf.beg_auth_seq_id 
_struct_conf.end_auth_comp_id 
_struct_conf.end_auth_asym_id 
_struct_conf.end_auth_seq_id 
_struct_conf.pdbx_PDB_helix_class 
_struct_conf.details 
_struct_conf.pdbx_PDB_helix_length 
HELX_P HELX_P1 1 GLU A 16  ? LYS A 56  ? GLU A 14  LYS A 54  1 ? 41 
HELX_P HELX_P2 2 GLN A 58  ? ALA A 103 ? GLN A 56  ALA A 101 1 ? 46 
HELX_P HELX_P3 3 THR A 110 ? LEU A 119 ? THR A 108 LEU A 117 1 ? 10 
HELX_P HELX_P4 4 ALA A 127 ? GLY A 140 ? ALA A 125 GLY A 138 1 ? 14 
# 
_struct_conf_type.id          HELX_P 
_struct_conf_type.criteria    ? 
_struct_conf_type.reference   ? 
# 
_atom_sites.entry_id                    3FRV 
_atom_sites.fract_transf_matrix[1][1]   -0.00625096 
_atom_sites.fract_transf_matrix[1][2]   -0.00825436 
_atom_sites.fract_transf_matrix[1][3]   -0.00027198 
_atom_sites.fract_transf_matrix[2][1]   -0.00354183 
_atom_sites.fract_transf_matrix[2][2]   -0.00410744 
_atom_sites.fract_transf_matrix[2][3]   0.00882454 
_atom_sites.fract_transf_matrix[3][1]   -0.02604139 
_atom_sites.fract_transf_matrix[3][2]   0.01976223 
_atom_sites.fract_transf_matrix[3][3]   -0.00125355 
_atom_sites.fract_transf_vector[1]      0.336861 
_atom_sites.fract_transf_vector[2]      -0.057337 
_atom_sites.fract_transf_vector[3]      -0.016609 
# 
loop_
_atom_type.symbol 
C 
N 
O 
S 
# 
loop_
_atom_site.group_PDB 
_atom_site.id 
_atom_site.type_symbol 
_atom_site.label_atom_id 
_atom_site.label_alt_id 
_atom_site.label_comp_id 
_atom_site.label_asym_id 
_atom_site.label_entity_id 
_atom_site.label_seq_id 
_atom_site.pdbx_PDB_ins_code 
_atom_site.Cartn_x 
_atom_site.Cartn_y 
_atom_site.Cartn_z 
_atom_site.occupancy 
_atom_site.B_iso_or_equiv 
_atom_site.pdbx_formal_charge 
_atom_site.auth_seq_id 
_atom_site.auth_comp_id 
_atom_site.auth_asym_id 
_atom_site.auth_atom_id 
_atom_site.pdbx_PDB_model_num 
ATOM 1    N N   . GLN A 1 10  ? 8.095   -8.584  33.454  1.00 73.99 ? 8   GLN A N   1 
ATOM 2    C CA  . GLN A 1 10  ? 8.128   -8.716  31.994  1.00 72.06 ? 8   GLN A CA  1 
ATOM 3    C C   . GLN A 1 10  ? 9.062   -7.671  31.406  1.00 71.09 ? 8   GLN A C   1 
ATOM 4    O O   . GLN A 1 10  ? 9.738   -6.971  32.137  1.00 71.39 ? 8   GLN A O   1 
ATOM 5    C CB  . GLN A 1 10  ? 6.727   -8.581  31.424  1.00 71.51 ? 8   GLN A CB  1 
ATOM 6    N N   . GLU A 1 11  ? 9.133   -7.557  30.096  1.00 69.97 ? 9   GLU A N   1 
ATOM 7    C CA  . GLU A 1 11  ? 9.901   -6.463  29.537  1.00 69.47 ? 9   GLU A CA  1 
ATOM 8    C C   . GLU A 1 11  ? 9.459   -6.137  28.125  1.00 68.03 ? 9   GLU A C   1 
ATOM 9    O O   . GLU A 1 11  ? 10.228  -6.238  27.163  1.00 67.50 ? 9   GLU A O   1 
ATOM 10   C CB  . GLU A 1 11  ? 11.371  -6.791  29.566  1.00 70.38 ? 9   GLU A CB  1 
ATOM 11   C CG  . GLU A 1 11  ? 12.203  -5.707  28.964  1.00 74.90 ? 9   GLU A CG  1 
ATOM 12   C CD  . GLU A 1 11  ? 13.621  -6.166  28.760  1.00 80.88 ? 9   GLU A CD  1 
ATOM 13   O OE1 . GLU A 1 11  ? 14.116  -6.089  27.600  1.00 83.78 ? 9   GLU A OE1 1 
ATOM 14   O OE2 . GLU A 1 11  ? 14.231  -6.633  29.757  1.00 82.38 ? 9   GLU A OE2 1 
ATOM 15   N N   . LYS A 1 12  ? 8.196   -5.735  28.033  1.00 66.41 ? 10  LYS A N   1 
ATOM 16   C CA  . LYS A 1 12  ? 7.515   -5.528  26.771  1.00 64.47 ? 10  LYS A CA  1 
ATOM 17   C C   . LYS A 1 12  ? 7.925   -4.169  26.263  1.00 62.91 ? 10  LYS A C   1 
ATOM 18   O O   . LYS A 1 12  ? 8.506   -3.395  27.019  1.00 62.72 ? 10  LYS A O   1 
ATOM 19   C CB  . LYS A 1 12  ? 6.001   -5.561  27.009  1.00 64.93 ? 10  LYS A CB  1 
ATOM 20   C CG  . LYS A 1 12  ? 5.525   -6.550  28.104  1.00 64.76 ? 10  LYS A CG  1 
ATOM 21   C CD  . LYS A 1 12  ? 5.062   -7.890  27.514  1.00 65.55 ? 10  LYS A CD  1 
ATOM 22   C CE  . LYS A 1 12  ? 6.221   -8.847  27.161  1.00 66.40 ? 10  LYS A CE  1 
ATOM 23   N NZ  . LYS A 1 12  ? 7.008   -8.497  25.939  1.00 66.86 ? 10  LYS A NZ  1 
ATOM 24   N N   . PRO A 1 13  ? 7.708   -3.893  24.961  1.00 61.56 ? 11  PRO A N   1 
ATOM 25   C CA  . PRO A 1 13  ? 7.727   -2.485  24.593  1.00 60.13 ? 11  PRO A CA  1 
ATOM 26   C C   . PRO A 1 13  ? 6.459   -1.774  25.084  1.00 58.28 ? 11  PRO A C   1 
ATOM 27   O O   . PRO A 1 13  ? 5.367   -2.342  25.040  1.00 57.14 ? 11  PRO A O   1 
ATOM 28   C CB  . PRO A 1 13  ? 7.835   -2.506  23.051  1.00 59.59 ? 11  PRO A CB  1 
ATOM 29   C CG  . PRO A 1 13  ? 8.238   -3.884  22.692  1.00 60.68 ? 11  PRO A CG  1 
ATOM 30   C CD  . PRO A 1 13  ? 7.584   -4.744  23.763  1.00 62.12 ? 11  PRO A CD  1 
ATOM 31   N N   . PRO A 1 14  ? 6.613   -0.528  25.551  1.00 57.34 ? 12  PRO A N   1 
ATOM 32   C CA  . PRO A 1 14  ? 5.458   0.257   25.935  1.00 57.40 ? 12  PRO A CA  1 
ATOM 33   C C   . PRO A 1 14  ? 4.670   0.455   24.684  1.00 56.86 ? 12  PRO A C   1 
ATOM 34   O O   . PRO A 1 14  ? 5.170   0.170   23.623  1.00 57.20 ? 12  PRO A O   1 
ATOM 35   C CB  . PRO A 1 14  ? 6.064   1.596   26.375  1.00 57.58 ? 12  PRO A CB  1 
ATOM 36   C CG  . PRO A 1 14  ? 7.494   1.284   26.668  1.00 58.26 ? 12  PRO A CG  1 
ATOM 37   C CD  . PRO A 1 14  ? 7.865   0.226   25.704  1.00 57.23 ? 12  PRO A CD  1 
ATOM 38   N N   . LYS A 1 15  ? 3.458   0.969   24.795  1.00 56.91 ? 13  LYS A N   1 
ATOM 39   C CA  . LYS A 1 15  ? 2.612   1.266   23.631  1.00 55.96 ? 13  LYS A CA  1 
ATOM 40   C C   . LYS A 1 15  ? 3.251   2.291   22.709  1.00 55.13 ? 13  LYS A C   1 
ATOM 41   O O   . LYS A 1 15  ? 2.699   3.317   22.419  1.00 54.28 ? 13  LYS A O   1 
ATOM 42   C CB  . LYS A 1 15  ? 1.325   1.783   24.193  1.00 56.67 ? 13  LYS A CB  1 
ATOM 43   C CG  . LYS A 1 15  ? 1.144   1.303   25.609  1.00 56.50 ? 13  LYS A CG  1 
ATOM 44   C CD  . LYS A 1 15  ? 0.542   -0.080  25.591  1.00 61.00 ? 13  LYS A CD  1 
ATOM 45   C CE  . LYS A 1 15  ? 1.559   -1.182  25.347  1.00 63.09 ? 13  LYS A CE  1 
ATOM 46   N NZ  . LYS A 1 15  ? 0.833   -2.397  24.880  1.00 64.76 ? 13  LYS A NZ  1 
ATOM 47   N N   . GLU A 1 16  ? 4.486   1.984   22.335  1.00 55.17 ? 14  GLU A N   1 
ATOM 48   C CA  . GLU A 1 16  ? 5.271   2.669   21.335  1.00 54.26 ? 14  GLU A CA  1 
ATOM 49   C C   . GLU A 1 16  ? 5.374   1.620   20.234  1.00 54.09 ? 14  GLU A C   1 
ATOM 50   O O   . GLU A 1 16  ? 6.027   1.808   19.200  1.00 54.97 ? 14  GLU A O   1 
ATOM 51   C CB  . GLU A 1 16  ? 6.665   2.919   21.860  1.00 53.61 ? 14  GLU A CB  1 
ATOM 52   C CG  . GLU A 1 16  ? 7.533   1.699   21.687  1.00 52.81 ? 14  GLU A CG  1 
ATOM 53   C CD  . GLU A 1 16  ? 8.931   2.048   21.271  1.00 53.13 ? 14  GLU A CD  1 
ATOM 54   O OE1 . GLU A 1 16  ? 9.661   2.644   22.080  1.00 53.97 ? 14  GLU A OE1 1 
ATOM 55   O OE2 . GLU A 1 16  ? 9.319   1.725   20.130  1.00 54.13 ? 14  GLU A OE2 1 
ATOM 56   N N   . LEU A 1 17  ? 4.747   0.480   20.476  1.00 52.83 ? 15  LEU A N   1 
ATOM 57   C CA  . LEU A 1 17  ? 4.505   -0.437  19.394  1.00 51.45 ? 15  LEU A CA  1 
ATOM 58   C C   . LEU A 1 17  ? 3.888   0.379   18.273  1.00 50.77 ? 15  LEU A C   1 
ATOM 59   O O   . LEU A 1 17  ? 4.072   0.041   17.109  1.00 51.16 ? 15  LEU A O   1 
ATOM 60   C CB  . LEU A 1 17  ? 3.569   -1.565  19.827  1.00 51.09 ? 15  LEU A CB  1 
ATOM 61   C CG  . LEU A 1 17  ? 4.261   -2.677  20.620  1.00 49.93 ? 15  LEU A CG  1 
ATOM 62   C CD1 . LEU A 1 17  ? 4.831   -2.085  21.823  1.00 50.69 ? 15  LEU A CD1 1 
ATOM 63   C CD2 . LEU A 1 17  ? 3.308   -3.782  21.041  1.00 51.36 ? 15  LEU A CD2 1 
ATOM 64   N N   . VAL A 1 18  ? 3.188   1.466   18.622  1.00 49.63 ? 16  VAL A N   1 
ATOM 65   C CA  . VAL A 1 18  ? 2.536   2.297   17.611  1.00 48.47 ? 16  VAL A CA  1 
ATOM 66   C C   . VAL A 1 18  ? 3.557   3.061   16.812  1.00 47.59 ? 16  VAL A C   1 
ATOM 67   O O   . VAL A 1 18  ? 3.494   3.120   15.588  1.00 47.29 ? 16  VAL A O   1 
ATOM 68   C CB  . VAL A 1 18  ? 1.489   3.302   18.176  1.00 49.17 ? 16  VAL A CB  1 
ATOM 69   C CG1 . VAL A 1 18  ? 0.990   4.189   17.056  1.00 48.59 ? 16  VAL A CG1 1 
ATOM 70   C CG2 . VAL A 1 18  ? 0.283   2.586   18.821  1.00 48.52 ? 16  VAL A CG2 1 
ATOM 71   N N   . ASN A 1 19  ? 4.520   3.656   17.474  1.00 47.43 ? 17  ASN A N   1 
ATOM 72   C CA  . ASN A 1 19  ? 5.507   4.352   16.688  1.00 48.29 ? 17  ASN A CA  1 
ATOM 73   C C   . ASN A 1 19  ? 6.210   3.401   15.748  1.00 48.42 ? 17  ASN A C   1 
ATOM 74   O O   . ASN A 1 19  ? 6.390   3.697   14.567  1.00 48.43 ? 17  ASN A O   1 
ATOM 75   C CB  . ASN A 1 19  ? 6.431   5.176   17.567  1.00 48.74 ? 17  ASN A CB  1 
ATOM 76   C CG  . ASN A 1 19  ? 5.694   6.412   18.157  1.00 51.25 ? 17  ASN A CG  1 
ATOM 77   O OD1 . ASN A 1 19  ? 4.785   6.992   17.503  1.00 51.37 ? 17  ASN A OD1 1 
ATOM 78   N ND2 . ASN A 1 19  ? 6.064   6.804   19.387  1.00 50.97 ? 17  ASN A ND2 1 
ATOM 79   N N   . GLU A 1 20  ? 6.497   2.208   16.241  1.00 48.60 ? 18  GLU A N   1 
ATOM 80   C CA  . GLU A 1 20  ? 7.167   1.207   15.436  1.00 49.33 ? 18  GLU A CA  1 
ATOM 81   C C   . GLU A 1 20  ? 6.338   0.868   14.193  1.00 48.27 ? 18  GLU A C   1 
ATOM 82   O O   . GLU A 1 20  ? 6.823   1.007   13.061  1.00 48.63 ? 18  GLU A O   1 
ATOM 83   C CB  . GLU A 1 20  ? 7.468   -0.010  16.313  1.00 50.00 ? 18  GLU A CB  1 
ATOM 84   C CG  . GLU A 1 20  ? 7.889   -1.300  15.625  1.00 52.40 ? 18  GLU A CG  1 
ATOM 85   C CD  . GLU A 1 20  ? 8.763   -2.193  16.521  1.00 53.58 ? 18  GLU A CD  1 
ATOM 86   O OE1 . GLU A 1 20  ? 8.954   -3.375  16.139  1.00 59.96 ? 18  GLU A OE1 1 
ATOM 87   O OE2 . GLU A 1 20  ? 9.273   -1.730  17.585  1.00 54.47 ? 18  GLU A OE2 1 
ATOM 88   N N   . TRP A 1 21  ? 5.080   0.466   14.390  1.00 47.16 ? 19  TRP A N   1 
ATOM 89   C CA  . TRP A 1 21  ? 4.212   0.148   13.256  1.00 45.70 ? 19  TRP A CA  1 
ATOM 90   C C   . TRP A 1 21  ? 4.034   1.332   12.333  1.00 45.05 ? 19  TRP A C   1 
ATOM 91   O O   . TRP A 1 21  ? 3.869   1.142   11.147  1.00 45.16 ? 19  TRP A O   1 
ATOM 92   C CB  . TRP A 1 21  ? 2.843   -0.315  13.690  1.00 45.60 ? 19  TRP A CB  1 
ATOM 93   C CG  . TRP A 1 21  ? 2.835   -1.382  14.689  1.00 46.23 ? 19  TRP A CG  1 
ATOM 94   C CD1 . TRP A 1 21  ? 3.637   -2.480  14.743  1.00 47.09 ? 19  TRP A CD1 1 
ATOM 95   C CD2 . TRP A 1 21  ? 1.930   -1.500  15.770  1.00 47.27 ? 19  TRP A CD2 1 
ATOM 96   N NE1 . TRP A 1 21  ? 3.301   -3.269  15.805  1.00 45.08 ? 19  TRP A NE1 1 
ATOM 97   C CE2 . TRP A 1 21  ? 2.252   -2.687  16.457  1.00 46.46 ? 19  TRP A CE2 1 
ATOM 98   C CE3 . TRP A 1 21  ? 0.877   -0.708  16.241  1.00 46.77 ? 19  TRP A CE3 1 
ATOM 99   C CZ2 . TRP A 1 21  ? 1.562   -3.102  17.576  1.00 46.28 ? 19  TRP A CZ2 1 
ATOM 100  C CZ3 . TRP A 1 21  ? 0.202   -1.116  17.351  1.00 46.70 ? 19  TRP A CZ3 1 
ATOM 101  C CH2 . TRP A 1 21  ? 0.548   -2.305  18.011  1.00 47.58 ? 19  TRP A CH2 1 
ATOM 102  N N   . SER A 1 22  ? 4.051   2.550   12.868  1.00 44.12 ? 20  SER A N   1 
ATOM 103  C CA  . SER A 1 22  ? 3.927   3.715   12.019  1.00 43.86 ? 20  SER A CA  1 
ATOM 104  C C   . SER A 1 22  ? 5.092   3.769   11.075  1.00 42.62 ? 20  SER A C   1 
ATOM 105  O O   . SER A 1 22  ? 4.921   3.973   9.894   1.00 42.11 ? 20  SER A O   1 
ATOM 106  C CB  . SER A 1 22  ? 3.906   4.976   12.854  1.00 44.54 ? 20  SER A CB  1 
ATOM 107  O OG  . SER A 1 22  ? 2.764   4.970   13.679  1.00 48.64 ? 20  SER A OG  1 
ATOM 108  N N   . LEU A 1 23  ? 6.287   3.590   11.615  1.00 42.19 ? 21  LEU A N   1 
ATOM 109  C CA  . LEU A 1 23  ? 7.488   3.581   10.810  1.00 41.07 ? 21  LEU A CA  1 
ATOM 110  C C   . LEU A 1 23  ? 7.381   2.557   9.691   1.00 41.45 ? 21  LEU A C   1 
ATOM 111  O O   . LEU A 1 23  ? 7.516   2.921   8.525   1.00 41.67 ? 21  LEU A O   1 
ATOM 112  C CB  . LEU A 1 23  ? 8.712   3.343   11.671  1.00 39.66 ? 21  LEU A CB  1 
ATOM 113  C CG  . LEU A 1 23  ? 9.058   4.555   12.516  1.00 38.18 ? 21  LEU A CG  1 
ATOM 114  C CD1 . LEU A 1 23  ? 10.217  4.271   13.452  1.00 37.56 ? 21  LEU A CD1 1 
ATOM 115  C CD2 . LEU A 1 23  ? 9.436   5.661   11.617  1.00 38.34 ? 21  LEU A CD2 1 
ATOM 116  N N   . LYS A 1 24  ? 7.095   1.303   10.017  1.00 41.91 ? 22  LYS A N   1 
ATOM 117  C CA  . LYS A 1 24  ? 6.961   0.287   8.960   1.00 43.64 ? 22  LYS A CA  1 
ATOM 118  C C   . LYS A 1 24  ? 5.914   0.645   7.881   1.00 43.27 ? 22  LYS A C   1 
ATOM 119  O O   . LYS A 1 24  ? 6.218   0.558   6.680   1.00 43.52 ? 22  LYS A O   1 
ATOM 120  C CB  . LYS A 1 24  ? 6.683   -1.113  9.533   1.00 43.82 ? 22  LYS A CB  1 
ATOM 121  C CG  . LYS A 1 24  ? 7.712   -1.618  10.570  1.00 47.05 ? 22  LYS A CG  1 
ATOM 122  C CD  . LYS A 1 24  ? 7.464   -3.093  10.942  1.00 48.24 ? 22  LYS A CD  1 
ATOM 123  C CE  . LYS A 1 24  ? 8.111   -3.460  12.298  1.00 54.76 ? 22  LYS A CE  1 
ATOM 124  N NZ  . LYS A 1 24  ? 7.127   -4.226  13.182  1.00 58.61 ? 22  LYS A NZ  1 
ATOM 125  N N   . ILE A 1 25  ? 4.701   1.045   8.299   1.00 42.66 ? 23  ILE A N   1 
ATOM 126  C CA  . ILE A 1 25  ? 3.614   1.392   7.382   1.00 41.99 ? 23  ILE A CA  1 
ATOM 127  C C   . ILE A 1 25  ? 4.098   2.508   6.495   1.00 43.32 ? 23  ILE A C   1 
ATOM 128  O O   . ILE A 1 25  ? 3.794   2.549   5.292   1.00 42.75 ? 23  ILE A O   1 
ATOM 129  C CB  . ILE A 1 25  ? 2.346   1.878   8.141   1.00 41.25 ? 23  ILE A CB  1 
ATOM 130  C CG1 . ILE A 1 25  ? 1.595   0.726   8.795   1.00 39.90 ? 23  ILE A CG1 1 
ATOM 131  C CG2 . ILE A 1 25  ? 1.374   2.650   7.229   1.00 41.04 ? 23  ILE A CG2 1 
ATOM 132  C CD1 . ILE A 1 25  ? 1.116   -0.356  7.792   1.00 38.38 ? 23  ILE A CD1 1 
ATOM 133  N N   . ARG A 1 26  ? 4.852   3.421   7.096   1.00 44.85 ? 24  ARG A N   1 
ATOM 134  C CA  . ARG A 1 26  ? 5.325   4.581   6.390   1.00 47.17 ? 24  ARG A CA  1 
ATOM 135  C C   . ARG A 1 26  ? 6.324   4.059   5.364   1.00 48.17 ? 24  ARG A C   1 
ATOM 136  O O   . ARG A 1 26  ? 6.179   4.350   4.174   1.00 49.08 ? 24  ARG A O   1 
ATOM 137  C CB  . ARG A 1 26  ? 5.899   5.582   7.394   1.00 48.09 ? 24  ARG A CB  1 
ATOM 138  C CG  . ARG A 1 26  ? 6.136   7.001   6.920   1.00 52.10 ? 24  ARG A CG  1 
ATOM 139  C CD  . ARG A 1 26  ? 4.863   7.745   6.512   1.00 57.97 ? 24  ARG A CD  1 
ATOM 140  N NE  . ARG A 1 26  ? 5.140   9.023   5.821   1.00 61.85 ? 24  ARG A NE  1 
ATOM 141  C CZ  . ARG A 1 26  ? 5.248   9.200   4.501   1.00 62.94 ? 24  ARG A CZ  1 
ATOM 142  N NH1 . ARG A 1 26  ? 5.111   8.198   3.636   1.00 65.17 ? 24  ARG A NH1 1 
ATOM 143  N NH2 . ARG A 1 26  ? 5.504   10.411  4.032   1.00 64.87 ? 24  ARG A NH2 1 
ATOM 144  N N   . LYS A 1 27  ? 7.277   3.229   5.802   1.00 49.05 ? 25  LYS A N   1 
ATOM 145  C CA  . LYS A 1 27  ? 8.241   2.554   4.909   1.00 49.95 ? 25  LYS A CA  1 
ATOM 146  C C   . LYS A 1 27  ? 7.572   1.908   3.710   1.00 49.74 ? 25  LYS A C   1 
ATOM 147  O O   . LYS A 1 27  ? 7.868   2.257   2.578   1.00 50.80 ? 25  LYS A O   1 
ATOM 148  C CB  . LYS A 1 27  ? 9.074   1.537   5.690   1.00 50.65 ? 25  LYS A CB  1 
ATOM 149  C CG  . LYS A 1 27  ? 9.800   0.458   4.859   1.00 53.40 ? 25  LYS A CG  1 
ATOM 150  C CD  . LYS A 1 27  ? 10.122  -0.826  5.697   1.00 53.01 ? 25  LYS A CD  1 
ATOM 151  C CE  . LYS A 1 27  ? 11.355  -0.662  6.642   1.00 57.08 ? 25  LYS A CE  1 
ATOM 152  N NZ  . LYS A 1 27  ? 11.388  -1.667  7.801   1.00 57.68 ? 25  LYS A NZ  1 
ATOM 153  N N   . GLU A 1 28  ? 6.647   0.989   3.935   1.00 50.00 ? 26  GLU A N   1 
ATOM 154  C CA  . GLU A 1 28  ? 5.918   0.371   2.814   1.00 50.18 ? 26  GLU A CA  1 
ATOM 155  C C   . GLU A 1 28  ? 5.248   1.384   1.883   1.00 49.16 ? 26  GLU A C   1 
ATOM 156  O O   . GLU A 1 28  ? 5.010   1.095   0.723   1.00 50.03 ? 26  GLU A O   1 
ATOM 157  C CB  . GLU A 1 28  ? 4.861   -0.622  3.318   1.00 51.21 ? 26  GLU A CB  1 
ATOM 158  C CG  . GLU A 1 28  ? 5.421   -1.866  4.084   1.00 54.76 ? 26  GLU A CG  1 
ATOM 159  C CD  . GLU A 1 28  ? 6.293   -2.816  3.224   1.00 58.32 ? 26  GLU A CD  1 
ATOM 160  O OE1 . GLU A 1 28  ? 6.896   -3.764  3.807   1.00 58.36 ? 26  GLU A OE1 1 
ATOM 161  O OE2 . GLU A 1 28  ? 6.364   -2.620  1.973   1.00 60.20 ? 26  GLU A OE2 1 
ATOM 162  N N   . MET A 1 29  ? 4.929   2.566   2.380   1.00 47.85 ? 27  MET A N   1 
ATOM 163  C CA  . MET A 1 29  ? 4.271   3.533   1.543   1.00 46.97 ? 27  MET A CA  1 
ATOM 164  C C   . MET A 1 29  ? 5.291   4.173   0.610   1.00 46.44 ? 27  MET A C   1 
ATOM 165  O O   . MET A 1 29  ? 4.950   4.525   -0.531  1.00 45.68 ? 27  MET A O   1 
ATOM 166  C CB  . MET A 1 29  ? 3.556   4.604   2.388   1.00 47.81 ? 27  MET A CB  1 
ATOM 167  C CG  . MET A 1 29  ? 2.286   4.091   3.184   1.00 48.67 ? 27  MET A CG  1 
ATOM 168  S SD  . MET A 1 29  ? 1.366   5.469   4.215   0.50 46.89 ? 27  MET A SD  1 
ATOM 169  C CE  . MET A 1 29  ? 1.142   6.714   2.814   1.00 41.93 ? 27  MET A CE  1 
ATOM 170  N N   . ARG A 1 30  ? 6.530   4.356   1.085   1.00 45.54 ? 28  ARG A N   1 
ATOM 171  C CA  . ARG A 1 30  ? 7.598   4.815   0.194   1.00 44.56 ? 28  ARG A CA  1 
ATOM 172  C C   . ARG A 1 30  ? 7.777   3.758   -0.897  1.00 43.28 ? 28  ARG A C   1 
ATOM 173  O O   . ARG A 1 30  ? 7.911   4.092   -2.079  1.00 43.62 ? 28  ARG A O   1 
ATOM 174  C CB  . ARG A 1 30  ? 8.899   4.995   0.932   1.00 45.18 ? 28  ARG A CB  1 
ATOM 175  C CG  . ARG A 1 30  ? 8.849   6.008   2.049   1.00 49.66 ? 28  ARG A CG  1 
ATOM 176  C CD  . ARG A 1 30  ? 10.234  6.146   2.728   1.00 54.79 ? 28  ARG A CD  1 
ATOM 177  N NE  . ARG A 1 30  ? 10.110  6.864   3.993   1.00 60.23 ? 28  ARG A NE  1 
ATOM 178  C CZ  . ARG A 1 30  ? 9.891   6.278   5.167   1.00 63.93 ? 28  ARG A CZ  1 
ATOM 179  N NH1 . ARG A 1 30  ? 9.801   4.955   5.250   1.00 65.41 ? 28  ARG A NH1 1 
ATOM 180  N NH2 . ARG A 1 30  ? 9.779   7.008   6.273   1.00 66.12 ? 28  ARG A NH2 1 
ATOM 181  N N   . VAL A 1 31  ? 7.744   2.478   -0.521  1.00 40.59 ? 29  VAL A N   1 
ATOM 182  C CA  . VAL A 1 31  ? 7.830   1.442   -1.529  1.00 38.23 ? 29  VAL A CA  1 
ATOM 183  C C   . VAL A 1 31  ? 6.779   1.702   -2.585  1.00 38.80 ? 29  VAL A C   1 
ATOM 184  O O   . VAL A 1 31  ? 7.100   1.942   -3.739  1.00 39.17 ? 29  VAL A O   1 
ATOM 185  C CB  . VAL A 1 31  ? 7.709   0.021   -0.950  1.00 37.54 ? 29  VAL A CB  1 
ATOM 186  C CG1 . VAL A 1 31  ? 7.465   -0.968  -2.049  1.00 34.89 ? 29  VAL A CG1 1 
ATOM 187  C CG2 . VAL A 1 31  ? 8.957   -0.359  -0.167  1.00 33.68 ? 29  VAL A CG2 1 
ATOM 188  N N   . VAL A 1 32  ? 5.517   1.696   -2.187  1.00 39.78 ? 30  VAL A N   1 
ATOM 189  C CA  . VAL A 1 32  ? 4.401   1.950   -3.129  1.00 40.20 ? 30  VAL A CA  1 
ATOM 190  C C   . VAL A 1 32  ? 4.672   3.132   -4.038  1.00 40.48 ? 30  VAL A C   1 
ATOM 191  O O   . VAL A 1 32  ? 4.605   2.982   -5.238  1.00 40.24 ? 30  VAL A O   1 
ATOM 192  C CB  . VAL A 1 32  ? 3.027   2.081   -2.399  1.00 40.17 ? 30  VAL A CB  1 
ATOM 193  C CG1 . VAL A 1 32  ? 1.997   2.785   -3.266  1.00 40.26 ? 30  VAL A CG1 1 
ATOM 194  C CG2 . VAL A 1 32  ? 2.506   0.706   -1.991  1.00 39.36 ? 30  VAL A CG2 1 
ATOM 195  N N   . ASP A 1 33  ? 5.009   4.287   -3.460  1.00 42.11 ? 31  ASP A N   1 
ATOM 196  C CA  . ASP A 1 33  ? 5.295   5.483   -4.232  1.00 44.43 ? 31  ASP A CA  1 
ATOM 197  C C   . ASP A 1 33  ? 6.242   5.057   -5.317  1.00 46.12 ? 31  ASP A C   1 
ATOM 198  O O   . ASP A 1 33  ? 5.949   5.232   -6.490  1.00 46.26 ? 31  ASP A O   1 
ATOM 199  C CB  . ASP A 1 33  ? 5.912   6.584   -3.370  1.00 45.24 ? 31  ASP A CB  1 
ATOM 200  C CG  . ASP A 1 33  ? 4.859   7.391   -2.562  1.00 48.57 ? 31  ASP A CG  1 
ATOM 201  O OD1 . ASP A 1 33  ? 3.925   7.959   -3.161  1.00 51.99 ? 31  ASP A OD1 1 
ATOM 202  O OD2 . ASP A 1 33  ? 4.970   7.495   -1.320  1.00 50.90 ? 31  ASP A OD2 1 
ATOM 203  N N   . ARG A 1 34  ? 7.340   4.421   -4.912  1.00 48.32 ? 32  ARG A N   1 
ATOM 204  C CA  . ARG A 1 34  ? 8.367   3.890   -5.815  1.00 49.80 ? 32  ARG A CA  1 
ATOM 205  C C   . ARG A 1 34  ? 7.793   3.086   -6.961  1.00 49.72 ? 32  ARG A C   1 
ATOM 206  O O   . ARG A 1 34  ? 8.078   3.376   -8.122  1.00 49.82 ? 32  ARG A O   1 
ATOM 207  C CB  . ARG A 1 34  ? 9.345   3.003   -5.043  1.00 50.56 ? 32  ARG A CB  1 
ATOM 208  C CG  . ARG A 1 34  ? 10.493  2.464   -5.897  1.00 54.97 ? 32  ARG A CG  1 
ATOM 209  C CD  . ARG A 1 34  ? 10.604  0.906   -5.914  1.00 60.56 ? 32  ARG A CD  1 
ATOM 210  N NE  . ARG A 1 34  ? 10.824  0.276   -4.601  1.00 64.21 ? 32  ARG A NE  1 
ATOM 211  C CZ  . ARG A 1 34  ? 11.746  0.649   -3.701  1.00 67.08 ? 32  ARG A CZ  1 
ATOM 212  N NH1 . ARG A 1 34  ? 12.559  1.685   -3.928  1.00 67.97 ? 32  ARG A NH1 1 
ATOM 213  N NH2 . ARG A 1 34  ? 11.844  -0.013  -2.549  1.00 67.29 ? 32  ARG A NH2 1 
ATOM 214  N N   . GLN A 1 35  ? 6.988   2.076   -6.643  1.00 50.14 ? 33  GLN A N   1 
ATOM 215  C CA  . GLN A 1 35  ? 6.417   1.229   -7.687  1.00 50.97 ? 33  GLN A CA  1 
ATOM 216  C C   . GLN A 1 35  ? 5.510   2.023   -8.608  1.00 51.02 ? 33  GLN A C   1 
ATOM 217  O O   . GLN A 1 35  ? 5.532   1.817   -9.810  1.00 51.52 ? 33  GLN A O   1 
ATOM 218  C CB  . GLN A 1 35  ? 5.675   0.030   -7.113  1.00 51.15 ? 33  GLN A CB  1 
ATOM 219  C CG  . GLN A 1 35  ? 6.528   -0.885  -6.225  1.00 53.02 ? 33  GLN A CG  1 
ATOM 220  C CD  . GLN A 1 35  ? 5.678   -1.872  -5.469  1.00 54.80 ? 33  GLN A CD  1 
ATOM 221  O OE1 . GLN A 1 35  ? 5.479   -1.751  -4.256  1.00 57.13 ? 33  GLN A OE1 1 
ATOM 222  N NE2 . GLN A 1 35  ? 5.117   -2.830  -6.191  1.00 57.51 ? 33  GLN A NE2 1 
ATOM 223  N N   . ILE A 1 36  ? 4.739   2.956   -8.072  1.00 51.07 ? 34  ILE A N   1 
ATOM 224  C CA  . ILE A 1 36  ? 3.914   3.779   -8.946  1.00 51.41 ? 34  ILE A CA  1 
ATOM 225  C C   . ILE A 1 36  ? 4.791   4.560   -9.907  1.00 51.74 ? 34  ILE A C   1 
ATOM 226  O O   . ILE A 1 36  ? 4.637   4.454   -11.104 1.00 51.27 ? 34  ILE A O   1 
ATOM 227  C CB  . ILE A 1 36  ? 2.958   4.684   -8.170  1.00 51.89 ? 34  ILE A CB  1 
ATOM 228  C CG1 . ILE A 1 36  ? 1.889   3.821   -7.484  1.00 52.95 ? 34  ILE A CG1 1 
ATOM 229  C CG2 . ILE A 1 36  ? 2.267   5.653   -9.101  1.00 51.13 ? 34  ILE A CG2 1 
ATOM 230  C CD1 . ILE A 1 36  ? 1.025   4.549   -6.490  1.00 54.60 ? 34  ILE A CD1 1 
ATOM 231  N N   . ARG A 1 37  ? 5.734   5.313   -9.372  1.00 52.90 ? 35  ARG A N   1 
ATOM 232  C CA  . ARG A 1 37  ? 6.688   6.053   -10.176 1.00 54.33 ? 35  ARG A CA  1 
ATOM 233  C C   . ARG A 1 37  ? 7.257   5.177   -11.292 1.00 54.52 ? 35  ARG A C   1 
ATOM 234  O O   . ARG A 1 37  ? 7.220   5.593   -12.455 1.00 55.01 ? 35  ARG A O   1 
ATOM 235  C CB  . ARG A 1 37  ? 7.815   6.571   -9.286  1.00 54.68 ? 35  ARG A CB  1 
ATOM 236  C CG  . ARG A 1 37  ? 8.607   7.762   -9.813  1.00 56.70 ? 35  ARG A CG  1 
ATOM 237  C CD  . ARG A 1 37  ? 9.707   8.223   -8.809  1.00 58.06 ? 35  ARG A CD  1 
ATOM 238  N NE  . ARG A 1 37  ? 9.227   8.221   -7.418  1.00 66.18 ? 35  ARG A NE  1 
ATOM 239  C CZ  . ARG A 1 37  ? 9.968   8.452   -6.328  1.00 68.07 ? 35  ARG A CZ  1 
ATOM 240  N NH1 . ARG A 1 37  ? 11.264  8.754   -6.425  1.00 69.04 ? 35  ARG A NH1 1 
ATOM 241  N NH2 . ARG A 1 37  ? 9.400   8.379   -5.128  1.00 69.09 ? 35  ARG A NH2 1 
ATOM 242  N N   . ASP A 1 38  ? 7.762   3.975   -10.965 1.00 54.21 ? 36  ASP A N   1 
ATOM 243  C CA  . ASP A 1 38  ? 8.360   3.099   -12.004 1.00 53.96 ? 36  ASP A CA  1 
ATOM 244  C C   . ASP A 1 38  ? 7.363   2.743   -13.110 1.00 54.54 ? 36  ASP A C   1 
ATOM 245  O O   . ASP A 1 38  ? 7.654   2.894   -14.275 1.00 54.71 ? 36  ASP A O   1 
ATOM 246  C CB  . ASP A 1 38  ? 8.987   1.828   -11.423 1.00 53.13 ? 36  ASP A CB  1 
ATOM 247  C CG  . ASP A 1 38  ? 10.129  2.115   -10.441 1.00 53.14 ? 36  ASP A CG  1 
ATOM 248  O OD1 . ASP A 1 38  ? 10.606  3.274   -10.320 1.00 53.91 ? 36  ASP A OD1 1 
ATOM 249  O OD2 . ASP A 1 38  ? 10.564  1.162   -9.772  1.00 51.95 ? 36  ASP A OD2 1 
ATOM 250  N N   . ILE A 1 39  ? 6.173   2.290   -12.751 1.00 55.65 ? 37  ILE A N   1 
ATOM 251  C CA  . ILE A 1 39  ? 5.178   1.981   -13.764 1.00 56.96 ? 37  ILE A CA  1 
ATOM 252  C C   . ILE A 1 39  ? 4.860   3.193   -14.640 1.00 58.44 ? 37  ILE A C   1 
ATOM 253  O O   . ILE A 1 39  ? 4.762   3.045   -15.867 1.00 59.26 ? 37  ILE A O   1 
ATOM 254  C CB  . ILE A 1 39  ? 3.883   1.388   -13.161 1.00 56.63 ? 37  ILE A CB  1 
ATOM 255  C CG1 . ILE A 1 39  ? 4.170   0.019   -12.548 1.00 56.73 ? 37  ILE A CG1 1 
ATOM 256  C CG2 . ILE A 1 39  ? 2.833   1.217   -14.216 1.00 55.54 ? 37  ILE A CG2 1 
ATOM 257  C CD1 . ILE A 1 39  ? 2.968   -0.601  -11.850 1.00 57.44 ? 37  ILE A CD1 1 
ATOM 258  N N   . GLN A 1 40  ? 4.698   4.371   -14.020 1.00 59.84 ? 38  GLN A N   1 
ATOM 259  C CA  . GLN A 1 40  ? 4.444   5.632   -14.741 1.00 61.06 ? 38  GLN A CA  1 
ATOM 260  C C   . GLN A 1 40  ? 5.555   5.829   -15.763 1.00 61.45 ? 38  GLN A C   1 
ATOM 261  O O   . GLN A 1 40  ? 5.314   5.991   -16.963 1.00 61.28 ? 38  GLN A O   1 
ATOM 262  C CB  . GLN A 1 40  ? 4.456   6.839   -13.782 1.00 61.99 ? 38  GLN A CB  1 
ATOM 263  C CG  . GLN A 1 40  ? 3.451   6.841   -12.613 1.00 64.42 ? 38  GLN A CG  1 
ATOM 264  C CD  . GLN A 1 40  ? 2.097   7.396   -13.003 1.00 68.57 ? 38  GLN A CD  1 
ATOM 265  O OE1 . GLN A 1 40  ? 1.320   6.747   -13.714 1.00 72.35 ? 38  GLN A OE1 1 
ATOM 266  N NE2 . GLN A 1 40  ? 1.809   8.609   -12.549 1.00 69.33 ? 38  GLN A NE2 1 
ATOM 267  N N   . ARG A 1 41  ? 6.789   5.784   -15.282 1.00 62.02 ? 39  ARG A N   1 
ATOM 268  C CA  . ARG A 1 41  ? 7.939   5.947   -16.146 1.00 62.80 ? 39  ARG A CA  1 
ATOM 269  C C   . ARG A 1 41  ? 7.886   4.982   -17.325 1.00 62.80 ? 39  ARG A C   1 
ATOM 270  O O   . ARG A 1 41  ? 8.260   5.332   -18.442 1.00 63.09 ? 39  ARG A O   1 
ATOM 271  C CB  . ARG A 1 41  ? 9.209   5.724   -15.353 1.00 63.06 ? 39  ARG A CB  1 
ATOM 272  C CG  . ARG A 1 41  ? 10.365  6.567   -15.828 1.00 65.67 ? 39  ARG A CG  1 
ATOM 273  C CD  . ARG A 1 41  ? 11.512  6.471   -14.842 1.00 68.65 ? 39  ARG A CD  1 
ATOM 274  N NE  . ARG A 1 41  ? 11.137  7.032   -13.548 1.00 69.49 ? 39  ARG A NE  1 
ATOM 275  C CZ  . ARG A 1 41  ? 11.901  6.988   -12.465 1.00 70.75 ? 39  ARG A CZ  1 
ATOM 276  N NH1 . ARG A 1 41  ? 13.100  6.409   -12.504 1.00 70.50 ? 39  ARG A NH1 1 
ATOM 277  N NH2 . ARG A 1 41  ? 11.457  7.534   -11.339 1.00 72.61 ? 39  ARG A NH2 1 
ATOM 278  N N   . GLU A 1 42  ? 7.414   3.771   -17.073 1.00 63.05 ? 40  GLU A N   1 
ATOM 279  C CA  . GLU A 1 42  ? 7.319   2.770   -18.122 1.00 63.42 ? 40  GLU A CA  1 
ATOM 280  C C   . GLU A 1 42  ? 6.134   3.066   -19.035 1.00 63.30 ? 40  GLU A C   1 
ATOM 281  O O   . GLU A 1 42  ? 6.183   2.719   -20.216 1.00 63.87 ? 40  GLU A O   1 
ATOM 282  C CB  . GLU A 1 42  ? 7.266   1.342   -17.534 1.00 63.84 ? 40  GLU A CB  1 
ATOM 283  C CG  . GLU A 1 42  ? 8.540   0.828   -16.819 1.00 64.95 ? 40  GLU A CG  1 
ATOM 284  C CD  . GLU A 1 42  ? 8.394   -0.569  -16.197 1.00 67.09 ? 40  GLU A CD  1 
ATOM 285  O OE1 . GLU A 1 42  ? 7.234   -1.080  -16.147 1.00 66.09 ? 40  GLU A OE1 1 
ATOM 286  O OE2 . GLU A 1 42  ? 9.428   -1.150  -15.771 1.00 66.86 ? 40  GLU A OE2 1 
ATOM 287  N N   . GLU A 1 43  ? 5.087   3.722   -18.532 1.00 62.60 ? 41  GLU A N   1 
ATOM 288  C CA  . GLU A 1 43  ? 3.985   4.079   -19.436 1.00 62.42 ? 41  GLU A CA  1 
ATOM 289  C C   . GLU A 1 43  ? 4.429   5.101   -20.467 1.00 61.79 ? 41  GLU A C   1 
ATOM 290  O O   . GLU A 1 43  ? 3.981   5.052   -21.599 1.00 60.96 ? 41  GLU A O   1 
ATOM 291  C CB  . GLU A 1 43  ? 2.753   4.581   -18.700 1.00 62.65 ? 41  GLU A CB  1 
ATOM 292  C CG  . GLU A 1 43  ? 2.020   3.514   -17.895 1.00 63.95 ? 41  GLU A CG  1 
ATOM 293  C CD  . GLU A 1 43  ? 0.799   4.068   -17.173 1.00 63.91 ? 41  GLU A CD  1 
ATOM 294  O OE1 . GLU A 1 43  ? -0.220  4.330   -17.851 1.00 66.26 ? 41  GLU A OE1 1 
ATOM 295  O OE2 . GLU A 1 43  ? 0.863   4.250   -15.941 1.00 62.06 ? 41  GLU A OE2 1 
ATOM 296  N N   . GLU A 1 44  ? 5.331   6.000   -20.065 1.00 61.88 ? 42  GLU A N   1 
ATOM 297  C CA  . GLU A 1 44  ? 5.863   7.053   -20.939 1.00 62.48 ? 42  GLU A CA  1 
ATOM 298  C C   . GLU A 1 44  ? 6.414   6.434   -22.200 1.00 61.73 ? 42  GLU A C   1 
ATOM 299  O O   . GLU A 1 44  ? 6.103   6.884   -23.305 1.00 62.06 ? 42  GLU A O   1 
ATOM 300  C CB  . GLU A 1 44  ? 7.009   7.814   -20.268 1.00 62.71 ? 42  GLU A CB  1 
ATOM 301  C CG  . GLU A 1 44  ? 6.656   8.682   -19.068 1.00 65.11 ? 42  GLU A CG  1 
ATOM 302  C CD  . GLU A 1 44  ? 7.865   8.919   -18.139 1.00 65.63 ? 42  GLU A CD  1 
ATOM 303  O OE1 . GLU A 1 44  ? 7.655   9.318   -16.950 1.00 67.27 ? 42  GLU A OE1 1 
ATOM 304  O OE2 . GLU A 1 44  ? 9.016   8.686   -18.603 1.00 66.36 ? 42  GLU A OE2 1 
ATOM 305  N N   . LYS A 1 45  ? 7.247   5.406   -22.016 1.00 60.78 ? 43  LYS A N   1 
ATOM 306  C CA  . LYS A 1 45  ? 7.867   4.667   -23.113 1.00 59.50 ? 43  LYS A CA  1 
ATOM 307  C C   . LYS A 1 45  ? 6.842   3.921   -23.964 1.00 58.97 ? 43  LYS A C   1 
ATOM 308  O O   . LYS A 1 45  ? 6.728   4.156   -25.164 1.00 59.51 ? 43  LYS A O   1 
ATOM 309  C CB  . LYS A 1 45  ? 8.927   3.713   -22.573 1.00 58.79 ? 43  LYS A CB  1 
ATOM 310  C CG  . LYS A 1 45  ? 10.075  4.434   -21.922 1.00 57.93 ? 43  LYS A CG  1 
ATOM 311  C CD  . LYS A 1 45  ? 10.949  3.482   -21.155 1.00 58.00 ? 43  LYS A CD  1 
ATOM 312  C CE  . LYS A 1 45  ? 11.793  4.217   -20.144 1.00 57.18 ? 43  LYS A CE  1 
ATOM 313  N NZ  . LYS A 1 45  ? 12.338  3.289   -19.145 1.00 55.34 ? 43  LYS A NZ  1 
ATOM 314  N N   . VAL A 1 46  ? 6.084   3.033   -23.344 1.00 58.24 ? 44  VAL A N   1 
ATOM 315  C CA  . VAL A 1 46  ? 5.026   2.342   -24.048 1.00 57.90 ? 44  VAL A CA  1 
ATOM 316  C C   . VAL A 1 46  ? 4.178   3.311   -24.875 1.00 58.80 ? 44  VAL A C   1 
ATOM 317  O O   . VAL A 1 46  ? 3.744   2.965   -25.967 1.00 59.09 ? 44  VAL A O   1 
ATOM 318  C CB  . VAL A 1 46  ? 4.171   1.540   -23.083 1.00 57.39 ? 44  VAL A CB  1 
ATOM 319  C CG1 . VAL A 1 46  ? 2.990   0.919   -23.798 1.00 56.40 ? 44  VAL A CG1 1 
ATOM 320  C CG2 . VAL A 1 46  ? 5.020   0.478   -22.457 1.00 55.63 ? 44  VAL A CG2 1 
ATOM 321  N N   . LYS A 1 47  ? 3.962   4.528   -24.375 1.00 59.92 ? 45  LYS A N   1 
ATOM 322  C CA  . LYS A 1 47  ? 3.246   5.553   -25.143 1.00 60.94 ? 45  LYS A CA  1 
ATOM 323  C C   . LYS A 1 47  ? 3.980   5.829   -26.454 1.00 61.23 ? 45  LYS A C   1 
ATOM 324  O O   . LYS A 1 47  ? 3.425   5.547   -27.517 1.00 61.32 ? 45  LYS A O   1 
ATOM 325  C CB  . LYS A 1 47  ? 3.059   6.834   -24.327 1.00 61.44 ? 45  LYS A CB  1 
ATOM 326  C CG  . LYS A 1 47  ? 2.498   8.045   -25.095 1.00 62.39 ? 45  LYS A CG  1 
ATOM 327  C CD  . LYS A 1 47  ? 2.459   9.317   -24.202 1.00 62.36 ? 45  LYS A CD  1 
ATOM 328  C CE  . LYS A 1 47  ? 1.669   10.461  -24.865 1.00 62.88 ? 45  LYS A CE  1 
ATOM 329  N NZ  . LYS A 1 47  ? 1.775   11.772  -24.152 1.00 62.36 ? 45  LYS A NZ  1 
ATOM 330  N N   . ARG A 1 48  ? 5.223   6.330   -26.384 1.00 61.43 ? 46  ARG A N   1 
ATOM 331  C CA  . ARG A 1 48  ? 6.029   6.602   -27.599 1.00 61.97 ? 46  ARG A CA  1 
ATOM 332  C C   . ARG A 1 48  ? 5.937   5.432   -28.575 1.00 61.84 ? 46  ARG A C   1 
ATOM 333  O O   . ARG A 1 48  ? 5.683   5.619   -29.772 1.00 62.03 ? 46  ARG A O   1 
ATOM 334  C CB  . ARG A 1 48  ? 7.499   6.862   -27.270 1.00 61.76 ? 46  ARG A CB  1 
ATOM 335  C CG  . ARG A 1 48  ? 7.736   7.820   -26.122 1.00 63.56 ? 46  ARG A CG  1 
ATOM 336  C CD  . ARG A 1 48  ? 9.219   7.877   -25.719 1.00 65.72 ? 46  ARG A CD  1 
ATOM 337  N NE  . ARG A 1 48  ? 9.394   8.309   -24.325 1.00 70.45 ? 46  ARG A NE  1 
ATOM 338  C CZ  . ARG A 1 48  ? 9.287   9.572   -23.900 1.00 72.59 ? 46  ARG A CZ  1 
ATOM 339  N NH1 . ARG A 1 48  ? 9.000   10.550  -24.753 1.00 74.06 ? 46  ARG A NH1 1 
ATOM 340  N NH2 . ARG A 1 48  ? 9.462   9.867   -22.615 1.00 73.32 ? 46  ARG A NH2 1 
ATOM 341  N N   . SER A 1 49  ? 6.121   4.225   -28.039 1.00 61.47 ? 47  SER A N   1 
ATOM 342  C CA  . SER A 1 49  ? 6.014   3.001   -28.810 1.00 61.18 ? 47  SER A CA  1 
ATOM 343  C C   . SER A 1 49  ? 4.680   2.905   -29.520 1.00 60.90 ? 47  SER A C   1 
ATOM 344  O O   . SER A 1 49  ? 4.639   2.673   -30.720 1.00 61.52 ? 47  SER A O   1 
ATOM 345  C CB  . SER A 1 49  ? 6.213   1.795   -27.911 1.00 61.34 ? 47  SER A CB  1 
ATOM 346  O OG  . SER A 1 49  ? 7.477   1.857   -27.276 1.00 62.58 ? 47  SER A OG  1 
ATOM 347  N N   . VAL A 1 50  ? 3.589   3.100   -28.799 1.00 60.44 ? 48  VAL A N   1 
ATOM 348  C CA  . VAL A 1 50  ? 2.277   3.041   -29.435 1.00 60.21 ? 48  VAL A CA  1 
ATOM 349  C C   . VAL A 1 50  ? 2.179   4.049   -30.597 1.00 60.67 ? 48  VAL A C   1 
ATOM 350  O O   . VAL A 1 50  ? 1.641   3.729   -31.677 1.00 60.36 ? 48  VAL A O   1 
ATOM 351  C CB  . VAL A 1 50  ? 1.145   3.232   -28.415 1.00 59.51 ? 48  VAL A CB  1 
ATOM 352  C CG1 . VAL A 1 50  ? -0.193  3.203   -29.097 1.00 58.81 ? 48  VAL A CG1 1 
ATOM 353  C CG2 . VAL A 1 50  ? 1.198   2.135   -27.397 1.00 58.81 ? 48  VAL A CG2 1 
ATOM 354  N N   . LYS A 1 51  ? 2.719   5.249   -30.375 1.00 60.83 ? 49  LYS A N   1 
ATOM 355  C CA  . LYS A 1 51  ? 2.703   6.289   -31.389 1.00 61.34 ? 49  LYS A CA  1 
ATOM 356  C C   . LYS A 1 51  ? 3.330   5.753   -32.677 1.00 62.02 ? 49  LYS A C   1 
ATOM 357  O O   . LYS A 1 51  ? 2.622   5.525   -33.669 1.00 62.25 ? 49  LYS A O   1 
ATOM 358  C CB  . LYS A 1 51  ? 3.432   7.543   -30.904 1.00 61.25 ? 49  LYS A CB  1 
ATOM 359  C CG  . LYS A 1 51  ? 2.686   8.356   -29.838 1.00 60.85 ? 49  LYS A CG  1 
ATOM 360  C CD  . LYS A 1 51  ? 3.190   9.803   -29.782 1.00 59.45 ? 49  LYS A CD  1 
ATOM 361  C CE  . LYS A 1 51  ? 2.541   10.600  -28.674 1.00 58.82 ? 49  LYS A CE  1 
ATOM 362  N NZ  . LYS A 1 51  ? 2.416   12.035  -29.053 1.00 57.34 ? 49  LYS A NZ  1 
ATOM 363  N N   . ASP A 1 52  ? 4.639   5.519   -32.655 1.00 62.28 ? 50  ASP A N   1 
ATOM 364  C CA  . ASP A 1 52  ? 5.320   4.951   -33.812 1.00 62.93 ? 50  ASP A CA  1 
ATOM 365  C C   . ASP A 1 52  ? 4.549   3.813   -34.488 1.00 62.11 ? 50  ASP A C   1 
ATOM 366  O O   . ASP A 1 52  ? 4.358   3.810   -35.703 1.00 61.85 ? 50  ASP A O   1 
ATOM 367  C CB  . ASP A 1 52  ? 6.707   4.473   -33.407 1.00 64.04 ? 50  ASP A CB  1 
ATOM 368  C CG  . ASP A 1 52  ? 7.653   5.626   -33.138 1.00 67.45 ? 50  ASP A CG  1 
ATOM 369  O OD1 . ASP A 1 52  ? 8.082   6.278   -34.125 1.00 71.33 ? 50  ASP A OD1 1 
ATOM 370  O OD2 . ASP A 1 52  ? 7.963   5.880   -31.950 1.00 69.84 ? 50  ASP A OD2 1 
ATOM 371  N N   . ALA A 1 53  ? 4.096   2.860   -33.690 1.00 61.50 ? 51  ALA A N   1 
ATOM 372  C CA  . ALA A 1 53  ? 3.432   1.683   -34.214 1.00 60.97 ? 51  ALA A CA  1 
ATOM 373  C C   . ALA A 1 53  ? 2.109   2.014   -34.872 1.00 60.67 ? 51  ALA A C   1 
ATOM 374  O O   . ALA A 1 53  ? 1.679   1.294   -35.767 1.00 61.13 ? 51  ALA A O   1 
ATOM 375  C CB  . ALA A 1 53  ? 3.242   0.659   -33.129 1.00 61.00 ? 51  ALA A CB  1 
ATOM 376  N N   . ALA A 1 54  ? 1.457   3.089   -34.439 1.00 60.36 ? 52  ALA A N   1 
ATOM 377  C CA  . ALA A 1 54  ? 0.291   3.587   -35.171 1.00 60.17 ? 52  ALA A CA  1 
ATOM 378  C C   . ALA A 1 54  ? 0.723   4.217   -36.489 1.00 60.01 ? 52  ALA A C   1 
ATOM 379  O O   . ALA A 1 54  ? 0.254   3.826   -37.560 1.00 59.27 ? 52  ALA A O   1 
ATOM 380  C CB  . ALA A 1 54  ? -0.505  4.578   -34.326 1.00 60.58 ? 52  ALA A CB  1 
ATOM 381  N N   . LYS A 1 55  ? 1.650   5.171   -36.397 1.00 60.54 ? 53  LYS A N   1 
ATOM 382  C CA  . LYS A 1 55  ? 2.158   5.897   -37.560 1.00 61.27 ? 53  LYS A CA  1 
ATOM 383  C C   . LYS A 1 55  ? 2.613   4.990   -38.658 1.00 61.16 ? 53  LYS A C   1 
ATOM 384  O O   . LYS A 1 55  ? 2.461   5.326   -39.811 1.00 61.57 ? 53  LYS A O   1 
ATOM 385  C CB  . LYS A 1 55  ? 3.302   6.839   -37.184 1.00 61.67 ? 53  LYS A CB  1 
ATOM 386  C CG  . LYS A 1 55  ? 2.821   8.205   -36.688 1.00 63.84 ? 53  LYS A CG  1 
ATOM 387  C CD  . LYS A 1 55  ? 3.938   9.252   -36.735 1.00 66.58 ? 53  LYS A CD  1 
ATOM 388  C CE  . LYS A 1 55  ? 3.383   10.673  -36.991 1.00 67.64 ? 53  LYS A CE  1 
ATOM 389  N NZ  . LYS A 1 55  ? 2.645   11.224  -35.807 1.00 69.15 ? 53  LYS A NZ  1 
ATOM 390  N N   . LYS A 1 56  ? 3.169   3.840   -38.304 1.00 61.66 ? 54  LYS A N   1 
ATOM 391  C CA  . LYS A 1 56  ? 3.704   2.918   -39.308 1.00 61.71 ? 54  LYS A CA  1 
ATOM 392  C C   . LYS A 1 56  ? 2.674   1.873   -39.756 1.00 62.37 ? 54  LYS A C   1 
ATOM 393  O O   . LYS A 1 56  ? 2.998   0.940   -40.497 1.00 62.49 ? 54  LYS A O   1 
ATOM 394  C CB  . LYS A 1 56  ? 5.012   2.266   -38.825 1.00 61.56 ? 54  LYS A CB  1 
ATOM 395  C CG  . LYS A 1 56  ? 6.219   3.223   -38.731 1.00 60.49 ? 54  LYS A CG  1 
ATOM 396  C CD  . LYS A 1 56  ? 7.471   2.498   -38.247 1.00 60.54 ? 54  LYS A CD  1 
ATOM 397  C CE  . LYS A 1 56  ? 8.288   3.332   -37.271 1.00 58.35 ? 54  LYS A CE  1 
ATOM 398  N NZ  . LYS A 1 56  ? 9.167   4.277   -37.968 1.00 58.70 ? 54  LYS A NZ  1 
ATOM 399  N N   . GLY A 1 57  ? 1.430   2.036   -39.322 1.00 62.85 ? 55  GLY A N   1 
ATOM 400  C CA  . GLY A 1 57  ? 0.369   1.117   -39.736 1.00 63.73 ? 55  GLY A CA  1 
ATOM 401  C C   . GLY A 1 57  ? 0.382   -0.286  -39.126 1.00 64.23 ? 55  GLY A C   1 
ATOM 402  O O   . GLY A 1 57  ? -0.403  -1.146  -39.553 1.00 64.74 ? 55  GLY A O   1 
ATOM 403  N N   . GLN A 1 58  ? 1.251   -0.535  -38.139 1.00 63.81 ? 56  GLN A N   1 
ATOM 404  C CA  . GLN A 1 58  ? 1.257   -1.820  -37.436 1.00 63.55 ? 56  GLN A CA  1 
ATOM 405  C C   . GLN A 1 58  ? 0.042   -1.929  -36.496 1.00 63.24 ? 56  GLN A C   1 
ATOM 406  O O   . GLN A 1 58  ? 0.179   -1.834  -35.265 1.00 63.89 ? 56  GLN A O   1 
ATOM 407  C CB  . GLN A 1 58  ? 2.559   -1.993  -36.652 1.00 63.29 ? 56  GLN A CB  1 
ATOM 408  C CG  . GLN A 1 58  ? 3.759   -2.306  -37.505 1.00 65.24 ? 56  GLN A CG  1 
ATOM 409  C CD  . GLN A 1 58  ? 5.074   -1.779  -36.915 1.00 68.49 ? 56  GLN A CD  1 
ATOM 410  O OE1 . GLN A 1 58  ? 5.246   -1.727  -35.683 1.00 70.90 ? 56  GLN A OE1 1 
ATOM 411  N NE2 . GLN A 1 58  ? 6.015   -1.399  -37.802 1.00 68.69 ? 56  GLN A NE2 1 
ATOM 412  N N   . LYS A 1 59  ? -1.146  -2.130  -37.061 1.00 62.08 ? 57  LYS A N   1 
ATOM 413  C CA  . LYS A 1 59  ? -2.350  -2.188  -36.235 1.00 61.29 ? 57  LYS A CA  1 
ATOM 414  C C   . LYS A 1 59  ? -2.172  -3.160  -35.082 1.00 60.36 ? 57  LYS A C   1 
ATOM 415  O O   . LYS A 1 59  ? -2.351  -2.791  -33.928 1.00 60.62 ? 57  LYS A O   1 
ATOM 416  C CB  . LYS A 1 59  ? -3.585  -2.556  -37.056 1.00 62.08 ? 57  LYS A CB  1 
ATOM 417  C CG  . LYS A 1 59  ? -3.858  -1.626  -38.268 1.00 63.37 ? 57  LYS A CG  1 
ATOM 418  C CD  . LYS A 1 59  ? -5.374  -1.433  -38.533 1.00 64.49 ? 57  LYS A CD  1 
ATOM 419  C CE  . LYS A 1 59  ? -5.641  -0.598  -39.788 1.00 63.90 ? 57  LYS A CE  1 
ATOM 420  N NZ  . LYS A 1 59  ? -5.210  -1.313  -41.042 1.00 64.96 ? 57  LYS A NZ  1 
ATOM 421  N N   . ASP A 1 60  ? -1.772  -4.387  -35.398 1.00 59.31 ? 58  ASP A N   1 
ATOM 422  C CA  . ASP A 1 60  ? -1.624  -5.458  -34.402 1.00 58.20 ? 58  ASP A CA  1 
ATOM 423  C C   . ASP A 1 60  ? -0.717  -5.108  -33.225 1.00 56.73 ? 58  ASP A C   1 
ATOM 424  O O   . ASP A 1 60  ? -0.894  -5.628  -32.126 1.00 56.36 ? 58  ASP A O   1 
ATOM 425  C CB  . ASP A 1 60  ? -1.135  -6.734  -35.081 1.00 58.76 ? 58  ASP A CB  1 
ATOM 426  C CG  . ASP A 1 60  ? -2.005  -7.133  -36.280 1.00 61.30 ? 58  ASP A CG  1 
ATOM 427  O OD1 . ASP A 1 60  ? -3.204  -7.464  -36.072 1.00 63.03 ? 58  ASP A OD1 1 
ATOM 428  O OD2 . ASP A 1 60  ? -1.490  -7.120  -37.429 1.00 62.01 ? 58  ASP A OD2 1 
ATOM 429  N N   . VAL A 1 61  ? 0.228   -4.206  -33.451 1.00 55.36 ? 59  VAL A N   1 
ATOM 430  C CA  . VAL A 1 61  ? 1.188   -3.851  -32.426 1.00 54.81 ? 59  VAL A CA  1 
ATOM 431  C C   . VAL A 1 61  ? 0.617   -2.810  -31.488 1.00 54.91 ? 59  VAL A C   1 
ATOM 432  O O   . VAL A 1 61  ? 0.766   -2.925  -30.268 1.00 54.81 ? 59  VAL A O   1 
ATOM 433  C CB  . VAL A 1 61  ? 2.520   -3.382  -33.028 1.00 54.40 ? 59  VAL A CB  1 
ATOM 434  C CG1 . VAL A 1 61  ? 3.478   -2.885  -31.954 1.00 53.64 ? 59  VAL A CG1 1 
ATOM 435  C CG2 . VAL A 1 61  ? 3.158   -4.521  -33.766 1.00 54.29 ? 59  VAL A CG2 1 
ATOM 436  N N   . CYS A 1 62  ? -0.030  -1.793  -32.046 1.00 55.17 ? 60  CYS A N   1 
ATOM 437  C CA  . CYS A 1 62  ? -0.753  -0.818  -31.227 1.00 55.50 ? 60  CYS A CA  1 
ATOM 438  C C   . CYS A 1 62  ? -1.686  -1.577  -30.313 1.00 54.68 ? 60  CYS A C   1 
ATOM 439  O O   . CYS A 1 62  ? -1.640  -1.411  -29.091 1.00 54.83 ? 60  CYS A O   1 
ATOM 440  C CB  . CYS A 1 62  ? -1.585  0.122   -32.086 1.00 55.77 ? 60  CYS A CB  1 
ATOM 441  S SG  . CYS A 1 62  ? -0.650  1.433   -32.872 1.00 61.37 ? 60  CYS A SG  1 
ATOM 442  N N   . ILE A 1 63  ? -2.517  -2.430  -30.914 1.00 53.57 ? 61  ILE A N   1 
ATOM 443  C CA  . ILE A 1 63  ? -3.469  -3.229  -30.157 1.00 52.48 ? 61  ILE A CA  1 
ATOM 444  C C   . ILE A 1 63  ? -2.831  -3.791  -28.890 1.00 51.88 ? 61  ILE A C   1 
ATOM 445  O O   . ILE A 1 63  ? -3.334  -3.563  -27.785 1.00 52.39 ? 61  ILE A O   1 
ATOM 446  C CB  . ILE A 1 63  ? -4.069  -4.363  -30.988 1.00 52.11 ? 61  ILE A CB  1 
ATOM 447  C CG1 . ILE A 1 63  ? -5.027  -3.781  -32.033 1.00 52.63 ? 61  ILE A CG1 1 
ATOM 448  C CG2 . ILE A 1 63  ? -4.794  -5.345  -30.073 1.00 52.43 ? 61  ILE A CG2 1 
ATOM 449  C CD1 . ILE A 1 63  ? -5.889  -4.821  -32.818 1.00 52.59 ? 61  ILE A CD1 1 
ATOM 450  N N   . VAL A 1 64  ? -1.712  -4.494  -29.040 1.00 50.49 ? 62  VAL A N   1 
ATOM 451  C CA  . VAL A 1 64  ? -1.131  -5.160  -27.904 1.00 48.58 ? 62  VAL A CA  1 
ATOM 452  C C   . VAL A 1 64  ? -0.484  -4.162  -26.993 1.00 48.14 ? 62  VAL A C   1 
ATOM 453  O O   . VAL A 1 64  ? -0.713  -4.207  -25.773 1.00 49.05 ? 62  VAL A O   1 
ATOM 454  C CB  . VAL A 1 64  ? -0.221  -6.272  -28.318 1.00 48.25 ? 62  VAL A CB  1 
ATOM 455  C CG1 . VAL A 1 64  ? 0.529   -6.846  -27.128 1.00 47.74 ? 62  VAL A CG1 1 
ATOM 456  C CG2 . VAL A 1 64  ? -1.071  -7.340  -28.935 1.00 49.27 ? 62  VAL A CG2 1 
ATOM 457  N N   . LEU A 1 65  ? 0.262   -3.213  -27.536 1.00 46.79 ? 63  LEU A N   1 
ATOM 458  C CA  . LEU A 1 65  ? 0.806   -2.195  -26.644 1.00 46.51 ? 63  LEU A CA  1 
ATOM 459  C C   . LEU A 1 65  ? -0.288  -1.494  -25.812 1.00 46.54 ? 63  LEU A C   1 
ATOM 460  O O   . LEU A 1 65  ? -0.056  -1.113  -24.665 1.00 46.12 ? 63  LEU A O   1 
ATOM 461  C CB  . LEU A 1 65  ? 1.667   -1.207  -27.398 1.00 46.64 ? 63  LEU A CB  1 
ATOM 462  C CG  . LEU A 1 65  ? 3.050   -1.779  -27.744 1.00 45.72 ? 63  LEU A CG  1 
ATOM 463  C CD1 . LEU A 1 65  ? 3.774   -0.808  -28.645 1.00 43.40 ? 63  LEU A CD1 1 
ATOM 464  C CD2 . LEU A 1 65  ? 3.861   -2.083  -26.486 1.00 42.46 ? 63  LEU A CD2 1 
ATOM 465  N N   . ALA A 1 66  ? -1.480  -1.364  -26.394 1.00 46.38 ? 64  ALA A N   1 
ATOM 466  C CA  . ALA A 1 66  ? -2.675  -0.907  -25.688 1.00 45.62 ? 64  ALA A CA  1 
ATOM 467  C C   . ALA A 1 66  ? -3.007  -1.801  -24.503 1.00 45.33 ? 64  ALA A C   1 
ATOM 468  O O   . ALA A 1 66  ? -3.103  -1.321  -23.381 1.00 44.88 ? 64  ALA A O   1 
ATOM 469  C CB  . ALA A 1 66  ? -3.854  -0.855  -26.633 1.00 45.45 ? 64  ALA A CB  1 
ATOM 470  N N   . LYS A 1 67  ? -3.196  -3.095  -24.746 1.00 45.34 ? 65  LYS A N   1 
ATOM 471  C CA  . LYS A 1 67  ? -3.497  -4.027  -23.655 1.00 46.02 ? 65  LYS A CA  1 
ATOM 472  C C   . LYS A 1 67  ? -2.414  -3.920  -22.577 1.00 47.07 ? 65  LYS A C   1 
ATOM 473  O O   . LYS A 1 67  ? -2.645  -4.185  -21.394 1.00 47.03 ? 65  LYS A O   1 
ATOM 474  C CB  . LYS A 1 67  ? -3.618  -5.476  -24.150 1.00 45.41 ? 65  LYS A CB  1 
ATOM 475  C CG  . LYS A 1 67  ? -4.642  -5.712  -25.229 1.00 44.46 ? 65  LYS A CG  1 
ATOM 476  C CD  . LYS A 1 67  ? -5.196  -7.127  -25.130 1.00 46.33 ? 65  LYS A CD  1 
ATOM 477  C CE  . LYS A 1 67  ? -5.875  -7.568  -26.434 1.00 47.53 ? 65  LYS A CE  1 
ATOM 478  N NZ  . LYS A 1 67  ? -6.339  -8.987  -26.362 1.00 47.63 ? 65  LYS A NZ  1 
ATOM 479  N N   . GLU A 1 68  ? -1.223  -3.522  -23.006 1.00 48.35 ? 66  GLU A N   1 
ATOM 480  C CA  . GLU A 1 68  ? -0.126  -3.278  -22.088 1.00 49.32 ? 66  GLU A CA  1 
ATOM 481  C C   . GLU A 1 68  ? -0.455  -2.034  -21.252 1.00 49.22 ? 66  GLU A C   1 
ATOM 482  O O   . GLU A 1 68  ? -0.277  -2.009  -20.038 1.00 48.79 ? 66  GLU A O   1 
ATOM 483  C CB  . GLU A 1 68  ? 1.149   -3.077  -22.898 1.00 49.61 ? 66  GLU A CB  1 
ATOM 484  C CG  . GLU A 1 68  ? 2.381   -2.914  -22.081 1.00 53.07 ? 66  GLU A CG  1 
ATOM 485  C CD  . GLU A 1 68  ? 2.577   -4.064  -21.111 1.00 58.42 ? 66  GLU A CD  1 
ATOM 486  O OE1 . GLU A 1 68  ? 2.689   -5.231  -21.579 1.00 57.66 ? 66  GLU A OE1 1 
ATOM 487  O OE2 . GLU A 1 68  ? 2.605   -3.784  -19.877 1.00 61.12 ? 66  GLU A OE2 1 
ATOM 488  N N   . MET A 1 69  ? -0.974  -1.015  -21.933 1.00 49.70 ? 67  MET A N   1 
ATOM 489  C CA  . MET A 1 69  ? -1.260  0.260   -21.341 1.00 49.90 ? 67  MET A CA  1 
ATOM 490  C C   . MET A 1 69  ? -2.325  0.105   -20.281 1.00 49.65 ? 67  MET A C   1 
ATOM 491  O O   . MET A 1 69  ? -2.143  0.628   -19.193 1.00 49.40 ? 67  MET A O   1 
ATOM 492  C CB  . MET A 1 69  ? -1.709  1.238   -22.420 1.00 50.82 ? 67  MET A CB  1 
ATOM 493  C CG  . MET A 1 69  ? -1.496  2.692   -22.057 1.00 54.15 ? 67  MET A CG  1 
ATOM 494  S SD  . MET A 1 69  ? 0.320   3.209   -22.377 0.50 62.81 ? 67  MET A SD  1 
ATOM 495  C CE  . MET A 1 69  ? 0.165   3.844   -24.193 1.00 56.67 ? 67  MET A CE  1 
ATOM 496  N N   . ILE A 1 70  ? -3.407  -0.629  -20.581 1.00 49.55 ? 68  ILE A N   1 
ATOM 497  C CA  . ILE A 1 70  ? -4.527  -0.811  -19.627 1.00 49.91 ? 68  ILE A CA  1 
ATOM 498  C C   . ILE A 1 70  ? -4.025  -1.472  -18.378 1.00 50.87 ? 68  ILE A C   1 
ATOM 499  O O   . ILE A 1 70  ? -4.365  -1.055  -17.276 1.00 51.25 ? 68  ILE A O   1 
ATOM 500  C CB  . ILE A 1 70  ? -5.746  -1.658  -20.162 1.00 49.42 ? 68  ILE A CB  1 
ATOM 501  C CG1 . ILE A 1 70  ? -5.358  -3.136  -20.363 1.00 49.96 ? 68  ILE A CG1 1 
ATOM 502  C CG2 . ILE A 1 70  ? -6.374  -1.013  -21.401 1.00 48.98 ? 68  ILE A CG2 1 
ATOM 503  C CD1 . ILE A 1 70  ? -6.304  -3.984  -21.260 1.00 49.67 ? 68  ILE A CD1 1 
ATOM 504  N N   . ARG A 1 71  ? -3.194  -2.490  -18.566 1.00 52.00 ? 69  ARG A N   1 
ATOM 505  C CA  . ARG A 1 71  ? -2.651  -3.270  -17.470 1.00 53.32 ? 69  ARG A CA  1 
ATOM 506  C C   . ARG A 1 71  ? -1.776  -2.429  -16.544 1.00 52.99 ? 69  ARG A C   1 
ATOM 507  O O   . ARG A 1 71  ? -1.783  -2.622  -15.342 1.00 52.43 ? 69  ARG A O   1 
ATOM 508  C CB  . ARG A 1 71  ? -1.882  -4.433  -18.053 1.00 54.29 ? 69  ARG A CB  1 
ATOM 509  C CG  . ARG A 1 71  ? -2.697  -5.484  -18.784 1.00 58.83 ? 69  ARG A CG  1 
ATOM 510  C CD  . ARG A 1 71  ? -1.761  -6.622  -19.269 1.00 64.19 ? 69  ARG A CD  1 
ATOM 511  N NE  . ARG A 1 71  ? -2.504  -7.623  -20.044 1.00 67.37 ? 69  ARG A NE  1 
ATOM 512  C CZ  . ARG A 1 71  ? -1.953  -8.653  -20.685 1.00 68.63 ? 69  ARG A CZ  1 
ATOM 513  N NH1 . ARG A 1 71  ? -0.635  -8.844  -20.641 1.00 68.65 ? 69  ARG A NH1 1 
ATOM 514  N NH2 . ARG A 1 71  ? -2.734  -9.491  -21.367 1.00 68.54 ? 69  ARG A NH2 1 
ATOM 515  N N   . SER A 1 72  ? -1.033  -1.485  -17.110 1.00 53.87 ? 70  SER A N   1 
ATOM 516  C CA  . SER A 1 72  ? -0.306  -0.498  -16.307 1.00 54.67 ? 70  SER A CA  1 
ATOM 517  C C   . SER A 1 72  ? -1.283  0.279   -15.456 1.00 54.58 ? 70  SER A C   1 
ATOM 518  O O   . SER A 1 72  ? -1.182  0.292   -14.239 1.00 54.43 ? 70  SER A O   1 
ATOM 519  C CB  . SER A 1 72  ? 0.414   0.518   -17.192 1.00 54.79 ? 70  SER A CB  1 
ATOM 520  O OG  . SER A 1 72  ? 1.329   -0.088  -18.067 1.00 56.39 ? 70  SER A OG  1 
ATOM 521  N N   . ARG A 1 73  ? -2.222  0.943   -16.120 1.00 55.06 ? 71  ARG A N   1 
ATOM 522  C CA  . ARG A 1 73  ? -3.207  1.767   -15.441 1.00 55.70 ? 71  ARG A CA  1 
ATOM 523  C C   . ARG A 1 73  ? -3.858  1.053   -14.236 1.00 55.47 ? 71  ARG A C   1 
ATOM 524  O O   . ARG A 1 73  ? -3.803  1.578   -13.117 1.00 55.82 ? 71  ARG A O   1 
ATOM 525  C CB  . ARG A 1 73  ? -4.222  2.324   -16.435 1.00 55.96 ? 71  ARG A CB  1 
ATOM 526  C CG  . ARG A 1 73  ? -5.264  3.217   -15.765 1.00 57.83 ? 71  ARG A CG  1 
ATOM 527  C CD  . ARG A 1 73  ? -6.234  3.830   -16.778 1.00 62.61 ? 71  ARG A CD  1 
ATOM 528  N NE  . ARG A 1 73  ? -7.226  4.712   -16.141 1.00 66.15 ? 71  ARG A NE  1 
ATOM 529  C CZ  . ARG A 1 73  ? -8.063  5.519   -16.805 1.00 68.41 ? 71  ARG A CZ  1 
ATOM 530  N NH1 . ARG A 1 73  ? -8.055  5.559   -18.145 1.00 68.59 ? 71  ARG A NH1 1 
ATOM 531  N NH2 . ARG A 1 73  ? -8.913  6.294   -16.128 1.00 68.29 ? 71  ARG A NH2 1 
ATOM 532  N N   . LYS A 1 74  ? -4.406  -0.146  -14.440 1.00 54.66 ? 72  LYS A N   1 
ATOM 533  C CA  . LYS A 1 74  ? -4.894  -0.962  -13.321 1.00 54.49 ? 72  LYS A CA  1 
ATOM 534  C C   . LYS A 1 74  ? -3.834  -1.267  -12.238 1.00 54.78 ? 72  LYS A C   1 
ATOM 535  O O   . LYS A 1 74  ? -4.133  -1.317  -11.017 1.00 55.13 ? 72  LYS A O   1 
ATOM 536  C CB  . LYS A 1 74  ? -5.509  -2.262  -13.837 1.00 54.47 ? 72  LYS A CB  1 
ATOM 537  C CG  . LYS A 1 74  ? -6.884  -2.064  -14.510 1.00 55.06 ? 72  LYS A CG  1 
ATOM 538  C CD  . LYS A 1 74  ? -7.519  -3.397  -14.933 1.00 54.64 ? 72  LYS A CD  1 
ATOM 539  C CE  . LYS A 1 74  ? -8.552  -3.195  -16.039 1.00 53.19 ? 72  LYS A CE  1 
ATOM 540  N NZ  . LYS A 1 74  ? -8.894  -4.509  -16.652 1.00 52.54 ? 72  LYS A NZ  1 
ATOM 541  N N   . ALA A 1 75  ? -2.593  -1.470  -12.677 1.00 54.41 ? 73  ALA A N   1 
ATOM 542  C CA  . ALA A 1 75  ? -1.503  -1.713  -11.743 1.00 53.25 ? 73  ALA A CA  1 
ATOM 543  C C   . ALA A 1 75  ? -1.365  -0.539  -10.818 1.00 52.68 ? 73  ALA A C   1 
ATOM 544  O O   . ALA A 1 75  ? -1.144  -0.737  -9.633  1.00 52.68 ? 73  ALA A O   1 
ATOM 545  C CB  . ALA A 1 75  ? -0.221  -1.950  -12.470 1.00 53.35 ? 73  ALA A CB  1 
ATOM 546  N N   . VAL A 1 76  ? -1.521  0.670   -11.358 1.00 52.15 ? 74  VAL A N   1 
ATOM 547  C CA  . VAL A 1 76  ? -1.359  1.894   -10.583 1.00 52.25 ? 74  VAL A CA  1 
ATOM 548  C C   . VAL A 1 76  ? -2.575  2.127   -9.708  1.00 52.93 ? 74  VAL A C   1 
ATOM 549  O O   . VAL A 1 76  ? -2.469  2.574   -8.571  1.00 53.00 ? 74  VAL A O   1 
ATOM 550  C CB  . VAL A 1 76  ? -1.172  3.098   -11.489 1.00 51.70 ? 74  VAL A CB  1 
ATOM 551  C CG1 . VAL A 1 76  ? -1.091  4.370   -10.688 1.00 52.01 ? 74  VAL A CG1 1 
ATOM 552  C CG2 . VAL A 1 76  ? 0.067   2.951   -12.262 1.00 51.94 ? 74  VAL A CG2 1 
ATOM 553  N N   . SER A 1 77  ? -3.737  1.829   -10.260 1.00 53.72 ? 75  SER A N   1 
ATOM 554  C CA  . SER A 1 77  ? -4.966  1.894   -9.516  1.00 54.83 ? 75  SER A CA  1 
ATOM 555  C C   . SER A 1 77  ? -4.765  1.029   -8.294  1.00 55.09 ? 75  SER A C   1 
ATOM 556  O O   . SER A 1 77  ? -4.575  1.548   -7.199  1.00 55.69 ? 75  SER A O   1 
ATOM 557  C CB  . SER A 1 77  ? -6.120  1.355   -10.365 1.00 55.41 ? 75  SER A CB  1 
ATOM 558  O OG  . SER A 1 77  ? -7.359  1.894   -9.938  1.00 57.66 ? 75  SER A OG  1 
ATOM 559  N N   . LYS A 1 78  ? -4.721  -0.290  -8.484  1.00 55.42 ? 76  LYS A N   1 
ATOM 560  C CA  . LYS A 1 78  ? -4.556  -1.207  -7.355  1.00 55.44 ? 76  LYS A CA  1 
ATOM 561  C C   . LYS A 1 78  ? -3.516  -0.707  -6.357  1.00 55.14 ? 76  LYS A C   1 
ATOM 562  O O   . LYS A 1 78  ? -3.678  -0.885  -5.157  1.00 55.76 ? 76  LYS A O   1 
ATOM 563  C CB  . LYS A 1 78  ? -4.219  -2.619  -7.814  1.00 55.48 ? 76  LYS A CB  1 
ATOM 564  C CG  . LYS A 1 78  ? -4.306  -3.636  -6.668  1.00 57.04 ? 76  LYS A CG  1 
ATOM 565  C CD  . LYS A 1 78  ? -4.446  -5.068  -7.176  1.00 58.88 ? 76  LYS A CD  1 
ATOM 566  C CE  . LYS A 1 78  ? -5.799  -5.286  -7.828  1.00 59.05 ? 76  LYS A CE  1 
ATOM 567  N NZ  . LYS A 1 78  ? -5.863  -4.580  -9.129  1.00 59.24 ? 76  LYS A NZ  1 
ATOM 568  N N   . LEU A 1 79  ? -2.475  -0.053  -6.857  1.00 54.95 ? 77  LEU A N   1 
ATOM 569  C CA  . LEU A 1 79  ? -1.451  0.506   -5.993  1.00 54.70 ? 77  LEU A CA  1 
ATOM 570  C C   . LEU A 1 79  ? -2.004  1.651   -5.161  1.00 54.87 ? 77  LEU A C   1 
ATOM 571  O O   . LEU A 1 79  ? -2.011  1.566   -3.929  1.00 55.04 ? 77  LEU A O   1 
ATOM 572  C CB  . LEU A 1 79  ? -0.202  0.926   -6.785  1.00 54.49 ? 77  LEU A CB  1 
ATOM 573  C CG  . LEU A 1 79  ? 0.785   -0.190  -7.153  1.00 54.05 ? 77  LEU A CG  1 
ATOM 574  C CD1 . LEU A 1 79  ? 1.817   0.270   -8.152  1.00 55.28 ? 77  LEU A CD1 1 
ATOM 575  C CD2 . LEU A 1 79  ? 1.491   -0.793  -5.956  1.00 53.95 ? 77  LEU A CD2 1 
ATOM 576  N N   . TYR A 1 80  ? -2.471  2.717   -5.803  1.00 55.01 ? 78  TYR A N   1 
ATOM 577  C CA  . TYR A 1 80  ? -2.991  3.848   -5.036  1.00 55.41 ? 78  TYR A CA  1 
ATOM 578  C C   . TYR A 1 80  ? -4.029  3.374   -4.027  1.00 55.99 ? 78  TYR A C   1 
ATOM 579  O O   . TYR A 1 80  ? -4.210  3.988   -2.964  1.00 56.11 ? 78  TYR A O   1 
ATOM 580  C CB  . TYR A 1 80  ? -3.635  4.879   -5.938  1.00 55.05 ? 78  TYR A CB  1 
ATOM 581  C CG  . TYR A 1 80  ? -2.697  5.904   -6.507  1.00 54.37 ? 78  TYR A CG  1 
ATOM 582  C CD1 . TYR A 1 80  ? -2.596  6.082   -7.881  1.00 52.91 ? 78  TYR A CD1 1 
ATOM 583  C CD2 . TYR A 1 80  ? -1.946  6.721   -5.672  1.00 53.75 ? 78  TYR A CD2 1 
ATOM 584  C CE1 . TYR A 1 80  ? -1.767  7.035   -8.413  1.00 53.18 ? 78  TYR A CE1 1 
ATOM 585  C CE2 . TYR A 1 80  ? -1.101  7.677   -6.195  1.00 54.35 ? 78  TYR A CE2 1 
ATOM 586  C CZ  . TYR A 1 80  ? -1.021  7.822   -7.568  1.00 54.44 ? 78  TYR A CZ  1 
ATOM 587  O OH  . TYR A 1 80  ? -0.198  8.772   -8.098  1.00 55.19 ? 78  TYR A OH  1 
ATOM 588  N N   . ALA A 1 81  ? -4.718  2.290   -4.379  1.00 56.15 ? 79  ALA A N   1 
ATOM 589  C CA  . ALA A 1 81  ? -5.677  1.696   -3.489  1.00 56.66 ? 79  ALA A CA  1 
ATOM 590  C C   . ALA A 1 81  ? -4.909  1.364   -2.208  1.00 57.38 ? 79  ALA A C   1 
ATOM 591  O O   . ALA A 1 81  ? -5.036  2.066   -1.190  1.00 57.41 ? 79  ALA A O   1 
ATOM 592  C CB  . ALA A 1 81  ? -6.274  0.440   -4.112  1.00 56.33 ? 79  ALA A CB  1 
ATOM 593  N N   . SER A 1 82  ? -4.091  0.315   -2.278  1.00 57.74 ? 80  SER A N   1 
ATOM 594  C CA  . SER A 1 82  ? -3.193  -0.045  -1.188  1.00 57.68 ? 80  SER A CA  1 
ATOM 595  C C   . SER A 1 82  ? -2.676  1.155   -0.407  1.00 57.80 ? 80  SER A C   1 
ATOM 596  O O   . SER A 1 82  ? -2.673  1.116   0.810   1.00 58.65 ? 80  SER A O   1 
ATOM 597  C CB  . SER A 1 82  ? -1.997  -0.839  -1.713  1.00 57.65 ? 80  SER A CB  1 
ATOM 598  O OG  . SER A 1 82  ? -2.273  -2.229  -1.750  1.00 57.81 ? 80  SER A OG  1 
ATOM 599  N N   . LYS A 1 83  ? -2.248  2.220   -1.080  1.00 57.57 ? 81  LYS A N   1 
ATOM 600  C CA  . LYS A 1 83  ? -1.688  3.351   -0.347  1.00 57.65 ? 81  LYS A CA  1 
ATOM 601  C C   . LYS A 1 83  ? -2.746  4.006   0.541   1.00 58.22 ? 81  LYS A C   1 
ATOM 602  O O   . LYS A 1 83  ? -2.460  4.356   1.692   1.00 58.67 ? 81  LYS A O   1 
ATOM 603  C CB  . LYS A 1 83  ? -1.051  4.370   -1.285  1.00 57.76 ? 81  LYS A CB  1 
ATOM 604  C CG  . LYS A 1 83  ? -0.324  5.528   -0.577  1.00 57.24 ? 81  LYS A CG  1 
ATOM 605  C CD  . LYS A 1 83  ? 0.129   6.591   -1.590  1.00 58.10 ? 81  LYS A CD  1 
ATOM 606  C CE  . LYS A 1 83  ? 1.123   7.594   -1.001  1.00 58.43 ? 81  LYS A CE  1 
ATOM 607  N NZ  . LYS A 1 83  ? 1.529   8.558   -2.068  1.00 60.46 ? 81  LYS A NZ  1 
ATOM 608  N N   . ALA A 1 84  ? -3.961  4.165   0.008   1.00 58.27 ? 82  ALA A N   1 
ATOM 609  C CA  . ALA A 1 84  ? -5.093  4.645   0.791   1.00 57.88 ? 82  ALA A CA  1 
ATOM 610  C C   . ALA A 1 84  ? -5.234  3.800   2.060   1.00 57.80 ? 82  ALA A C   1 
ATOM 611  O O   . ALA A 1 84  ? -5.161  4.347   3.173   1.00 57.75 ? 82  ALA A O   1 
ATOM 612  C CB  . ALA A 1 84  ? -6.366  4.602   -0.028  1.00 57.76 ? 82  ALA A CB  1 
ATOM 613  N N   . HIS A 1 85  ? -5.397  2.484   1.878   1.00 57.38 ? 83  HIS A N   1 
ATOM 614  C CA  . HIS A 1 85  ? -5.414  1.515   2.982   1.00 57.81 ? 83  HIS A CA  1 
ATOM 615  C C   . HIS A 1 85  ? -4.316  1.757   3.995   1.00 57.83 ? 83  HIS A C   1 
ATOM 616  O O   . HIS A 1 85  ? -4.578  1.905   5.200   1.00 58.05 ? 83  HIS A O   1 
ATOM 617  C CB  . HIS A 1 85  ? -5.306  0.080   2.470   1.00 58.04 ? 83  HIS A CB  1 
ATOM 618  C CG  . HIS A 1 85  ? -6.450  -0.332  1.590   1.00 61.34 ? 83  HIS A CG  1 
ATOM 619  N ND1 . HIS A 1 85  ? -7.768  -0.002  1.868   1.00 61.28 ? 83  HIS A ND1 1 
ATOM 620  C CD2 . HIS A 1 85  ? -6.473  -1.051  0.437   1.00 61.77 ? 83  HIS A CD2 1 
ATOM 621  C CE1 . HIS A 1 85  ? -8.550  -0.504  0.932   1.00 61.24 ? 83  HIS A CE1 1 
ATOM 622  N NE2 . HIS A 1 85  ? -7.793  -1.147  0.056   1.00 63.07 ? 83  HIS A NE2 1 
ATOM 623  N N   . MET A 1 86  ? -3.082  1.815   3.515   1.00 57.53 ? 84  MET A N   1 
ATOM 624  C CA  . MET A 1 86  ? -1.985  2.101   4.393   1.00 57.47 ? 84  MET A CA  1 
ATOM 625  C C   . MET A 1 86  ? -2.269  3.405   5.129   1.00 57.23 ? 84  MET A C   1 
ATOM 626  O O   . MET A 1 86  ? -2.149  3.441   6.357   1.00 57.76 ? 84  MET A O   1 
ATOM 627  C CB  . MET A 1 86  ? -0.673  2.145   3.619   1.00 57.61 ? 84  MET A CB  1 
ATOM 628  C CG  . MET A 1 86  ? -0.234  0.770   3.178   1.00 57.62 ? 84  MET A CG  1 
ATOM 629  S SD  . MET A 1 86  ? 1.438   0.695   2.274   0.50 60.23 ? 84  MET A SD  1 
ATOM 630  C CE  . MET A 1 86  ? 0.966   1.544   0.762   1.00 55.29 ? 84  MET A CE  1 
ATOM 631  N N   . ASN A 1 87  ? -2.693  4.453   4.407   1.00 56.45 ? 85  ASN A N   1 
ATOM 632  C CA  . ASN A 1 87  ? -2.949  5.736   5.056   1.00 55.79 ? 85  ASN A CA  1 
ATOM 633  C C   . ASN A 1 87  ? -4.029  5.588   6.116   1.00 55.19 ? 85  ASN A C   1 
ATOM 634  O O   . ASN A 1 87  ? -3.978  6.226   7.169   1.00 55.98 ? 85  ASN A O   1 
ATOM 635  C CB  . ASN A 1 87  ? -3.330  6.839   4.078   1.00 55.91 ? 85  ASN A CB  1 
ATOM 636  C CG  . ASN A 1 87  ? -2.523  8.151   4.312   1.00 57.01 ? 85  ASN A CG  1 
ATOM 637  O OD1 . ASN A 1 87  ? -1.926  8.362   5.367   1.00 55.26 ? 85  ASN A OD1 1 
ATOM 638  N ND2 . ASN A 1 87  ? -2.496  9.023   3.293   1.00 59.93 ? 85  ASN A ND2 1 
ATOM 639  N N   . SER A 1 88  ? -4.994  4.717   5.865   1.00 53.18 ? 86  SER A N   1 
ATOM 640  C CA  . SER A 1 88  ? -6.017  4.474   6.855   1.00 51.10 ? 86  SER A CA  1 
ATOM 641  C C   . SER A 1 88  ? -5.367  3.889   8.130   1.00 49.63 ? 86  SER A C   1 
ATOM 642  O O   . SER A 1 88  ? -5.696  4.314   9.257   1.00 49.89 ? 86  SER A O   1 
ATOM 643  C CB  . SER A 1 88  ? -7.087  3.562   6.270   1.00 51.36 ? 86  SER A CB  1 
ATOM 644  O OG  . SER A 1 88  ? -8.079  3.264   7.215   1.00 53.14 ? 86  SER A OG  1 
ATOM 645  N N   . VAL A 1 89  ? -4.408  2.968   7.968   1.00 46.65 ? 87  VAL A N   1 
ATOM 646  C CA  . VAL A 1 89  ? -3.745  2.372   9.140   1.00 43.15 ? 87  VAL A CA  1 
ATOM 647  C C   . VAL A 1 89  ? -2.917  3.410   9.826   1.00 41.89 ? 87  VAL A C   1 
ATOM 648  O O   . VAL A 1 89  ? -2.856  3.447   11.062  1.00 42.56 ? 87  VAL A O   1 
ATOM 649  C CB  . VAL A 1 89  ? -2.889  1.155   8.808   1.00 42.50 ? 87  VAL A CB  1 
ATOM 650  C CG1 . VAL A 1 89  ? -2.054  0.776   9.965   1.00 41.78 ? 87  VAL A CG1 1 
ATOM 651  C CG2 . VAL A 1 89  ? -3.774  -0.015  8.507   1.00 43.24 ? 87  VAL A CG2 1 
ATOM 652  N N   . LEU A 1 90  ? -2.297  4.286   9.057   1.00 39.95 ? 88  LEU A N   1 
ATOM 653  C CA  . LEU A 1 90  ? -1.517  5.300   9.711   1.00 38.76 ? 88  LEU A CA  1 
ATOM 654  C C   . LEU A 1 90  ? -2.416  6.190   10.580  1.00 38.94 ? 88  LEU A C   1 
ATOM 655  O O   . LEU A 1 90  ? -2.038  6.495   11.712  1.00 38.28 ? 88  LEU A O   1 
ATOM 656  C CB  . LEU A 1 90  ? -0.710  6.098   8.708   1.00 38.72 ? 88  LEU A CB  1 
ATOM 657  C CG  . LEU A 1 90  ? 0.565   6.844   9.126   1.00 37.51 ? 88  LEU A CG  1 
ATOM 658  C CD1 . LEU A 1 90  ? 1.483   6.060   10.010  1.00 37.51 ? 88  LEU A CD1 1 
ATOM 659  C CD2 . LEU A 1 90  ? 1.318   7.196   7.863   1.00 39.13 ? 88  LEU A CD2 1 
ATOM 660  N N   . MET A 1 91  ? -3.601  6.570   10.089  1.00 38.33 ? 89  MET A N   1 
ATOM 661  C CA  . MET A 1 91  ? -4.433  7.466   10.837  1.00 38.64 ? 89  MET A CA  1 
ATOM 662  C C   . MET A 1 91  ? -4.889  6.708   12.084  1.00 38.24 ? 89  MET A C   1 
ATOM 663  O O   . MET A 1 91  ? -4.849  7.210   13.218  1.00 37.11 ? 89  MET A O   1 
ATOM 664  C CB  . MET A 1 91  ? -5.662  7.873   10.041  1.00 40.79 ? 89  MET A CB  1 
ATOM 665  C CG  . MET A 1 91  ? -5.533  8.942   8.927   1.00 44.87 ? 89  MET A CG  1 
ATOM 666  S SD  . MET A 1 91  ? -4.387  10.361  9.447   0.50 54.37 ? 89  MET A SD  1 
ATOM 667  C CE  . MET A 1 91  ? -2.826  9.927   8.402   1.00 52.63 ? 89  MET A CE  1 
ATOM 668  N N   . GLY A 1 92  ? -5.310  5.476   11.890  1.00 37.73 ? 90  GLY A N   1 
ATOM 669  C CA  . GLY A 1 92  ? -5.659  4.652   13.035  1.00 37.31 ? 90  GLY A CA  1 
ATOM 670  C C   . GLY A 1 92  ? -4.601  4.671   14.118  1.00 37.83 ? 90  GLY A C   1 
ATOM 671  O O   . GLY A 1 92  ? -4.951  4.667   15.294  1.00 38.53 ? 90  GLY A O   1 
ATOM 672  N N   . MET A 1 93  ? -3.315  4.695   13.736  1.00 37.68 ? 91  MET A N   1 
ATOM 673  C CA  . MET A 1 93  ? -2.242  4.739   14.712  1.00 38.60 ? 91  MET A CA  1 
ATOM 674  C C   . MET A 1 93  ? -2.236  6.085   15.424  1.00 39.54 ? 91  MET A C   1 
ATOM 675  O O   . MET A 1 93  ? -1.996  6.170   16.646  1.00 38.32 ? 91  MET A O   1 
ATOM 676  C CB  . MET A 1 93  ? -0.845  4.478   14.070  1.00 39.85 ? 91  MET A CB  1 
ATOM 677  C CG  . MET A 1 93  ? -0.548  3.029   13.500  1.00 40.05 ? 91  MET A CG  1 
ATOM 678  S SD  . MET A 1 93  ? -1.214  1.638   14.653  0.50 49.95 ? 91  MET A SD  1 
ATOM 679  C CE  . MET A 1 93  ? -2.746  1.079   13.744  1.00 33.64 ? 91  MET A CE  1 
ATOM 680  N N   . LYS A 1 94  ? -2.487  7.148   14.657  1.00 41.54 ? 92  LYS A N   1 
ATOM 681  C CA  . LYS A 1 94  ? -2.564  8.483   15.228  1.00 43.66 ? 92  LYS A CA  1 
ATOM 682  C C   . LYS A 1 94  ? -3.717  8.493   16.242  1.00 43.57 ? 92  LYS A C   1 
ATOM 683  O O   . LYS A 1 94  ? -3.616  9.017   17.368  1.00 43.08 ? 92  LYS A O   1 
ATOM 684  C CB  . LYS A 1 94  ? -2.772  9.522   14.129  1.00 44.81 ? 92  LYS A CB  1 
ATOM 685  C CG  . LYS A 1 94  ? -2.877  10.974  14.629  1.00 48.09 ? 92  LYS A CG  1 
ATOM 686  C CD  . LYS A 1 94  ? -2.598  12.003  13.509  1.00 50.61 ? 92  LYS A CD  1 
ATOM 687  C CE  . LYS A 1 94  ? -2.644  13.484  14.007  1.00 50.91 ? 92  LYS A CE  1 
ATOM 688  N NZ  . LYS A 1 94  ? -2.214  14.456  12.916  1.00 54.63 ? 92  LYS A NZ  1 
ATOM 689  N N   . ASN A 1 95  ? -4.805  7.852   15.866  1.00 43.62 ? 93  ASN A N   1 
ATOM 690  C CA  . ASN A 1 95  ? -5.889  7.754   16.780  1.00 44.18 ? 93  ASN A CA  1 
ATOM 691  C C   . ASN A 1 95  ? -5.487  7.027   18.032  1.00 44.60 ? 93  ASN A C   1 
ATOM 692  O O   . ASN A 1 95  ? -5.783  7.507   19.124  1.00 45.45 ? 93  ASN A O   1 
ATOM 693  C CB  . ASN A 1 95  ? -7.045  7.048   16.163  1.00 44.71 ? 93  ASN A CB  1 
ATOM 694  C CG  . ASN A 1 95  ? -8.206  7.060   17.051  1.00 46.73 ? 93  ASN A CG  1 
ATOM 695  O OD1 . ASN A 1 95  ? -8.755  8.119   17.357  1.00 50.16 ? 93  ASN A OD1 1 
ATOM 696  N ND2 . ASN A 1 95  ? -8.596  5.888   17.518  1.00 50.38 ? 93  ASN A ND2 1 
ATOM 697  N N   . GLN A 1 96  ? -4.816  5.881   17.890  1.00 44.42 ? 94  GLN A N   1 
ATOM 698  C CA  . GLN A 1 96  ? -4.361  5.106   19.059  1.00 44.08 ? 94  GLN A CA  1 
ATOM 699  C C   . GLN A 1 96  ? -3.458  5.908   19.967  1.00 45.04 ? 94  GLN A C   1 
ATOM 700  O O   . GLN A 1 96  ? -3.542  5.801   21.190  1.00 45.03 ? 94  GLN A O   1 
ATOM 701  C CB  . GLN A 1 96  ? -3.605  3.868   18.634  1.00 43.62 ? 94  GLN A CB  1 
ATOM 702  C CG  . GLN A 1 96  ? -4.460  2.857   17.938  1.00 42.10 ? 94  GLN A CG  1 
ATOM 703  C CD  . GLN A 1 96  ? -5.511  2.264   18.841  1.00 39.12 ? 94  GLN A CD  1 
ATOM 704  O OE1 . GLN A 1 96  ? -6.533  1.785   18.369  1.00 37.62 ? 94  GLN A OE1 1 
ATOM 705  N NE2 . GLN A 1 96  ? -5.270  2.292   20.143  1.00 38.98 ? 94  GLN A NE2 1 
ATOM 706  N N   . LEU A 1 97  ? -2.567  6.698   19.378  1.00 46.04 ? 95  LEU A N   1 
ATOM 707  C CA  . LEU A 1 97  ? -1.780  7.580   20.188  1.00 47.15 ? 95  LEU A CA  1 
ATOM 708  C C   . LEU A 1 97  ? -2.730  8.493   20.905  1.00 48.59 ? 95  LEU A C   1 
ATOM 709  O O   . LEU A 1 97  ? -2.612  8.676   22.120  1.00 49.26 ? 95  LEU A O   1 
ATOM 710  C CB  . LEU A 1 97  ? -0.851  8.417   19.343  1.00 47.17 ? 95  LEU A CB  1 
ATOM 711  C CG  . LEU A 1 97  ? 0.327   7.630   18.826  1.00 46.89 ? 95  LEU A CG  1 
ATOM 712  C CD1 . LEU A 1 97  ? 1.176   8.486   17.882  1.00 46.17 ? 95  LEU A CD1 1 
ATOM 713  C CD2 . LEU A 1 97  ? 1.110   7.073   20.004  1.00 46.31 ? 95  LEU A CD2 1 
ATOM 714  N N   . ALA A 1 98  ? -3.680  9.066   20.172  1.00 49.42 ? 96  ALA A N   1 
ATOM 715  C CA  . ALA A 1 98  ? -4.670  9.917   20.820  1.00 50.75 ? 96  ALA A CA  1 
ATOM 716  C C   . ALA A 1 98  ? -5.294  9.211   22.018  1.00 51.40 ? 96  ALA A C   1 
ATOM 717  O O   . ALA A 1 98  ? -5.221  9.691   23.147  1.00 51.92 ? 96  ALA A O   1 
ATOM 718  C CB  . ALA A 1 98  ? -5.733  10.314  19.844  1.00 51.45 ? 96  ALA A CB  1 
ATOM 719  N N   . VAL A 1 99  ? -5.880  8.051   21.776  1.00 52.11 ? 97  VAL A N   1 
ATOM 720  C CA  . VAL A 1 99  ? -6.496  7.294   22.839  1.00 53.47 ? 97  VAL A CA  1 
ATOM 721  C C   . VAL A 1 99  ? -5.537  7.084   23.994  1.00 54.53 ? 97  VAL A C   1 
ATOM 722  O O   . VAL A 1 99  ? -5.963  7.068   25.134  1.00 54.96 ? 97  VAL A O   1 
ATOM 723  C CB  . VAL A 1 99  ? -6.964  5.937   22.352  1.00 53.39 ? 97  VAL A CB  1 
ATOM 724  C CG1 . VAL A 1 99  ? -7.713  5.244   23.440  1.00 54.11 ? 97  VAL A CG1 1 
ATOM 725  C CG2 . VAL A 1 99  ? -7.867  6.093   21.129  1.00 54.55 ? 97  VAL A CG2 1 
ATOM 726  N N   . LEU A 1 100 ? -4.244  6.939   23.708  1.00 56.03 ? 98  LEU A N   1 
ATOM 727  C CA  . LEU A 1 100 ? -3.234  6.700   24.765  1.00 57.11 ? 98  LEU A CA  1 
ATOM 728  C C   . LEU A 1 100 ? -2.879  7.942   25.570  1.00 58.30 ? 98  LEU A C   1 
ATOM 729  O O   . LEU A 1 100 ? -2.624  7.870   26.762  1.00 57.28 ? 98  LEU A O   1 
ATOM 730  C CB  . LEU A 1 100 ? -1.961  6.128   24.149  1.00 56.96 ? 98  LEU A CB  1 
ATOM 731  C CG  . LEU A 1 100 ? -1.682  4.637   24.321  1.00 55.79 ? 98  LEU A CG  1 
ATOM 732  C CD1 . LEU A 1 100 ? -1.101  4.090   23.036  1.00 53.68 ? 98  LEU A CD1 1 
ATOM 733  C CD2 . LEU A 1 100 ? -0.714  4.472   25.480  1.00 54.95 ? 98  LEU A CD2 1 
ATOM 734  N N   . ARG A 1 101 ? -2.867  9.073   24.874  1.00 60.90 ? 99  ARG A N   1 
ATOM 735  C CA  . ARG A 1 101 ? -2.556  10.382  25.415  1.00 62.83 ? 99  ARG A CA  1 
ATOM 736  C C   . ARG A 1 101 ? -3.365  10.632  26.668  1.00 63.77 ? 99  ARG A C   1 
ATOM 737  O O   . ARG A 1 101 ? -2.862  11.253  27.598  1.00 64.40 ? 99  ARG A O   1 
ATOM 738  C CB  . ARG A 1 101 ? -2.855  11.448  24.355  1.00 63.16 ? 99  ARG A CB  1 
ATOM 739  C CG  . ARG A 1 101 ? -2.169  12.800  24.568  1.00 66.31 ? 99  ARG A CG  1 
ATOM 740  C CD  . ARG A 1 101 ? -3.106  13.861  25.235  1.00 70.20 ? 99  ARG A CD  1 
ATOM 741  N NE  . ARG A 1 101 ? -3.624  14.902  24.321  1.00 70.19 ? 99  ARG A NE  1 
ATOM 742  C CZ  . ARG A 1 101 ? -4.826  15.473  24.430  1.00 69.35 ? 99  ARG A CZ  1 
ATOM 743  N NH1 . ARG A 1 101 ? -5.660  15.100  25.386  1.00 70.01 ? 99  ARG A NH1 1 
ATOM 744  N NH2 . ARG A 1 101 ? -5.203  16.416  23.582  1.00 68.83 ? 99  ARG A NH2 1 
ATOM 745  N N   . VAL A 1 102 ? -4.601  10.126  26.709  1.00 65.06 ? 100 VAL A N   1 
ATOM 746  C CA  . VAL A 1 102 ? -5.490  10.314  27.887  1.00 66.15 ? 100 VAL A CA  1 
ATOM 747  C C   . VAL A 1 102 ? -5.775  9.020   28.687  1.00 66.75 ? 100 VAL A C   1 
ATOM 748  O O   . VAL A 1 102 ? -6.046  9.058   29.887  1.00 67.05 ? 100 VAL A O   1 
ATOM 749  C CB  . VAL A 1 102 ? -6.852  11.040  27.521  1.00 66.34 ? 100 VAL A CB  1 
ATOM 750  C CG1 . VAL A 1 102 ? -6.622  12.288  26.637  1.00 65.03 ? 100 VAL A CG1 1 
ATOM 751  C CG2 . VAL A 1 102 ? -7.852  10.081  26.857  1.00 66.80 ? 100 VAL A CG2 1 
ATOM 752  N N   . ALA A 1 103 ? -5.730  7.876   28.018  1.00 67.47 ? 101 ALA A N   1 
ATOM 753  C CA  . ALA A 1 103 ? -5.894  6.622   28.719  1.00 68.10 ? 101 ALA A CA  1 
ATOM 754  C C   . ALA A 1 103 ? -4.516  6.132   29.085  1.00 68.82 ? 101 ALA A C   1 
ATOM 755  O O   . ALA A 1 103 ? -4.135  6.166   30.265  1.00 69.38 ? 101 ALA A O   1 
ATOM 756  C CB  . ALA A 1 103 ? -6.594  5.606   27.858  1.00 68.04 ? 101 ALA A CB  1 
ATOM 757  N N   . GLY A 1 104 ? -3.760  5.710   28.070  1.00 68.84 ? 102 GLY A N   1 
ATOM 758  C CA  . GLY A 1 104 ? -2.504  5.013   28.294  1.00 68.88 ? 102 GLY A CA  1 
ATOM 759  C C   . GLY A 1 104 ? -2.701  3.515   28.099  1.00 69.03 ? 102 GLY A C   1 
ATOM 760  O O   . GLY A 1 104 ? -2.149  2.683   28.848  1.00 68.94 ? 102 GLY A O   1 
ATOM 761  N N   . SER A 1 105 ? -3.497  3.165   27.087  1.00 68.70 ? 103 SER A N   1 
ATOM 762  C CA  . SER A 1 105 ? -3.724  1.765   26.748  1.00 68.47 ? 103 SER A CA  1 
ATOM 763  C C   . SER A 1 105 ? -4.486  1.672   25.440  1.00 68.00 ? 103 SER A C   1 
ATOM 764  O O   . SER A 1 105 ? -5.578  2.234   25.316  1.00 68.57 ? 103 SER A O   1 
ATOM 765  C CB  . SER A 1 105 ? -4.527  1.071   27.854  1.00 68.66 ? 103 SER A CB  1 
ATOM 766  O OG  . SER A 1 105 ? -5.817  1.656   27.963  1.00 68.31 ? 103 SER A OG  1 
ATOM 767  N N   . LEU A 1 106 ? -3.922  0.943   24.478  1.00 66.93 ? 104 LEU A N   1 
ATOM 768  C CA  . LEU A 1 106 ? -4.554  0.746   23.169  1.00 66.07 ? 104 LEU A CA  1 
ATOM 769  C C   . LEU A 1 106 ? -5.955  0.212   23.327  1.00 65.31 ? 104 LEU A C   1 
ATOM 770  O O   . LEU A 1 106 ? -6.403  0.022   24.441  1.00 64.79 ? 104 LEU A O   1 
ATOM 771  C CB  . LEU A 1 106 ? -3.723  -0.212  22.304  1.00 65.93 ? 104 LEU A CB  1 
ATOM 772  C CG  . LEU A 1 106 ? -2.311  0.286   22.043  1.00 65.34 ? 104 LEU A CG  1 
ATOM 773  C CD1 . LEU A 1 106 ? -1.569  -0.760  21.296  1.00 65.83 ? 104 LEU A CD1 1 
ATOM 774  C CD2 . LEU A 1 106 ? -2.328  1.590   21.272  1.00 65.87 ? 104 LEU A CD2 1 
ATOM 775  N N   . GLN A 1 107 ? -6.634  -0.020  22.208  1.00 65.56 ? 105 GLN A N   1 
ATOM 776  C CA  . GLN A 1 107 ? -7.988  -0.576  22.200  1.00 66.11 ? 105 GLN A CA  1 
ATOM 777  C C   . GLN A 1 107 ? -8.423  -0.898  20.788  1.00 65.42 ? 105 GLN A C   1 
ATOM 778  O O   . GLN A 1 107 ? -7.789  -0.453  19.859  1.00 65.51 ? 105 GLN A O   1 
ATOM 779  C CB  . GLN A 1 107 ? -8.991  0.351   22.943  1.00 67.19 ? 105 GLN A CB  1 
ATOM 780  C CG  . GLN A 1 107 ? -9.229  1.750   22.372  1.00 68.31 ? 105 GLN A CG  1 
ATOM 781  C CD  . GLN A 1 107 ? -10.378 1.750   21.374  1.00 71.25 ? 105 GLN A CD  1 
ATOM 782  O OE1 . GLN A 1 107 ? -10.202 1.344   20.217  1.00 72.57 ? 105 GLN A OE1 1 
ATOM 783  N NE2 . GLN A 1 107 ? -11.565 2.186   21.818  1.00 69.74 ? 105 GLN A NE2 1 
ATOM 784  N N   . LYS A 1 108 ? -9.495  -1.664  20.628  1.00 65.40 ? 106 LYS A N   1 
ATOM 785  C CA  . LYS A 1 108 ? -9.882  -2.199  19.318  1.00 66.11 ? 106 LYS A CA  1 
ATOM 786  C C   . LYS A 1 108 ? -9.988  -1.158  18.215  1.00 66.35 ? 106 LYS A C   1 
ATOM 787  O O   . LYS A 1 108 ? -9.917  0.042   18.481  1.00 66.54 ? 106 LYS A O   1 
ATOM 788  C CB  . LYS A 1 108 ? -11.201 -2.959  19.408  1.00 66.23 ? 106 LYS A CB  1 
ATOM 789  C CG  . LYS A 1 108 ? -12.452 -2.085  19.443  1.00 66.74 ? 106 LYS A CG  1 
ATOM 790  C CD  . LYS A 1 108 ? -13.700 -2.920  19.832  1.00 67.40 ? 106 LYS A CD  1 
ATOM 791  C CE  . LYS A 1 108 ? -13.721 -3.343  21.329  1.00 66.30 ? 106 LYS A CE  1 
ATOM 792  N NZ  . LYS A 1 108 ? -14.532 -4.581  21.560  1.00 65.00 ? 106 LYS A NZ  1 
ATOM 793  N N   . SER A 1 109 ? -10.163 -1.616  16.975  1.00 66.55 ? 107 SER A N   1 
ATOM 794  C CA  . SER A 1 109 ? -10.371 -0.701  15.860  1.00 66.64 ? 107 SER A CA  1 
ATOM 795  C C   . SER A 1 109 ? -10.837 -1.402  14.612  1.00 67.12 ? 107 SER A C   1 
ATOM 796  O O   . SER A 1 109 ? -10.039 -1.922  13.856  1.00 67.50 ? 107 SER A O   1 
ATOM 797  C CB  . SER A 1 109 ? -9.095  0.076   15.554  1.00 66.23 ? 107 SER A CB  1 
ATOM 798  O OG  . SER A 1 109 ? -9.349  1.032   14.542  1.00 66.24 ? 107 SER A OG  1 
ATOM 799  N N   . THR A 1 110 ? -12.135 -1.400  14.371  1.00 68.40 ? 108 THR A N   1 
ATOM 800  C CA  . THR A 1 110 ? -12.667 -2.040  13.174  1.00 69.68 ? 108 THR A CA  1 
ATOM 801  C C   . THR A 1 110 ? -12.166 -1.293  11.939  1.00 70.53 ? 108 THR A C   1 
ATOM 802  O O   . THR A 1 110 ? -12.425 -1.698  10.803  1.00 70.82 ? 108 THR A O   1 
ATOM 803  C CB  . THR A 1 110 ? -14.205 -2.046  13.152  1.00 69.64 ? 108 THR A CB  1 
ATOM 804  O OG1 . THR A 1 110 ? -14.677 -0.764  12.719  1.00 70.00 ? 108 THR A OG1 1 
ATOM 805  C CG2 . THR A 1 110 ? -14.786 -2.370  14.548  1.00 70.42 ? 108 THR A CG2 1 
ATOM 806  N N   . GLU A 1 111 ? -11.468 -0.183  12.155  1.00 71.56 ? 109 GLU A N   1 
ATOM 807  C CA  . GLU A 1 111 ? -10.922 0.550   11.028  1.00 72.27 ? 109 GLU A CA  1 
ATOM 808  C C   . GLU A 1 111 ? -9.571  -0.031  10.646  1.00 72.30 ? 109 GLU A C   1 
ATOM 809  O O   . GLU A 1 111 ? -9.402  -0.492  9.515   1.00 72.11 ? 109 GLU A O   1 
ATOM 810  C CB  . GLU A 1 111 ? -10.863 2.063   11.289  1.00 72.71 ? 109 GLU A CB  1 
ATOM 811  C CG  . GLU A 1 111 ? -12.228 2.798   11.186  1.00 73.95 ? 109 GLU A CG  1 
ATOM 812  C CD  . GLU A 1 111 ? -12.952 2.584   9.846   1.00 74.91 ? 109 GLU A CD  1 
ATOM 813  O OE1 . GLU A 1 111 ? -13.940 3.306   9.572   1.00 74.95 ? 109 GLU A OE1 1 
ATOM 814  O OE2 . GLU A 1 111 ? -12.546 1.692   9.076   1.00 75.39 ? 109 GLU A OE2 1 
ATOM 815  N N   . VAL A 1 112 ? -8.628  -0.055  11.590  1.00 72.48 ? 110 VAL A N   1 
ATOM 816  C CA  . VAL A 1 112 ? -7.297  -0.605  11.299  1.00 73.06 ? 110 VAL A CA  1 
ATOM 817  C C   . VAL A 1 112 ? -7.314  -2.135  11.210  1.00 73.69 ? 110 VAL A C   1 
ATOM 818  O O   . VAL A 1 112 ? -6.283  -2.795  11.336  1.00 74.24 ? 110 VAL A O   1 
ATOM 819  C CB  . VAL A 1 112 ? -6.181  -0.095  12.271  1.00 72.58 ? 110 VAL A CB  1 
ATOM 820  C CG1 . VAL A 1 112 ? -6.401  1.360   12.617  1.00 72.12 ? 110 VAL A CG1 1 
ATOM 821  C CG2 . VAL A 1 112 ? -6.112  -0.918  13.511  1.00 73.09 ? 110 VAL A CG2 1 
ATOM 822  N N   . MET A 1 113 ? -8.495  -2.686  10.980  1.00 74.11 ? 111 MET A N   1 
ATOM 823  C CA  . MET A 1 113 ? -8.647  -4.109  10.933  1.00 74.64 ? 111 MET A CA  1 
ATOM 824  C C   . MET A 1 113 ? -8.966  -4.470  9.516   1.00 74.84 ? 111 MET A C   1 
ATOM 825  O O   . MET A 1 113 ? -8.407  -5.417  8.984   1.00 75.26 ? 111 MET A O   1 
ATOM 826  C CB  . MET A 1 113 ? -9.770  -4.543  11.861  1.00 74.61 ? 111 MET A CB  1 
ATOM 827  C CG  . MET A 1 113 ? -9.934  -6.043  11.988  1.00 75.04 ? 111 MET A CG  1 
ATOM 828  S SD  . MET A 1 113 ? -11.055 -6.564  13.497  0.50 76.65 ? 111 MET A SD  1 
ATOM 829  C CE  . MET A 1 113 ? -11.822 -8.164  12.647  1.00 74.75 ? 111 MET A CE  1 
ATOM 830  N N   . LYS A 1 114 ? -9.868  -3.715  8.900   1.00 75.10 ? 112 LYS A N   1 
ATOM 831  C CA  . LYS A 1 114 ? -10.270 -4.000  7.527   1.00 75.53 ? 112 LYS A CA  1 
ATOM 832  C C   . LYS A 1 114 ? -9.241  -3.530  6.516   1.00 74.89 ? 112 LYS A C   1 
ATOM 833  O O   . LYS A 1 114 ? -9.044  -4.173  5.502   1.00 74.96 ? 112 LYS A O   1 
ATOM 834  C CB  . LYS A 1 114 ? -11.664 -3.446  7.205   1.00 75.83 ? 112 LYS A CB  1 
ATOM 835  C CG  . LYS A 1 114 ? -11.837 -1.919  7.276   1.00 77.29 ? 112 LYS A CG  1 
ATOM 836  C CD  . LYS A 1 114 ? -13.322 -1.513  7.137   1.00 77.24 ? 112 LYS A CD  1 
ATOM 837  C CE  . LYS A 1 114 ? -13.844 -1.742  5.706   1.00 79.08 ? 112 LYS A CE  1 
ATOM 838  N NZ  . LYS A 1 114 ? -15.306 -1.463  5.582   1.00 79.57 ? 112 LYS A NZ  1 
ATOM 839  N N   . ALA A 1 115 ? -8.587  -2.410  6.796   1.00 74.62 ? 113 ALA A N   1 
ATOM 840  C CA  . ALA A 1 115 ? -7.513  -1.933  5.938   1.00 74.32 ? 113 ALA A CA  1 
ATOM 841  C C   . ALA A 1 115 ? -6.386  -2.960  5.951   1.00 74.37 ? 113 ALA A C   1 
ATOM 842  O O   . ALA A 1 115 ? -5.860  -3.326  4.900   1.00 74.50 ? 113 ALA A O   1 
ATOM 843  C CB  . ALA A 1 115 ? -7.015  -0.589  6.402   1.00 74.01 ? 113 ALA A CB  1 
ATOM 844  N N   . MET A 1 116 ? -6.068  -3.437  7.152   1.00 74.14 ? 114 MET A N   1 
ATOM 845  C CA  . MET A 1 116 ? -5.066  -4.453  7.402   1.00 73.83 ? 114 MET A CA  1 
ATOM 846  C C   . MET A 1 116 ? -5.598  -5.852  7.119   1.00 75.41 ? 114 MET A C   1 
ATOM 847  O O   . MET A 1 116 ? -5.015  -6.851  7.544   1.00 75.28 ? 114 MET A O   1 
ATOM 848  C CB  . MET A 1 116 ? -4.682  -4.385  8.863   1.00 72.47 ? 114 MET A CB  1 
ATOM 849  C CG  . MET A 1 116 ? -3.268  -4.702  9.107   1.00 70.72 ? 114 MET A CG  1 
ATOM 850  S SD  . MET A 1 116 ? -2.190  -3.405  8.278   0.50 65.96 ? 114 MET A SD  1 
ATOM 851  C CE  . MET A 1 116 ? -0.938  -3.357  9.641   1.00 66.57 ? 114 MET A CE  1 
ATOM 852  N N   . GLN A 1 117 ? -6.737  -5.917  6.437   1.00 77.60 ? 115 GLN A N   1 
ATOM 853  C CA  . GLN A 1 117 ? -7.329  -7.180  5.982   1.00 79.46 ? 115 GLN A CA  1 
ATOM 854  C C   . GLN A 1 117 ? -7.194  -7.169  4.467   1.00 80.02 ? 115 GLN A C   1 
ATOM 855  O O   . GLN A 1 117 ? -6.604  -8.073  3.871   1.00 80.50 ? 115 GLN A O   1 
ATOM 856  C CB  . GLN A 1 117 ? -8.807  -7.268  6.406   1.00 79.97 ? 115 GLN A CB  1 
ATOM 857  C CG  . GLN A 1 117 ? -9.616  -8.394  5.755   1.00 82.15 ? 115 GLN A CG  1 
ATOM 858  C CD  . GLN A 1 117 ? -9.375  -9.763  6.401   1.00 85.15 ? 115 GLN A CD  1 
ATOM 859  O OE1 . GLN A 1 117 ? -8.949  -9.861  7.568   1.00 85.09 ? 115 GLN A OE1 1 
ATOM 860  N NE2 . GLN A 1 117 ? -9.660  -10.834 5.641   1.00 85.40 ? 115 GLN A NE2 1 
ATOM 861  N N   . SER A 1 118 ? -7.726  -6.104  3.869   1.00 80.55 ? 116 SER A N   1 
ATOM 862  C CA  . SER A 1 118 ? -7.626  -5.850  2.449   1.00 81.20 ? 116 SER A CA  1 
ATOM 863  C C   . SER A 1 118 ? -6.172  -5.655  2.036   1.00 81.64 ? 116 SER A C   1 
ATOM 864  O O   . SER A 1 118 ? -5.863  -5.700  0.841   1.00 82.05 ? 116 SER A O   1 
ATOM 865  C CB  . SER A 1 118 ? -8.396  -4.575  2.110   1.00 81.44 ? 116 SER A CB  1 
ATOM 866  O OG  . SER A 1 118 ? -7.602  -3.422  2.392   1.00 81.16 ? 116 SER A OG  1 
ATOM 867  N N   . LEU A 1 119 ? -5.295  -5.419  3.020   1.00 81.77 ? 117 LEU A N   1 
ATOM 868  C CA  . LEU A 1 119 ? -3.897  -5.040  2.753   1.00 81.80 ? 117 LEU A CA  1 
ATOM 869  C C   . LEU A 1 119 ? -2.962  -6.219  2.684   1.00 82.67 ? 117 LEU A C   1 
ATOM 870  O O   . LEU A 1 119 ? -1.936  -6.153  2.001   1.00 83.14 ? 117 LEU A O   1 
ATOM 871  C CB  . LEU A 1 119 ? -3.376  -4.069  3.804   1.00 80.79 ? 117 LEU A CB  1 
ATOM 872  C CG  . LEU A 1 119 ? -2.375  -3.018  3.343   1.00 78.82 ? 117 LEU A CG  1 
ATOM 873  C CD1 . LEU A 1 119 ? -2.627  -2.616  1.908   1.00 77.20 ? 117 LEU A CD1 1 
ATOM 874  C CD2 . LEU A 1 119 ? -2.448  -1.809  4.249   1.00 77.39 ? 117 LEU A CD2 1 
ATOM 875  N N   . VAL A 1 120 ? -3.311  -7.288  3.393   1.00 83.43 ? 118 VAL A N   1 
ATOM 876  C CA  . VAL A 1 120 ? -2.510  -8.506  3.381   1.00 84.41 ? 118 VAL A CA  1 
ATOM 877  C C   . VAL A 1 120 ? -2.671  -9.319  2.080   1.00 85.38 ? 118 VAL A C   1 
ATOM 878  O O   . VAL A 1 120 ? -2.760  -10.554 2.099   1.00 85.39 ? 118 VAL A O   1 
ATOM 879  C CB  . VAL A 1 120 ? -2.737  -9.373  4.657   1.00 84.41 ? 118 VAL A CB  1 
ATOM 880  C CG1 . VAL A 1 120 ? -2.218  -8.635  5.887   1.00 83.58 ? 118 VAL A CG1 1 
ATOM 881  C CG2 . VAL A 1 120 ? -4.223  -9.770  4.832   1.00 84.52 ? 118 VAL A CG2 1 
ATOM 882  N N   . LYS A 1 121 ? -2.684  -8.606  0.950   1.00 86.48 ? 119 LYS A N   1 
ATOM 883  C CA  . LYS A 1 121 ? -2.641  -9.221  -0.379  1.00 87.36 ? 119 LYS A CA  1 
ATOM 884  C C   . LYS A 1 121 ? -1.250  -9.800  -0.657  1.00 87.95 ? 119 LYS A C   1 
ATOM 885  O O   . LYS A 1 121 ? -0.343  -9.662  0.168   1.00 87.90 ? 119 LYS A O   1 
ATOM 886  C CB  . LYS A 1 121 ? -3.045  -8.216  -1.474  1.00 87.35 ? 119 LYS A CB  1 
ATOM 887  C CG  . LYS A 1 121 ? -2.324  -6.864  -1.463  1.00 87.41 ? 119 LYS A CG  1 
ATOM 888  C CD  . LYS A 1 121 ? -0.812  -6.990  -1.339  1.00 87.54 ? 119 LYS A CD  1 
ATOM 889  C CE  . LYS A 1 121 ? -0.076  -6.134  -2.366  1.00 89.20 ? 119 LYS A CE  1 
ATOM 890  N NZ  . LYS A 1 121 ? -0.307  -4.658  -2.269  1.00 89.59 ? 119 LYS A NZ  1 
ATOM 891  N N   . ILE A 1 122 ? -1.072  -10.422 -1.823  1.00 88.82 ? 120 ILE A N   1 
ATOM 892  C CA  . ILE A 1 122 ? 0.176   -11.165 -2.081  1.00 89.45 ? 120 ILE A CA  1 
ATOM 893  C C   . ILE A 1 122 ? 1.299   -10.469 -2.897  1.00 89.59 ? 120 ILE A C   1 
ATOM 894  O O   . ILE A 1 122 ? 2.441   -10.440 -2.417  1.00 89.57 ? 120 ILE A O   1 
ATOM 895  C CB  . ILE A 1 122 ? -0.078  -12.679 -2.493  1.00 89.59 ? 120 ILE A CB  1 
ATOM 896  C CG1 . ILE A 1 122 ? 1.250   -13.459 -2.620  1.00 89.84 ? 120 ILE A CG1 1 
ATOM 897  C CG2 . ILE A 1 122 ? -0.984  -12.791 -3.736  1.00 89.59 ? 120 ILE A CG2 1 
ATOM 898  C CD1 . ILE A 1 122 ? 1.205   -14.921 -2.111  1.00 89.52 ? 120 ILE A CD1 1 
ATOM 899  N N   . PRO A 1 123 ? 0.993   -9.909  -4.102  1.00 89.78 ? 121 PRO A N   1 
ATOM 900  C CA  . PRO A 1 123 ? 2.057   -9.293  -4.937  1.00 89.54 ? 121 PRO A CA  1 
ATOM 901  C C   . PRO A 1 123 ? 2.823   -8.144  -4.258  1.00 89.23 ? 121 PRO A C   1 
ATOM 902  O O   . PRO A 1 123 ? 2.414   -6.983  -4.327  1.00 89.33 ? 121 PRO A O   1 
ATOM 903  C CB  . PRO A 1 123 ? 1.301   -8.802  -6.183  1.00 89.59 ? 121 PRO A CB  1 
ATOM 904  C CG  . PRO A 1 123 ? 0.061   -9.650  -6.238  1.00 89.75 ? 121 PRO A CG  1 
ATOM 905  C CD  . PRO A 1 123 ? -0.319  -9.827  -4.781  1.00 89.96 ? 121 PRO A CD  1 
ATOM 906  N N   . GLU A 1 124 ? 3.933   -8.513  -3.620  1.00 89.00 ? 122 GLU A N   1 
ATOM 907  C CA  . GLU A 1 124 ? 4.858   -7.633  -2.897  1.00 88.85 ? 122 GLU A CA  1 
ATOM 908  C C   . GLU A 1 124 ? 5.280   -8.361  -1.594  1.00 88.92 ? 122 GLU A C   1 
ATOM 909  O O   . GLU A 1 124 ? 4.745   -9.434  -1.266  1.00 89.07 ? 122 GLU A O   1 
ATOM 910  C CB  . GLU A 1 124 ? 4.253   -6.230  -2.656  1.00 88.86 ? 122 GLU A CB  1 
ATOM 911  C CG  . GLU A 1 124 ? 5.138   -5.182  -1.940  1.00 89.07 ? 122 GLU A CG  1 
ATOM 912  C CD  . GLU A 1 124 ? 6.509   -4.979  -2.566  1.00 89.21 ? 122 GLU A CD  1 
ATOM 913  O OE1 . GLU A 1 124 ? 7.479   -4.732  -1.807  1.00 88.24 ? 122 GLU A OE1 1 
ATOM 914  O OE2 . GLU A 1 124 ? 6.620   -5.063  -3.809  1.00 89.91 ? 122 GLU A OE2 1 
ATOM 915  N N   . ILE A 1 125 ? 6.262   -7.803  -0.881  1.00 88.75 ? 123 ILE A N   1 
ATOM 916  C CA  . ILE A 1 125 ? 6.760   -8.365  0.384   1.00 88.12 ? 123 ILE A CA  1 
ATOM 917  C C   . ILE A 1 125 ? 5.674   -8.408  1.453   1.00 87.65 ? 123 ILE A C   1 
ATOM 918  O O   . ILE A 1 125 ? 5.964   -8.661  2.623   1.00 87.95 ? 123 ILE A O   1 
ATOM 919  C CB  . ILE A 1 125 ? 7.998   -7.566  0.933   1.00 88.44 ? 123 ILE A CB  1 
ATOM 920  C CG1 . ILE A 1 125 ? 7.636   -6.060  1.124   1.00 88.54 ? 123 ILE A CG1 1 
ATOM 921  C CG2 . ILE A 1 125 ? 9.258   -7.845  0.060   1.00 87.74 ? 123 ILE A CG2 1 
ATOM 922  C CD1 . ILE A 1 125 ? 8.787   -5.097  1.505   1.00 87.70 ? 123 ILE A CD1 1 
ATOM 923  N N   . GLN A 1 126 ? 4.431   -8.164  1.038   1.00 86.86 ? 124 GLN A N   1 
ATOM 924  C CA  . GLN A 1 126 ? 3.265   -8.087  1.920   1.00 85.82 ? 124 GLN A CA  1 
ATOM 925  C C   . GLN A 1 126 ? 3.004   -9.341  2.729   1.00 85.74 ? 124 GLN A C   1 
ATOM 926  O O   . GLN A 1 126 ? 1.853   -9.767  2.917   1.00 86.02 ? 124 GLN A O   1 
ATOM 927  C CB  . GLN A 1 126 ? 2.037   -7.712  1.110   1.00 85.65 ? 124 GLN A CB  1 
ATOM 928  C CG  . GLN A 1 126 ? 1.693   -6.240  1.174   1.00 84.87 ? 124 GLN A CG  1 
ATOM 929  C CD  . GLN A 1 126 ? 2.854   -5.344  0.810   1.00 83.33 ? 124 GLN A CD  1 
ATOM 930  O OE1 . GLN A 1 126 ? 3.937   -5.441  1.378   1.00 81.45 ? 124 GLN A OE1 1 
ATOM 931  N NE2 . GLN A 1 126 ? 2.625   -4.451  -0.132  1.00 84.42 ? 124 GLN A NE2 1 
ATOM 932  N N   . ALA A 1 127 ? 4.094   -9.938  3.189   1.00 85.13 ? 125 ALA A N   1 
ATOM 933  C CA  . ALA A 1 127 ? 4.059   -10.968 4.194   1.00 84.39 ? 125 ALA A CA  1 
ATOM 934  C C   . ALA A 1 127 ? 4.214   -10.227 5.519   1.00 84.12 ? 125 ALA A C   1 
ATOM 935  O O   . ALA A 1 127 ? 3.696   -10.675 6.543   1.00 84.17 ? 125 ALA A O   1 
ATOM 936  C CB  . ALA A 1 127 ? 5.193   -11.956 3.982   1.00 84.10 ? 125 ALA A CB  1 
ATOM 937  N N   . THR A 1 128 ? 4.916   -9.080  5.482   1.00 83.44 ? 126 THR A N   1 
ATOM 938  C CA  . THR A 1 128 ? 5.159   -8.257  6.686   1.00 82.45 ? 126 THR A CA  1 
ATOM 939  C C   . THR A 1 128 ? 3.825   -7.797  7.284   1.00 81.67 ? 126 THR A C   1 
ATOM 940  O O   . THR A 1 128 ? 3.624   -7.812  8.507   1.00 81.11 ? 126 THR A O   1 
ATOM 941  C CB  . THR A 1 128 ? 6.095   -7.013  6.423   1.00 82.43 ? 126 THR A CB  1 
ATOM 942  O OG1 . THR A 1 128 ? 5.803   -6.429  5.153   1.00 81.36 ? 126 THR A OG1 1 
ATOM 943  C CG2 . THR A 1 128 ? 7.573   -7.404  6.480   1.00 81.91 ? 126 THR A CG2 1 
ATOM 944  N N   . MET A 1 129 ? 2.918   -7.430  6.382   1.00 80.60 ? 127 MET A N   1 
ATOM 945  C CA  . MET A 1 129 ? 1.572   -7.034  6.722   1.00 79.52 ? 127 MET A CA  1 
ATOM 946  C C   . MET A 1 129 ? 0.834   -8.095  7.512   1.00 79.59 ? 127 MET A C   1 
ATOM 947  O O   . MET A 1 129 ? -0.062  -7.781  8.295   1.00 79.90 ? 127 MET A O   1 
ATOM 948  C CB  . MET A 1 129 ? 0.804   -6.751  5.447   1.00 78.79 ? 127 MET A CB  1 
ATOM 949  C CG  . MET A 1 129 ? 0.168   -5.394  5.455   1.00 77.92 ? 127 MET A CG  1 
ATOM 950  S SD  . MET A 1 129 ? 1.457   -4.107  6.022   0.50 75.84 ? 127 MET A SD  1 
ATOM 951  C CE  . MET A 1 129 ? 1.125   -2.811  4.663   1.00 75.45 ? 127 MET A CE  1 
ATOM 952  N N   . ARG A 1 130 ? 1.199   -9.355  7.300   1.00 79.49 ? 128 ARG A N   1 
ATOM 953  C CA  . ARG A 1 130 ? 0.581   -10.465 8.017   1.00 79.15 ? 128 ARG A CA  1 
ATOM 954  C C   . ARG A 1 130 ? 1.190   -10.547 9.416   1.00 78.20 ? 128 ARG A C   1 
ATOM 955  O O   . ARG A 1 130 ? 0.599   -11.131 10.324  1.00 78.69 ? 128 ARG A O   1 
ATOM 956  C CB  . ARG A 1 130 ? 0.816   -11.760 7.246   1.00 79.22 ? 128 ARG A CB  1 
ATOM 957  C CG  . ARG A 1 130 ? -0.300  -12.795 7.284   1.00 80.23 ? 128 ARG A CG  1 
ATOM 958  C CD  . ARG A 1 130 ? 0.148   -14.055 6.527   1.00 81.33 ? 128 ARG A CD  1 
ATOM 959  N NE  . ARG A 1 130 ? -0.121  -14.065 5.073   1.00 85.11 ? 128 ARG A NE  1 
ATOM 960  C CZ  . ARG A 1 130 ? 0.524   -13.351 4.136   1.00 86.96 ? 128 ARG A CZ  1 
ATOM 961  N NH1 . ARG A 1 130 ? 1.487   -12.489 4.457   1.00 88.07 ? 128 ARG A NH1 1 
ATOM 962  N NH2 . ARG A 1 130 ? 0.184   -13.479 2.853   1.00 87.07 ? 128 ARG A NH2 1 
ATOM 963  N N   . GLU A 1 131 ? 2.363   -9.941  9.581   1.00 76.86 ? 129 GLU A N   1 
ATOM 964  C CA  . GLU A 1 131 ? 3.112   -9.975  10.833  1.00 75.75 ? 129 GLU A CA  1 
ATOM 965  C C   . GLU A 1 131 ? 2.668   -8.821  11.715  1.00 74.26 ? 129 GLU A C   1 
ATOM 966  O O   . GLU A 1 131 ? 2.415   -8.993  12.910  1.00 73.56 ? 129 GLU A O   1 
ATOM 967  C CB  . GLU A 1 131 ? 4.585   -9.841  10.502  1.00 76.22 ? 129 GLU A CB  1 
ATOM 968  C CG  . GLU A 1 131 ? 5.573   -10.006 11.617  1.00 76.80 ? 129 GLU A CG  1 
ATOM 969  C CD  . GLU A 1 131 ? 7.006   -9.873  11.087  1.00 78.38 ? 129 GLU A CD  1 
ATOM 970  O OE1 . GLU A 1 131 ? 7.939   -10.359 11.778  1.00 82.00 ? 129 GLU A OE1 1 
ATOM 971  O OE2 . GLU A 1 131 ? 7.198   -9.301  9.969   1.00 79.46 ? 129 GLU A OE2 1 
ATOM 972  N N   . LEU A 1 132 ? 2.584   -7.638  11.110  1.00 72.83 ? 130 LEU A N   1 
ATOM 973  C CA  . LEU A 1 132 ? 2.024   -6.470  11.786  1.00 71.23 ? 130 LEU A CA  1 
ATOM 974  C C   . LEU A 1 132 ? 0.641   -6.839  12.282  1.00 70.65 ? 130 LEU A C   1 
ATOM 975  O O   . LEU A 1 132 ? 0.353   -6.736  13.473  1.00 70.28 ? 130 LEU A O   1 
ATOM 976  C CB  . LEU A 1 132 ? 1.928   -5.273  10.842  1.00 70.62 ? 130 LEU A CB  1 
ATOM 977  C CG  . LEU A 1 132 ? 3.213   -4.536  10.477  1.00 69.88 ? 130 LEU A CG  1 
ATOM 978  C CD1 . LEU A 1 132 ? 2.914   -3.357  9.591   1.00 69.31 ? 130 LEU A CD1 1 
ATOM 979  C CD2 . LEU A 1 132 ? 3.954   -4.082  11.708  1.00 69.25 ? 130 LEU A CD2 1 
ATOM 980  N N   . SER A 1 133 ? -0.193  -7.300  11.351  1.00 69.79 ? 131 SER A N   1 
ATOM 981  C CA  . SER A 1 133 ? -1.505  -7.819  11.664  1.00 68.90 ? 131 SER A CA  1 
ATOM 982  C C   . SER A 1 133 ? -1.455  -8.577  12.976  1.00 68.42 ? 131 SER A C   1 
ATOM 983  O O   . SER A 1 133 ? -2.185  -8.245  13.915  1.00 68.86 ? 131 SER A O   1 
ATOM 984  C CB  . SER A 1 133 ? -1.983  -8.743  10.554  1.00 68.84 ? 131 SER A CB  1 
ATOM 985  O OG  . SER A 1 133 ? -3.358  -9.017  10.716  1.00 69.40 ? 131 SER A OG  1 
ATOM 986  N N   . LYS A 1 134 ? -0.562  -9.564  13.057  1.00 67.15 ? 132 LYS A N   1 
ATOM 987  C CA  . LYS A 1 134 ? -0.397  -10.344 14.273  1.00 65.76 ? 132 LYS A CA  1 
ATOM 988  C C   . LYS A 1 134 ? -0.047  -9.489  15.470  1.00 65.15 ? 132 LYS A C   1 
ATOM 989  O O   . LYS A 1 134 ? -0.749  -9.525  16.483  1.00 65.06 ? 132 LYS A O   1 
ATOM 990  C CB  . LYS A 1 134 ? 0.688   -11.390 14.077  1.00 66.29 ? 132 LYS A CB  1 
ATOM 991  C CG  . LYS A 1 134 ? 0.869   -12.380 15.223  1.00 64.92 ? 132 LYS A CG  1 
ATOM 992  C CD  . LYS A 1 134 ? 1.111   -13.739 14.637  1.00 64.81 ? 132 LYS A CD  1 
ATOM 993  C CE  . LYS A 1 134 ? -0.024  -14.120 13.667  1.00 65.87 ? 132 LYS A CE  1 
ATOM 994  N NZ  . LYS A 1 134 ? 0.386   -15.118 12.619  1.00 66.88 ? 132 LYS A NZ  1 
ATOM 995  N N   . GLU A 1 135 ? 1.041   -8.731  15.351  1.00 64.62 ? 133 GLU A N   1 
ATOM 996  C CA  . GLU A 1 135 ? 1.559   -7.929  16.473  1.00 63.85 ? 133 GLU A CA  1 
ATOM 997  C C   . GLU A 1 135 ? 0.415   -7.126  17.071  1.00 62.76 ? 133 GLU A C   1 
ATOM 998  O O   . GLU A 1 135 ? 0.275   -7.033  18.291  1.00 62.42 ? 133 GLU A O   1 
ATOM 999  C CB  . GLU A 1 135 ? 2.673   -6.969  16.017  1.00 63.81 ? 133 GLU A CB  1 
ATOM 1000 C CG  . GLU A 1 135 ? 3.931   -7.607  15.424  1.00 64.04 ? 133 GLU A CG  1 
ATOM 1001 C CD  . GLU A 1 135 ? 5.022   -6.575  15.115  1.00 65.07 ? 133 GLU A CD  1 
ATOM 1002 O OE1 . GLU A 1 135 ? 5.546   -6.527  13.971  1.00 64.49 ? 133 GLU A OE1 1 
ATOM 1003 O OE2 . GLU A 1 135 ? 5.358   -5.794  16.030  1.00 67.59 ? 133 GLU A OE2 1 
ATOM 1004 N N   . MET A 1 136 ? -0.411  -6.593  16.167  1.00 62.10 ? 134 MET A N   1 
ATOM 1005 C CA  . MET A 1 136 ? -1.503  -5.677  16.473  1.00 60.49 ? 134 MET A CA  1 
ATOM 1006 C C   . MET A 1 136 ? -2.611  -6.334  17.305  1.00 62.81 ? 134 MET A C   1 
ATOM 1007 O O   . MET A 1 136 ? -3.076  -5.760  18.292  1.00 62.75 ? 134 MET A O   1 
ATOM 1008 C CB  . MET A 1 136 ? -2.048  -5.050  15.183  1.00 59.09 ? 134 MET A CB  1 
ATOM 1009 C CG  . MET A 1 136 ? -1.156  -3.949  14.574  1.00 55.52 ? 134 MET A CG  1 
ATOM 1010 S SD  . MET A 1 136 ? -1.866  -3.257  12.904  0.50 53.11 ? 134 MET A SD  1 
ATOM 1011 C CE  . MET A 1 136 ? -0.660  -1.876  12.540  1.00 48.49 ? 134 MET A CE  1 
ATOM 1012 N N   . MET A 1 137 ? -3.002  -7.549  16.929  1.00 64.62 ? 135 MET A N   1 
ATOM 1013 C CA  . MET A 1 137 ? -3.951  -8.331  17.739  1.00 66.57 ? 135 MET A CA  1 
ATOM 1014 C C   . MET A 1 137 ? -3.496  -8.538  19.198  1.00 65.95 ? 135 MET A C   1 
ATOM 1015 O O   . MET A 1 137 ? -4.241  -8.229  20.127  1.00 66.16 ? 135 MET A O   1 
ATOM 1016 C CB  . MET A 1 137 ? -4.257  -9.675  17.065  1.00 66.67 ? 135 MET A CB  1 
ATOM 1017 C CG  . MET A 1 137 ? -5.364  -10.468 17.745  1.00 68.45 ? 135 MET A CG  1 
ATOM 1018 S SD  . MET A 1 137 ? -6.452  -11.488 16.505  0.50 72.31 ? 135 MET A SD  1 
ATOM 1019 C CE  . MET A 1 137 ? -8.211  -11.561 17.609  1.00 68.76 ? 135 MET A CE  1 
ATOM 1020 N N   . LYS A 1 138 ? -2.283  -9.053  19.389  1.00 65.71 ? 136 LYS A N   1 
ATOM 1021 C CA  . LYS A 1 138 ? -1.696  -9.225  20.720  1.00 65.36 ? 136 LYS A CA  1 
ATOM 1022 C C   . LYS A 1 138 ? -1.811  -7.941  21.510  1.00 64.72 ? 136 LYS A C   1 
ATOM 1023 O O   . LYS A 1 138 ? -2.141  -7.948  22.687  1.00 64.23 ? 136 LYS A O   1 
ATOM 1024 C CB  . LYS A 1 138 ? -0.219  -9.583  20.588  1.00 66.10 ? 136 LYS A CB  1 
ATOM 1025 C CG  . LYS A 1 138 ? 0.340   -10.468 21.699  1.00 67.76 ? 136 LYS A CG  1 
ATOM 1026 C CD  . LYS A 1 138 ? 1.638   -11.167 21.249  1.00 69.70 ? 136 LYS A CD  1 
ATOM 1027 C CE  . LYS A 1 138 ? 2.863   -10.281 21.535  1.00 72.42 ? 136 LYS A CE  1 
ATOM 1028 N NZ  . LYS A 1 138 ? 4.107   -10.726 20.814  1.00 73.19 ? 136 LYS A NZ  1 
ATOM 1029 N N   . ALA A 1 139 ? -1.535  -6.829  20.837  1.00 64.55 ? 137 ALA A N   1 
ATOM 1030 C CA  . ALA A 1 139 ? -1.630  -5.514  21.456  1.00 64.02 ? 137 ALA A CA  1 
ATOM 1031 C C   . ALA A 1 139 ? -3.079  -5.272  21.903  1.00 63.89 ? 137 ALA A C   1 
ATOM 1032 O O   . ALA A 1 139 ? -3.329  -4.711  22.978  1.00 63.88 ? 137 ALA A O   1 
ATOM 1033 C CB  . ALA A 1 139 ? -1.161  -4.438  20.483  1.00 63.02 ? 137 ALA A CB  1 
ATOM 1034 N N   . GLY A 1 140 ? -4.021  -5.728  21.089  1.00 63.35 ? 138 GLY A N   1 
ATOM 1035 C CA  . GLY A 1 140 ? -5.421  -5.557  21.390  1.00 63.22 ? 138 GLY A CA  1 
ATOM 1036 C C   . GLY A 1 140 ? -6.039  -4.495  20.519  1.00 63.13 ? 138 GLY A C   1 
ATOM 1037 O O   . GLY A 1 140 ? -6.931  -3.759  20.968  1.00 64.05 ? 138 GLY A O   1 
ATOM 1038 N N   . ILE A 1 141 ? -5.555  -4.415  19.281  1.00 62.61 ? 139 ILE A N   1 
ATOM 1039 C CA  . ILE A 1 141 ? -6.092  -3.505  18.264  1.00 61.85 ? 139 ILE A CA  1 
ATOM 1040 C C   . ILE A 1 141 ? -6.918  -4.276  17.229  1.00 62.53 ? 139 ILE A C   1 
ATOM 1041 O O   . ILE A 1 141 ? -7.881  -3.722  16.681  1.00 62.04 ? 139 ILE A O   1 
ATOM 1042 C CB  . ILE A 1 141 ? -4.983  -2.698  17.561  1.00 61.02 ? 139 ILE A CB  1 
ATOM 1043 C CG1 . ILE A 1 141 ? -4.186  -1.901  18.587  1.00 60.78 ? 139 ILE A CG1 1 
ATOM 1044 C CG2 . ILE A 1 141 ? -5.565  -1.739  16.565  1.00 59.06 ? 139 ILE A CG2 1 
ATOM 1045 C CD1 . ILE A 1 141 ? -3.025  -1.131  17.995  1.00 59.41 ? 139 ILE A CD1 1 
ATOM 1046 N N   . ILE A 1 142 ? -6.548  -5.539  16.974  1.00 63.10 ? 140 ILE A N   1 
ATOM 1047 C CA  . ILE A 1 142 ? -7.306  -6.406  16.052  1.00 64.22 ? 140 ILE A CA  1 
ATOM 1048 C C   . ILE A 1 142 ? -7.355  -7.878  16.470  1.00 64.01 ? 140 ILE A C   1 
ATOM 1049 O O   . ILE A 1 142 ? -7.792  -8.217  17.571  1.00 63.77 ? 140 ILE A O   1 
ATOM 1050 C CB  . ILE A 1 142 ? -6.782  -6.309  14.594  1.00 64.70 ? 140 ILE A CB  1 
ATOM 1051 C CG1 . ILE A 1 142 ? -5.289  -6.648  14.525  1.00 65.44 ? 140 ILE A CG1 1 
ATOM 1052 C CG2 . ILE A 1 142 ? -7.051  -4.903  13.988  1.00 65.48 ? 140 ILE A CG2 1 
ATOM 1053 C CD1 . ILE A 1 142 ? -4.671  -6.383  13.139  1.00 65.87 ? 140 ILE A CD1 1 
# 
loop_
_pdbx_poly_seq_scheme.asym_id 
_pdbx_poly_seq_scheme.entity_id 
_pdbx_poly_seq_scheme.seq_id 
_pdbx_poly_seq_scheme.mon_id 
_pdbx_poly_seq_scheme.ndb_seq_num 
_pdbx_poly_seq_scheme.pdb_seq_num 
_pdbx_poly_seq_scheme.auth_seq_num 
_pdbx_poly_seq_scheme.pdb_mon_id 
_pdbx_poly_seq_scheme.auth_mon_id 
_pdbx_poly_seq_scheme.pdb_strand_id 
_pdbx_poly_seq_scheme.pdb_ins_code 
_pdbx_poly_seq_scheme.hetero 
A 1 1   GLY 1   -1  ?   ?   ?   A . n 
A 1 2   HIS 2   0   ?   ?   ?   A . n 
A 1 3   MET 3   1   ?   ?   ?   A . n 
A 1 4   GLY 4   2   ?   ?   ?   A . n 
A 1 5   LEU 5   3   ?   ?   ?   A . n 
A 1 6   PHE 6   4   ?   ?   ?   A . n 
A 1 7   GLY 7   5   ?   ?   ?   A . n 
A 1 8   LYS 8   6   ?   ?   ?   A . n 
A 1 9   THR 9   7   ?   ?   ?   A . n 
A 1 10  GLN 10  8   8   GLN ALA A . n 
A 1 11  GLU 11  9   9   GLU GLU A . n 
A 1 12  LYS 12  10  10  LYS LYS A . n 
A 1 13  PRO 13  11  11  PRO PRO A . n 
A 1 14  PRO 14  12  12  PRO PRO A . n 
A 1 15  LYS 15  13  13  LYS LYS A . n 
A 1 16  GLU 16  14  14  GLU GLU A . n 
A 1 17  LEU 17  15  15  LEU LEU A . n 
A 1 18  VAL 18  16  16  VAL VAL A . n 
A 1 19  ASN 19  17  17  ASN ASN A . n 
A 1 20  GLU 20  18  18  GLU GLU A . n 
A 1 21  TRP 21  19  19  TRP TRP A . n 
A 1 22  SER 22  20  20  SER SER A . n 
A 1 23  LEU 23  21  21  LEU LEU A . n 
A 1 24  LYS 24  22  22  LYS LYS A . n 
A 1 25  ILE 25  23  23  ILE ILE A . n 
A 1 26  ARG 26  24  24  ARG ARG A . n 
A 1 27  LYS 27  25  25  LYS LYS A . n 
A 1 28  GLU 28  26  26  GLU GLU A . n 
A 1 29  MET 29  27  27  MET MET A . n 
A 1 30  ARG 30  28  28  ARG ARG A . n 
A 1 31  VAL 31  29  29  VAL VAL A . n 
A 1 32  VAL 32  30  30  VAL VAL A . n 
A 1 33  ASP 33  31  31  ASP ASP A . n 
A 1 34  ARG 34  32  32  ARG ARG A . n 
A 1 35  GLN 35  33  33  GLN GLN A . n 
A 1 36  ILE 36  34  34  ILE ILE A . n 
A 1 37  ARG 37  35  35  ARG ARG A . n 
A 1 38  ASP 38  36  36  ASP ASP A . n 
A 1 39  ILE 39  37  37  ILE ILE A . n 
A 1 40  GLN 40  38  38  GLN GLN A . n 
A 1 41  ARG 41  39  39  ARG ARG A . n 
A 1 42  GLU 42  40  40  GLU GLU A . n 
A 1 43  GLU 43  41  41  GLU GLU A . n 
A 1 44  GLU 44  42  42  GLU GLU A . n 
A 1 45  LYS 45  43  43  LYS LYS A . n 
A 1 46  VAL 46  44  44  VAL VAL A . n 
A 1 47  LYS 47  45  45  LYS LYS A . n 
A 1 48  ARG 48  46  46  ARG ARG A . n 
A 1 49  SER 49  47  47  SER SER A . n 
A 1 50  VAL 50  48  48  VAL VAL A . n 
A 1 51  LYS 51  49  49  LYS LYS A . n 
A 1 52  ASP 52  50  50  ASP ASP A . n 
A 1 53  ALA 53  51  51  ALA ALA A . n 
A 1 54  ALA 54  52  52  ALA ALA A . n 
A 1 55  LYS 55  53  53  LYS LYS A . n 
A 1 56  LYS 56  54  54  LYS LYS A . n 
A 1 57  GLY 57  55  55  GLY GLY A . n 
A 1 58  GLN 58  56  56  GLN GLN A . n 
A 1 59  LYS 59  57  57  LYS LYS A . n 
A 1 60  ASP 60  58  58  ASP ASP A . n 
A 1 61  VAL 61  59  59  VAL VAL A . n 
A 1 62  CYS 62  60  60  CYS CYS A . n 
A 1 63  ILE 63  61  61  ILE ILE A . n 
A 1 64  VAL 64  62  62  VAL VAL A . n 
A 1 65  LEU 65  63  63  LEU LEU A . n 
A 1 66  ALA 66  64  64  ALA ALA A . n 
A 1 67  LYS 67  65  65  LYS LYS A . n 
A 1 68  GLU 68  66  66  GLU GLU A . n 
A 1 69  MET 69  67  67  MET MET A . n 
A 1 70  ILE 70  68  68  ILE ILE A . n 
A 1 71  ARG 71  69  69  ARG ARG A . n 
A 1 72  SER 72  70  70  SER SER A . n 
A 1 73  ARG 73  71  71  ARG ARG A . n 
A 1 74  LYS 74  72  72  LYS LYS A . n 
A 1 75  ALA 75  73  73  ALA ALA A . n 
A 1 76  VAL 76  74  74  VAL VAL A . n 
A 1 77  SER 77  75  75  SER SER A . n 
A 1 78  LYS 78  76  76  LYS LYS A . n 
A 1 79  LEU 79  77  77  LEU LEU A . n 
A 1 80  TYR 80  78  78  TYR TYR A . n 
A 1 81  ALA 81  79  79  ALA ALA A . n 
A 1 82  SER 82  80  80  SER SER A . n 
A 1 83  LYS 83  81  81  LYS LYS A . n 
A 1 84  ALA 84  82  82  ALA ALA A . n 
A 1 85  HIS 85  83  83  HIS HIS A . n 
A 1 86  MET 86  84  84  MET MET A . n 
A 1 87  ASN 87  85  85  ASN ASN A . n 
A 1 88  SER 88  86  86  SER SER A . n 
A 1 89  VAL 89  87  87  VAL VAL A . n 
A 1 90  LEU 90  88  88  LEU LEU A . n 
A 1 91  MET 91  89  89  MET MET A . n 
A 1 92  GLY 92  90  90  GLY GLY A . n 
A 1 93  MET 93  91  91  MET MET A . n 
A 1 94  LYS 94  92  92  LYS LYS A . n 
A 1 95  ASN 95  93  93  ASN ASN A . n 
A 1 96  GLN 96  94  94  GLN GLN A . n 
A 1 97  LEU 97  95  95  LEU LEU A . n 
A 1 98  ALA 98  96  96  ALA ALA A . n 
A 1 99  VAL 99  97  97  VAL VAL A . n 
A 1 100 LEU 100 98  98  LEU LEU A . n 
A 1 101 ARG 101 99  99  ARG ARG A . n 
A 1 102 VAL 102 100 100 VAL VAL A . n 
A 1 103 ALA 103 101 101 ALA ALA A . n 
A 1 104 GLY 104 102 102 GLY GLY A . n 
A 1 105 SER 105 103 103 SER SER A . n 
A 1 106 LEU 106 104 104 LEU LEU A . n 
A 1 107 GLN 107 105 105 GLN GLN A . n 
A 1 108 LYS 108 106 106 LYS LYS A . n 
A 1 109 SER 109 107 107 SER SER A . n 
A 1 110 THR 110 108 108 THR THR A . n 
A 1 111 GLU 111 109 109 GLU GLU A . n 
A 1 112 VAL 112 110 110 VAL VAL A . n 
A 1 113 MET 113 111 111 MET MET A . n 
A 1 114 LYS 114 112 112 LYS LYS A . n 
A 1 115 ALA 115 113 113 ALA ALA A . n 
A 1 116 MET 116 114 114 MET MET A . n 
A 1 117 GLN 117 115 115 GLN GLN A . n 
A 1 118 SER 118 116 116 SER SER A . n 
A 1 119 LEU 119 117 117 LEU LEU A . n 
A 1 120 VAL 120 118 118 VAL VAL A . n 
A 1 121 LYS 121 119 119 LYS LYS A . n 
A 1 122 ILE 122 120 120 ILE ILE A . n 
A 1 123 PRO 123 121 121 PRO PRO A . n 
A 1 124 GLU 124 122 122 GLU GLU A . n 
A 1 125 ILE 125 123 123 ILE ILE A . n 
A 1 126 GLN 126 124 124 GLN GLN A . n 
A 1 127 ALA 127 125 125 ALA ALA A . n 
A 1 128 THR 128 126 126 THR THR A . n 
A 1 129 MET 129 127 127 MET MET A . n 
A 1 130 ARG 130 128 128 ARG ARG A . n 
A 1 131 GLU 131 129 129 GLU GLU A . n 
A 1 132 LEU 132 130 130 LEU LEU A . n 
A 1 133 SER 133 131 131 SER SER A . n 
A 1 134 LYS 134 132 132 LYS LYS A . n 
A 1 135 GLU 135 133 133 GLU GLU A . n 
A 1 136 MET 136 134 134 MET MET A . n 
A 1 137 MET 137 135 135 MET MET A . n 
A 1 138 LYS 138 136 136 LYS LYS A . n 
A 1 139 ALA 139 137 137 ALA ALA A . n 
A 1 140 GLY 140 138 138 GLY GLY A . n 
A 1 141 ILE 141 139 139 ILE ILE A . n 
A 1 142 ILE 142 140 140 ILE ILE A . n 
A 1 143 GLU 143 141 ?   ?   ?   A . n 
A 1 144 GLU 144 142 ?   ?   ?   A . n 
A 1 145 MET 145 143 ?   ?   ?   A . n 
A 1 146 LEU 146 144 ?   ?   ?   A . n 
A 1 147 GLU 147 145 ?   ?   ?   A . n 
A 1 148 ASP 148 146 ?   ?   ?   A . n 
A 1 149 THR 149 147 ?   ?   ?   A . n 
A 1 150 PHE 150 148 ?   ?   ?   A . n 
A 1 151 GLU 151 149 ?   ?   ?   A . n 
A 1 152 SER 152 150 ?   ?   ?   A . n 
# 
_pdbx_struct_assembly.id                   1 
_pdbx_struct_assembly.details              author_and_software_defined_assembly 
_pdbx_struct_assembly.method_details       PISA 
_pdbx_struct_assembly.oligomeric_details   monomeric 
_pdbx_struct_assembly.oligomeric_count     1 
# 
_pdbx_struct_assembly_gen.assembly_id       1 
_pdbx_struct_assembly_gen.oper_expression   1 
_pdbx_struct_assembly_gen.asym_id_list      A 
# 
_pdbx_struct_oper_list.id                   1 
_pdbx_struct_oper_list.type                 'identity operation' 
_pdbx_struct_oper_list.name                 1_555 
_pdbx_struct_oper_list.symmetry_operation   x,y,z 
_pdbx_struct_oper_list.matrix[1][1]         1.0000000000 
_pdbx_struct_oper_list.matrix[1][2]         0.0000000000 
_pdbx_struct_oper_list.matrix[1][3]         0.0000000000 
_pdbx_struct_oper_list.vector[1]            0.0000000000 
_pdbx_struct_oper_list.matrix[2][1]         0.0000000000 
_pdbx_struct_oper_list.matrix[2][2]         1.0000000000 
_pdbx_struct_oper_list.matrix[2][3]         0.0000000000 
_pdbx_struct_oper_list.vector[2]            0.0000000000 
_pdbx_struct_oper_list.matrix[3][1]         0.0000000000 
_pdbx_struct_oper_list.matrix[3][2]         0.0000000000 
_pdbx_struct_oper_list.matrix[3][3]         1.0000000000 
_pdbx_struct_oper_list.vector[3]            0.0000000000 
# 
loop_
_pdbx_audit_revision_history.ordinal 
_pdbx_audit_revision_history.data_content_type 
_pdbx_audit_revision_history.major_revision 
_pdbx_audit_revision_history.minor_revision 
_pdbx_audit_revision_history.revision_date 
1 'Structure model' 1 0 2009-06-30 
2 'Structure model' 1 1 2011-07-13 
3 'Structure model' 1 2 2017-11-01 
4 'Structure model' 1 3 2023-09-06 
# 
_pdbx_audit_revision_details.ordinal             1 
_pdbx_audit_revision_details.revision_ordinal    1 
_pdbx_audit_revision_details.data_content_type   'Structure model' 
_pdbx_audit_revision_details.provider            repository 
_pdbx_audit_revision_details.type                'Initial release' 
_pdbx_audit_revision_details.description         ? 
_pdbx_audit_revision_details.details             ? 
# 
loop_
_pdbx_audit_revision_group.ordinal 
_pdbx_audit_revision_group.revision_ordinal 
_pdbx_audit_revision_group.data_content_type 
_pdbx_audit_revision_group.group 
1 2 'Structure model' 'Version format compliance' 
2 3 'Structure model' 'Refinement description'    
3 4 'Structure model' 'Data collection'           
4 4 'Structure model' 'Database references'       
5 4 'Structure model' 'Refinement description'    
# 
loop_
_pdbx_audit_revision_category.ordinal 
_pdbx_audit_revision_category.revision_ordinal 
_pdbx_audit_revision_category.data_content_type 
_pdbx_audit_revision_category.category 
1 3 'Structure model' software                      
2 4 'Structure model' chem_comp_atom                
3 4 'Structure model' chem_comp_bond                
4 4 'Structure model' database_2                    
5 4 'Structure model' pdbx_initial_refinement_model 
6 4 'Structure model' struct_ref_seq_dif            
# 
loop_
_pdbx_audit_revision_item.ordinal 
_pdbx_audit_revision_item.revision_ordinal 
_pdbx_audit_revision_item.data_content_type 
_pdbx_audit_revision_item.item 
1 4 'Structure model' '_database_2.pdbx_DOI'                
2 4 'Structure model' '_database_2.pdbx_database_accession' 
3 4 'Structure model' '_struct_ref_seq_dif.details'         
# 
loop_
_software.name 
_software.classification 
_software.version 
_software.citation_id 
_software.pdbx_ordinal 
CrystalClear 'data collection' . ? 1 
PHASER       phasing           . ? 2 
HKL-2000     'data reduction'  . ? 3 
HKL-2000     'data scaling'    . ? 4 
# 
loop_
_pdbx_validate_torsion.id 
_pdbx_validate_torsion.PDB_model_num 
_pdbx_validate_torsion.auth_comp_id 
_pdbx_validate_torsion.auth_asym_id 
_pdbx_validate_torsion.auth_seq_id 
_pdbx_validate_torsion.PDB_ins_code 
_pdbx_validate_torsion.label_alt_id 
_pdbx_validate_torsion.phi 
_pdbx_validate_torsion.psi 
1  1 GLU A 9   ? ? -157.40 62.05   
2  1 LYS A 13  ? ? -61.07  52.78   
3  1 SER A 75  ? ? -54.61  -71.33  
4  1 ALA A 79  ? ? -57.21  -74.21  
5  1 ALA A 101 ? ? -92.89  -70.49  
6  1 SER A 103 ? ? -171.22 124.46  
7  1 LEU A 104 ? ? -53.87  -179.50 
8  1 LYS A 106 ? ? -52.12  171.43  
9  1 SER A 107 ? ? -167.74 97.38   
10 1 VAL A 110 ? ? -73.94  20.43   
11 1 VAL A 118 ? ? -75.05  42.40   
12 1 PRO A 121 ? ? -58.78  92.64   
13 1 GLU A 122 ? ? 139.02  171.17  
14 1 ILE A 123 ? ? -61.91  11.01   
15 1 GLN A 124 ? ? -58.56  39.02   
# 
loop_
_pdbx_unobs_or_zero_occ_atoms.id 
_pdbx_unobs_or_zero_occ_atoms.PDB_model_num 
_pdbx_unobs_or_zero_occ_atoms.polymer_flag 
_pdbx_unobs_or_zero_occ_atoms.occupancy_flag 
_pdbx_unobs_or_zero_occ_atoms.auth_asym_id 
_pdbx_unobs_or_zero_occ_atoms.auth_comp_id 
_pdbx_unobs_or_zero_occ_atoms.auth_seq_id 
_pdbx_unobs_or_zero_occ_atoms.PDB_ins_code 
_pdbx_unobs_or_zero_occ_atoms.auth_atom_id 
_pdbx_unobs_or_zero_occ_atoms.label_alt_id 
_pdbx_unobs_or_zero_occ_atoms.label_asym_id 
_pdbx_unobs_or_zero_occ_atoms.label_comp_id 
_pdbx_unobs_or_zero_occ_atoms.label_seq_id 
_pdbx_unobs_or_zero_occ_atoms.label_atom_id 
1 1 Y 1 A GLN 8 ? CG  ? A GLN 10 CG  
2 1 Y 1 A GLN 8 ? CD  ? A GLN 10 CD  
3 1 Y 1 A GLN 8 ? OE1 ? A GLN 10 OE1 
4 1 Y 1 A GLN 8 ? NE2 ? A GLN 10 NE2 
# 
loop_
_pdbx_unobs_or_zero_occ_residues.id 
_pdbx_unobs_or_zero_occ_residues.PDB_model_num 
_pdbx_unobs_or_zero_occ_residues.polymer_flag 
_pdbx_unobs_or_zero_occ_residues.occupancy_flag 
_pdbx_unobs_or_zero_occ_residues.auth_asym_id 
_pdbx_unobs_or_zero_occ_residues.auth_comp_id 
_pdbx_unobs_or_zero_occ_residues.auth_seq_id 
_pdbx_unobs_or_zero_occ_residues.PDB_ins_code 
_pdbx_unobs_or_zero_occ_residues.label_asym_id 
_pdbx_unobs_or_zero_occ_residues.label_comp_id 
_pdbx_unobs_or_zero_occ_residues.label_seq_id 
1  1 Y 1 A GLY -1  ? A GLY 1   
2  1 Y 1 A HIS 0   ? A HIS 2   
3  1 Y 1 A MET 1   ? A MET 3   
4  1 Y 1 A GLY 2   ? A GLY 4   
5  1 Y 1 A LEU 3   ? A LEU 5   
6  1 Y 1 A PHE 4   ? A PHE 6   
7  1 Y 1 A GLY 5   ? A GLY 7   
8  1 Y 1 A LYS 6   ? A LYS 8   
9  1 Y 1 A THR 7   ? A THR 9   
10 1 Y 1 A GLU 141 ? A GLU 143 
11 1 Y 1 A GLU 142 ? A GLU 144 
12 1 Y 1 A MET 143 ? A MET 145 
13 1 Y 1 A LEU 144 ? A LEU 146 
14 1 Y 1 A GLU 145 ? A GLU 147 
15 1 Y 1 A ASP 146 ? A ASP 148 
16 1 Y 1 A THR 147 ? A THR 149 
17 1 Y 1 A PHE 148 ? A PHE 150 
18 1 Y 1 A GLU 149 ? A GLU 151 
19 1 Y 1 A SER 150 ? A SER 152 
# 
loop_
_chem_comp_atom.comp_id 
_chem_comp_atom.atom_id 
_chem_comp_atom.type_symbol 
_chem_comp_atom.pdbx_aromatic_flag 
_chem_comp_atom.pdbx_stereo_config 
_chem_comp_atom.pdbx_ordinal 
ALA N    N N N 1   
ALA CA   C N S 2   
ALA C    C N N 3   
ALA O    O N N 4   
ALA CB   C N N 5   
ALA OXT  O N N 6   
ALA H    H N N 7   
ALA H2   H N N 8   
ALA HA   H N N 9   
ALA HB1  H N N 10  
ALA HB2  H N N 11  
ALA HB3  H N N 12  
ALA HXT  H N N 13  
ARG N    N N N 14  
ARG CA   C N S 15  
ARG C    C N N 16  
ARG O    O N N 17  
ARG CB   C N N 18  
ARG CG   C N N 19  
ARG CD   C N N 20  
ARG NE   N N N 21  
ARG CZ   C N N 22  
ARG NH1  N N N 23  
ARG NH2  N N N 24  
ARG OXT  O N N 25  
ARG H    H N N 26  
ARG H2   H N N 27  
ARG HA   H N N 28  
ARG HB2  H N N 29  
ARG HB3  H N N 30  
ARG HG2  H N N 31  
ARG HG3  H N N 32  
ARG HD2  H N N 33  
ARG HD3  H N N 34  
ARG HE   H N N 35  
ARG HH11 H N N 36  
ARG HH12 H N N 37  
ARG HH21 H N N 38  
ARG HH22 H N N 39  
ARG HXT  H N N 40  
ASN N    N N N 41  
ASN CA   C N S 42  
ASN C    C N N 43  
ASN O    O N N 44  
ASN CB   C N N 45  
ASN CG   C N N 46  
ASN OD1  O N N 47  
ASN ND2  N N N 48  
ASN OXT  O N N 49  
ASN H    H N N 50  
ASN H2   H N N 51  
ASN HA   H N N 52  
ASN HB2  H N N 53  
ASN HB3  H N N 54  
ASN HD21 H N N 55  
ASN HD22 H N N 56  
ASN HXT  H N N 57  
ASP N    N N N 58  
ASP CA   C N S 59  
ASP C    C N N 60  
ASP O    O N N 61  
ASP CB   C N N 62  
ASP CG   C N N 63  
ASP OD1  O N N 64  
ASP OD2  O N N 65  
ASP OXT  O N N 66  
ASP H    H N N 67  
ASP H2   H N N 68  
ASP HA   H N N 69  
ASP HB2  H N N 70  
ASP HB3  H N N 71  
ASP HD2  H N N 72  
ASP HXT  H N N 73  
CYS N    N N N 74  
CYS CA   C N R 75  
CYS C    C N N 76  
CYS O    O N N 77  
CYS CB   C N N 78  
CYS SG   S N N 79  
CYS OXT  O N N 80  
CYS H    H N N 81  
CYS H2   H N N 82  
CYS HA   H N N 83  
CYS HB2  H N N 84  
CYS HB3  H N N 85  
CYS HG   H N N 86  
CYS HXT  H N N 87  
GLN N    N N N 88  
GLN CA   C N S 89  
GLN C    C N N 90  
GLN O    O N N 91  
GLN CB   C N N 92  
GLN CG   C N N 93  
GLN CD   C N N 94  
GLN OE1  O N N 95  
GLN NE2  N N N 96  
GLN OXT  O N N 97  
GLN H    H N N 98  
GLN H2   H N N 99  
GLN HA   H N N 100 
GLN HB2  H N N 101 
GLN HB3  H N N 102 
GLN HG2  H N N 103 
GLN HG3  H N N 104 
GLN HE21 H N N 105 
GLN HE22 H N N 106 
GLN HXT  H N N 107 
GLU N    N N N 108 
GLU CA   C N S 109 
GLU C    C N N 110 
GLU O    O N N 111 
GLU CB   C N N 112 
GLU CG   C N N 113 
GLU CD   C N N 114 
GLU OE1  O N N 115 
GLU OE2  O N N 116 
GLU OXT  O N N 117 
GLU H    H N N 118 
GLU H2   H N N 119 
GLU HA   H N N 120 
GLU HB2  H N N 121 
GLU HB3  H N N 122 
GLU HG2  H N N 123 
GLU HG3  H N N 124 
GLU HE2  H N N 125 
GLU HXT  H N N 126 
GLY N    N N N 127 
GLY CA   C N N 128 
GLY C    C N N 129 
GLY O    O N N 130 
GLY OXT  O N N 131 
GLY H    H N N 132 
GLY H2   H N N 133 
GLY HA2  H N N 134 
GLY HA3  H N N 135 
GLY HXT  H N N 136 
HIS N    N N N 137 
HIS CA   C N S 138 
HIS C    C N N 139 
HIS O    O N N 140 
HIS CB   C N N 141 
HIS CG   C Y N 142 
HIS ND1  N Y N 143 
HIS CD2  C Y N 144 
HIS CE1  C Y N 145 
HIS NE2  N Y N 146 
HIS OXT  O N N 147 
HIS H    H N N 148 
HIS H2   H N N 149 
HIS HA   H N N 150 
HIS HB2  H N N 151 
HIS HB3  H N N 152 
HIS HD1  H N N 153 
HIS HD2  H N N 154 
HIS HE1  H N N 155 
HIS HE2  H N N 156 
HIS HXT  H N N 157 
ILE N    N N N 158 
ILE CA   C N S 159 
ILE C    C N N 160 
ILE O    O N N 161 
ILE CB   C N S 162 
ILE CG1  C N N 163 
ILE CG2  C N N 164 
ILE CD1  C N N 165 
ILE OXT  O N N 166 
ILE H    H N N 167 
ILE H2   H N N 168 
ILE HA   H N N 169 
ILE HB   H N N 170 
ILE HG12 H N N 171 
ILE HG13 H N N 172 
ILE HG21 H N N 173 
ILE HG22 H N N 174 
ILE HG23 H N N 175 
ILE HD11 H N N 176 
ILE HD12 H N N 177 
ILE HD13 H N N 178 
ILE HXT  H N N 179 
LEU N    N N N 180 
LEU CA   C N S 181 
LEU C    C N N 182 
LEU O    O N N 183 
LEU CB   C N N 184 
LEU CG   C N N 185 
LEU CD1  C N N 186 
LEU CD2  C N N 187 
LEU OXT  O N N 188 
LEU H    H N N 189 
LEU H2   H N N 190 
LEU HA   H N N 191 
LEU HB2  H N N 192 
LEU HB3  H N N 193 
LEU HG   H N N 194 
LEU HD11 H N N 195 
LEU HD12 H N N 196 
LEU HD13 H N N 197 
LEU HD21 H N N 198 
LEU HD22 H N N 199 
LEU HD23 H N N 200 
LEU HXT  H N N 201 
LYS N    N N N 202 
LYS CA   C N S 203 
LYS C    C N N 204 
LYS O    O N N 205 
LYS CB   C N N 206 
LYS CG   C N N 207 
LYS CD   C N N 208 
LYS CE   C N N 209 
LYS NZ   N N N 210 
LYS OXT  O N N 211 
LYS H    H N N 212 
LYS H2   H N N 213 
LYS HA   H N N 214 
LYS HB2  H N N 215 
LYS HB3  H N N 216 
LYS HG2  H N N 217 
LYS HG3  H N N 218 
LYS HD2  H N N 219 
LYS HD3  H N N 220 
LYS HE2  H N N 221 
LYS HE3  H N N 222 
LYS HZ1  H N N 223 
LYS HZ2  H N N 224 
LYS HZ3  H N N 225 
LYS HXT  H N N 226 
MET N    N N N 227 
MET CA   C N S 228 
MET C    C N N 229 
MET O    O N N 230 
MET CB   C N N 231 
MET CG   C N N 232 
MET SD   S N N 233 
MET CE   C N N 234 
MET OXT  O N N 235 
MET H    H N N 236 
MET H2   H N N 237 
MET HA   H N N 238 
MET HB2  H N N 239 
MET HB3  H N N 240 
MET HG2  H N N 241 
MET HG3  H N N 242 
MET HE1  H N N 243 
MET HE2  H N N 244 
MET HE3  H N N 245 
MET HXT  H N N 246 
PHE N    N N N 247 
PHE CA   C N S 248 
PHE C    C N N 249 
PHE O    O N N 250 
PHE CB   C N N 251 
PHE CG   C Y N 252 
PHE CD1  C Y N 253 
PHE CD2  C Y N 254 
PHE CE1  C Y N 255 
PHE CE2  C Y N 256 
PHE CZ   C Y N 257 
PHE OXT  O N N 258 
PHE H    H N N 259 
PHE H2   H N N 260 
PHE HA   H N N 261 
PHE HB2  H N N 262 
PHE HB3  H N N 263 
PHE HD1  H N N 264 
PHE HD2  H N N 265 
PHE HE1  H N N 266 
PHE HE2  H N N 267 
PHE HZ   H N N 268 
PHE HXT  H N N 269 
PRO N    N N N 270 
PRO CA   C N S 271 
PRO C    C N N 272 
PRO O    O N N 273 
PRO CB   C N N 274 
PRO CG   C N N 275 
PRO CD   C N N 276 
PRO OXT  O N N 277 
PRO H    H N N 278 
PRO HA   H N N 279 
PRO HB2  H N N 280 
PRO HB3  H N N 281 
PRO HG2  H N N 282 
PRO HG3  H N N 283 
PRO HD2  H N N 284 
PRO HD3  H N N 285 
PRO HXT  H N N 286 
SER N    N N N 287 
SER CA   C N S 288 
SER C    C N N 289 
SER O    O N N 290 
SER CB   C N N 291 
SER OG   O N N 292 
SER OXT  O N N 293 
SER H    H N N 294 
SER H2   H N N 295 
SER HA   H N N 296 
SER HB2  H N N 297 
SER HB3  H N N 298 
SER HG   H N N 299 
SER HXT  H N N 300 
THR N    N N N 301 
THR CA   C N S 302 
THR C    C N N 303 
THR O    O N N 304 
THR CB   C N R 305 
THR OG1  O N N 306 
THR CG2  C N N 307 
THR OXT  O N N 308 
THR H    H N N 309 
THR H2   H N N 310 
THR HA   H N N 311 
THR HB   H N N 312 
THR HG1  H N N 313 
THR HG21 H N N 314 
THR HG22 H N N 315 
THR HG23 H N N 316 
THR HXT  H N N 317 
TRP N    N N N 318 
TRP CA   C N S 319 
TRP C    C N N 320 
TRP O    O N N 321 
TRP CB   C N N 322 
TRP CG   C Y N 323 
TRP CD1  C Y N 324 
TRP CD2  C Y N 325 
TRP NE1  N Y N 326 
TRP CE2  C Y N 327 
TRP CE3  C Y N 328 
TRP CZ2  C Y N 329 
TRP CZ3  C Y N 330 
TRP CH2  C Y N 331 
TRP OXT  O N N 332 
TRP H    H N N 333 
TRP H2   H N N 334 
TRP HA   H N N 335 
TRP HB2  H N N 336 
TRP HB3  H N N 337 
TRP HD1  H N N 338 
TRP HE1  H N N 339 
TRP HE3  H N N 340 
TRP HZ2  H N N 341 
TRP HZ3  H N N 342 
TRP HH2  H N N 343 
TRP HXT  H N N 344 
TYR N    N N N 345 
TYR CA   C N S 346 
TYR C    C N N 347 
TYR O    O N N 348 
TYR CB   C N N 349 
TYR CG   C Y N 350 
TYR CD1  C Y N 351 
TYR CD2  C Y N 352 
TYR CE1  C Y N 353 
TYR CE2  C Y N 354 
TYR CZ   C Y N 355 
TYR OH   O N N 356 
TYR OXT  O N N 357 
TYR H    H N N 358 
TYR H2   H N N 359 
TYR HA   H N N 360 
TYR HB2  H N N 361 
TYR HB3  H N N 362 
TYR HD1  H N N 363 
TYR HD2  H N N 364 
TYR HE1  H N N 365 
TYR HE2  H N N 366 
TYR HH   H N N 367 
TYR HXT  H N N 368 
VAL N    N N N 369 
VAL CA   C N S 370 
VAL C    C N N 371 
VAL O    O N N 372 
VAL CB   C N N 373 
VAL CG1  C N N 374 
VAL CG2  C N N 375 
VAL OXT  O N N 376 
VAL H    H N N 377 
VAL H2   H N N 378 
VAL HA   H N N 379 
VAL HB   H N N 380 
VAL HG11 H N N 381 
VAL HG12 H N N 382 
VAL HG13 H N N 383 
VAL HG21 H N N 384 
VAL HG22 H N N 385 
VAL HG23 H N N 386 
VAL HXT  H N N 387 
# 
loop_
_chem_comp_bond.comp_id 
_chem_comp_bond.atom_id_1 
_chem_comp_bond.atom_id_2 
_chem_comp_bond.value_order 
_chem_comp_bond.pdbx_aromatic_flag 
_chem_comp_bond.pdbx_stereo_config 
_chem_comp_bond.pdbx_ordinal 
ALA N   CA   sing N N 1   
ALA N   H    sing N N 2   
ALA N   H2   sing N N 3   
ALA CA  C    sing N N 4   
ALA CA  CB   sing N N 5   
ALA CA  HA   sing N N 6   
ALA C   O    doub N N 7   
ALA C   OXT  sing N N 8   
ALA CB  HB1  sing N N 9   
ALA CB  HB2  sing N N 10  
ALA CB  HB3  sing N N 11  
ALA OXT HXT  sing N N 12  
ARG N   CA   sing N N 13  
ARG N   H    sing N N 14  
ARG N   H2   sing N N 15  
ARG CA  C    sing N N 16  
ARG CA  CB   sing N N 17  
ARG CA  HA   sing N N 18  
ARG C   O    doub N N 19  
ARG C   OXT  sing N N 20  
ARG CB  CG   sing N N 21  
ARG CB  HB2  sing N N 22  
ARG CB  HB3  sing N N 23  
ARG CG  CD   sing N N 24  
ARG CG  HG2  sing N N 25  
ARG CG  HG3  sing N N 26  
ARG CD  NE   sing N N 27  
ARG CD  HD2  sing N N 28  
ARG CD  HD3  sing N N 29  
ARG NE  CZ   sing N N 30  
ARG NE  HE   sing N N 31  
ARG CZ  NH1  sing N N 32  
ARG CZ  NH2  doub N N 33  
ARG NH1 HH11 sing N N 34  
ARG NH1 HH12 sing N N 35  
ARG NH2 HH21 sing N N 36  
ARG NH2 HH22 sing N N 37  
ARG OXT HXT  sing N N 38  
ASN N   CA   sing N N 39  
ASN N   H    sing N N 40  
ASN N   H2   sing N N 41  
ASN CA  C    sing N N 42  
ASN CA  CB   sing N N 43  
ASN CA  HA   sing N N 44  
ASN C   O    doub N N 45  
ASN C   OXT  sing N N 46  
ASN CB  CG   sing N N 47  
ASN CB  HB2  sing N N 48  
ASN CB  HB3  sing N N 49  
ASN CG  OD1  doub N N 50  
ASN CG  ND2  sing N N 51  
ASN ND2 HD21 sing N N 52  
ASN ND2 HD22 sing N N 53  
ASN OXT HXT  sing N N 54  
ASP N   CA   sing N N 55  
ASP N   H    sing N N 56  
ASP N   H2   sing N N 57  
ASP CA  C    sing N N 58  
ASP CA  CB   sing N N 59  
ASP CA  HA   sing N N 60  
ASP C   O    doub N N 61  
ASP C   OXT  sing N N 62  
ASP CB  CG   sing N N 63  
ASP CB  HB2  sing N N 64  
ASP CB  HB3  sing N N 65  
ASP CG  OD1  doub N N 66  
ASP CG  OD2  sing N N 67  
ASP OD2 HD2  sing N N 68  
ASP OXT HXT  sing N N 69  
CYS N   CA   sing N N 70  
CYS N   H    sing N N 71  
CYS N   H2   sing N N 72  
CYS CA  C    sing N N 73  
CYS CA  CB   sing N N 74  
CYS CA  HA   sing N N 75  
CYS C   O    doub N N 76  
CYS C   OXT  sing N N 77  
CYS CB  SG   sing N N 78  
CYS CB  HB2  sing N N 79  
CYS CB  HB3  sing N N 80  
CYS SG  HG   sing N N 81  
CYS OXT HXT  sing N N 82  
GLN N   CA   sing N N 83  
GLN N   H    sing N N 84  
GLN N   H2   sing N N 85  
GLN CA  C    sing N N 86  
GLN CA  CB   sing N N 87  
GLN CA  HA   sing N N 88  
GLN C   O    doub N N 89  
GLN C   OXT  sing N N 90  
GLN CB  CG   sing N N 91  
GLN CB  HB2  sing N N 92  
GLN CB  HB3  sing N N 93  
GLN CG  CD   sing N N 94  
GLN CG  HG2  sing N N 95  
GLN CG  HG3  sing N N 96  
GLN CD  OE1  doub N N 97  
GLN CD  NE2  sing N N 98  
GLN NE2 HE21 sing N N 99  
GLN NE2 HE22 sing N N 100 
GLN OXT HXT  sing N N 101 
GLU N   CA   sing N N 102 
GLU N   H    sing N N 103 
GLU N   H2   sing N N 104 
GLU CA  C    sing N N 105 
GLU CA  CB   sing N N 106 
GLU CA  HA   sing N N 107 
GLU C   O    doub N N 108 
GLU C   OXT  sing N N 109 
GLU CB  CG   sing N N 110 
GLU CB  HB2  sing N N 111 
GLU CB  HB3  sing N N 112 
GLU CG  CD   sing N N 113 
GLU CG  HG2  sing N N 114 
GLU CG  HG3  sing N N 115 
GLU CD  OE1  doub N N 116 
GLU CD  OE2  sing N N 117 
GLU OE2 HE2  sing N N 118 
GLU OXT HXT  sing N N 119 
GLY N   CA   sing N N 120 
GLY N   H    sing N N 121 
GLY N   H2   sing N N 122 
GLY CA  C    sing N N 123 
GLY CA  HA2  sing N N 124 
GLY CA  HA3  sing N N 125 
GLY C   O    doub N N 126 
GLY C   OXT  sing N N 127 
GLY OXT HXT  sing N N 128 
HIS N   CA   sing N N 129 
HIS N   H    sing N N 130 
HIS N   H2   sing N N 131 
HIS CA  C    sing N N 132 
HIS CA  CB   sing N N 133 
HIS CA  HA   sing N N 134 
HIS C   O    doub N N 135 
HIS C   OXT  sing N N 136 
HIS CB  CG   sing N N 137 
HIS CB  HB2  sing N N 138 
HIS CB  HB3  sing N N 139 
HIS CG  ND1  sing Y N 140 
HIS CG  CD2  doub Y N 141 
HIS ND1 CE1  doub Y N 142 
HIS ND1 HD1  sing N N 143 
HIS CD2 NE2  sing Y N 144 
HIS CD2 HD2  sing N N 145 
HIS CE1 NE2  sing Y N 146 
HIS CE1 HE1  sing N N 147 
HIS NE2 HE2  sing N N 148 
HIS OXT HXT  sing N N 149 
ILE N   CA   sing N N 150 
ILE N   H    sing N N 151 
ILE N   H2   sing N N 152 
ILE CA  C    sing N N 153 
ILE CA  CB   sing N N 154 
ILE CA  HA   sing N N 155 
ILE C   O    doub N N 156 
ILE C   OXT  sing N N 157 
ILE CB  CG1  sing N N 158 
ILE CB  CG2  sing N N 159 
ILE CB  HB   sing N N 160 
ILE CG1 CD1  sing N N 161 
ILE CG1 HG12 sing N N 162 
ILE CG1 HG13 sing N N 163 
ILE CG2 HG21 sing N N 164 
ILE CG2 HG22 sing N N 165 
ILE CG2 HG23 sing N N 166 
ILE CD1 HD11 sing N N 167 
ILE CD1 HD12 sing N N 168 
ILE CD1 HD13 sing N N 169 
ILE OXT HXT  sing N N 170 
LEU N   CA   sing N N 171 
LEU N   H    sing N N 172 
LEU N   H2   sing N N 173 
LEU CA  C    sing N N 174 
LEU CA  CB   sing N N 175 
LEU CA  HA   sing N N 176 
LEU C   O    doub N N 177 
LEU C   OXT  sing N N 178 
LEU CB  CG   sing N N 179 
LEU CB  HB2  sing N N 180 
LEU CB  HB3  sing N N 181 
LEU CG  CD1  sing N N 182 
LEU CG  CD2  sing N N 183 
LEU CG  HG   sing N N 184 
LEU CD1 HD11 sing N N 185 
LEU CD1 HD12 sing N N 186 
LEU CD1 HD13 sing N N 187 
LEU CD2 HD21 sing N N 188 
LEU CD2 HD22 sing N N 189 
LEU CD2 HD23 sing N N 190 
LEU OXT HXT  sing N N 191 
LYS N   CA   sing N N 192 
LYS N   H    sing N N 193 
LYS N   H2   sing N N 194 
LYS CA  C    sing N N 195 
LYS CA  CB   sing N N 196 
LYS CA  HA   sing N N 197 
LYS C   O    doub N N 198 
LYS C   OXT  sing N N 199 
LYS CB  CG   sing N N 200 
LYS CB  HB2  sing N N 201 
LYS CB  HB3  sing N N 202 
LYS CG  CD   sing N N 203 
LYS CG  HG2  sing N N 204 
LYS CG  HG3  sing N N 205 
LYS CD  CE   sing N N 206 
LYS CD  HD2  sing N N 207 
LYS CD  HD3  sing N N 208 
LYS CE  NZ   sing N N 209 
LYS CE  HE2  sing N N 210 
LYS CE  HE3  sing N N 211 
LYS NZ  HZ1  sing N N 212 
LYS NZ  HZ2  sing N N 213 
LYS NZ  HZ3  sing N N 214 
LYS OXT HXT  sing N N 215 
MET N   CA   sing N N 216 
MET N   H    sing N N 217 
MET N   H2   sing N N 218 
MET CA  C    sing N N 219 
MET CA  CB   sing N N 220 
MET CA  HA   sing N N 221 
MET C   O    doub N N 222 
MET C   OXT  sing N N 223 
MET CB  CG   sing N N 224 
MET CB  HB2  sing N N 225 
MET CB  HB3  sing N N 226 
MET CG  SD   sing N N 227 
MET CG  HG2  sing N N 228 
MET CG  HG3  sing N N 229 
MET SD  CE   sing N N 230 
MET CE  HE1  sing N N 231 
MET CE  HE2  sing N N 232 
MET CE  HE3  sing N N 233 
MET OXT HXT  sing N N 234 
PHE N   CA   sing N N 235 
PHE N   H    sing N N 236 
PHE N   H2   sing N N 237 
PHE CA  C    sing N N 238 
PHE CA  CB   sing N N 239 
PHE CA  HA   sing N N 240 
PHE C   O    doub N N 241 
PHE C   OXT  sing N N 242 
PHE CB  CG   sing N N 243 
PHE CB  HB2  sing N N 244 
PHE CB  HB3  sing N N 245 
PHE CG  CD1  doub Y N 246 
PHE CG  CD2  sing Y N 247 
PHE CD1 CE1  sing Y N 248 
PHE CD1 HD1  sing N N 249 
PHE CD2 CE2  doub Y N 250 
PHE CD2 HD2  sing N N 251 
PHE CE1 CZ   doub Y N 252 
PHE CE1 HE1  sing N N 253 
PHE CE2 CZ   sing Y N 254 
PHE CE2 HE2  sing N N 255 
PHE CZ  HZ   sing N N 256 
PHE OXT HXT  sing N N 257 
PRO N   CA   sing N N 258 
PRO N   CD   sing N N 259 
PRO N   H    sing N N 260 
PRO CA  C    sing N N 261 
PRO CA  CB   sing N N 262 
PRO CA  HA   sing N N 263 
PRO C   O    doub N N 264 
PRO C   OXT  sing N N 265 
PRO CB  CG   sing N N 266 
PRO CB  HB2  sing N N 267 
PRO CB  HB3  sing N N 268 
PRO CG  CD   sing N N 269 
PRO CG  HG2  sing N N 270 
PRO CG  HG3  sing N N 271 
PRO CD  HD2  sing N N 272 
PRO CD  HD3  sing N N 273 
PRO OXT HXT  sing N N 274 
SER N   CA   sing N N 275 
SER N   H    sing N N 276 
SER N   H2   sing N N 277 
SER CA  C    sing N N 278 
SER CA  CB   sing N N 279 
SER CA  HA   sing N N 280 
SER C   O    doub N N 281 
SER C   OXT  sing N N 282 
SER CB  OG   sing N N 283 
SER CB  HB2  sing N N 284 
SER CB  HB3  sing N N 285 
SER OG  HG   sing N N 286 
SER OXT HXT  sing N N 287 
THR N   CA   sing N N 288 
THR N   H    sing N N 289 
THR N   H2   sing N N 290 
THR CA  C    sing N N 291 
THR CA  CB   sing N N 292 
THR CA  HA   sing N N 293 
THR C   O    doub N N 294 
THR C   OXT  sing N N 295 
THR CB  OG1  sing N N 296 
THR CB  CG2  sing N N 297 
THR CB  HB   sing N N 298 
THR OG1 HG1  sing N N 299 
THR CG2 HG21 sing N N 300 
THR CG2 HG22 sing N N 301 
THR CG2 HG23 sing N N 302 
THR OXT HXT  sing N N 303 
TRP N   CA   sing N N 304 
TRP N   H    sing N N 305 
TRP N   H2   sing N N 306 
TRP CA  C    sing N N 307 
TRP CA  CB   sing N N 308 
TRP CA  HA   sing N N 309 
TRP C   O    doub N N 310 
TRP C   OXT  sing N N 311 
TRP CB  CG   sing N N 312 
TRP CB  HB2  sing N N 313 
TRP CB  HB3  sing N N 314 
TRP CG  CD1  doub Y N 315 
TRP CG  CD2  sing Y N 316 
TRP CD1 NE1  sing Y N 317 
TRP CD1 HD1  sing N N 318 
TRP CD2 CE2  doub Y N 319 
TRP CD2 CE3  sing Y N 320 
TRP NE1 CE2  sing Y N 321 
TRP NE1 HE1  sing N N 322 
TRP CE2 CZ2  sing Y N 323 
TRP CE3 CZ3  doub Y N 324 
TRP CE3 HE3  sing N N 325 
TRP CZ2 CH2  doub Y N 326 
TRP CZ2 HZ2  sing N N 327 
TRP CZ3 CH2  sing Y N 328 
TRP CZ3 HZ3  sing N N 329 
TRP CH2 HH2  sing N N 330 
TRP OXT HXT  sing N N 331 
TYR N   CA   sing N N 332 
TYR N   H    sing N N 333 
TYR N   H2   sing N N 334 
TYR CA  C    sing N N 335 
TYR CA  CB   sing N N 336 
TYR CA  HA   sing N N 337 
TYR C   O    doub N N 338 
TYR C   OXT  sing N N 339 
TYR CB  CG   sing N N 340 
TYR CB  HB2  sing N N 341 
TYR CB  HB3  sing N N 342 
TYR CG  CD1  doub Y N 343 
TYR CG  CD2  sing Y N 344 
TYR CD1 CE1  sing Y N 345 
TYR CD1 HD1  sing N N 346 
TYR CD2 CE2  doub Y N 347 
TYR CD2 HD2  sing N N 348 
TYR CE1 CZ   doub Y N 349 
TYR CE1 HE1  sing N N 350 
TYR CE2 CZ   sing Y N 351 
TYR CE2 HE2  sing N N 352 
TYR CZ  OH   sing N N 353 
TYR OH  HH   sing N N 354 
TYR OXT HXT  sing N N 355 
VAL N   CA   sing N N 356 
VAL N   H    sing N N 357 
VAL N   H2   sing N N 358 
VAL CA  C    sing N N 359 
VAL CA  CB   sing N N 360 
VAL CA  HA   sing N N 361 
VAL C   O    doub N N 362 
VAL C   OXT  sing N N 363 
VAL CB  CG1  sing N N 364 
VAL CB  CG2  sing N N 365 
VAL CB  HB   sing N N 366 
VAL CG1 HG11 sing N N 367 
VAL CG1 HG12 sing N N 368 
VAL CG1 HG13 sing N N 369 
VAL CG2 HG21 sing N N 370 
VAL CG2 HG22 sing N N 371 
VAL CG2 HG23 sing N N 372 
VAL OXT HXT  sing N N 373 
# 
_pdbx_initial_refinement_model.id               1 
_pdbx_initial_refinement_model.entity_id_list   ? 
_pdbx_initial_refinement_model.type             'experimental model' 
_pdbx_initial_refinement_model.source_name      PDB 
_pdbx_initial_refinement_model.accession_code   2GD5 
_pdbx_initial_refinement_model.details          'PDB ENTRY 2GD5' 
# 
